data_4R2W
#
_entry.id   4R2W
#
_cell.length_a   91.920
_cell.length_b   96.480
_cell.length_c   91.930
_cell.angle_alpha   90.00
_cell.angle_beta   120.01
_cell.angle_gamma   90.00
#
_symmetry.space_group_name_H-M   'P 1 21 1'
#
loop_
_entity.id
_entity.type
_entity.pdbx_description
1 polymer 'Uridine phosphorylase'
2 non-polymer 'SULFATE ION'
3 non-polymer GLYCEROL
4 non-polymer URIDINE
5 water water
#
_entity_poly.entity_id   1
_entity_poly.type   'polypeptide(L)'
_entity_poly.pdbx_seq_one_letter_code
;MADVFHLGLTKAMLDGATLAIVPGDPERVKRIAELMDNATFLASHREYTSYLAYADGKPVVICSTGIGGPSTSIAVEELA
QLGVNTFLRVGTTGAIQPHVNVGDVIVTQASVRLDGASLHFAPMEFPAVANFECTTAMVAACRDAGVEPHIGVTASSDTF
YPGQERYDTVTGRVTRRFAGSMKEWQDMGVLNYEMESATLFTMCATQGWRAACVAGVIVNRTQQEIPDEATMKKTEVSAV
SIVVAAAKKLLA
;
_entity_poly.pdbx_strand_id   A,B,C,D,E,F
#
# COMPACT_ATOMS: atom_id res chain seq x y z
N ALA A 2 -28.32 -28.40 13.06
CA ALA A 2 -26.85 -28.18 13.01
C ALA A 2 -26.50 -26.97 13.85
N ASP A 3 -25.41 -27.05 14.60
CA ASP A 3 -25.07 -25.92 15.44
C ASP A 3 -24.08 -24.94 14.79
N VAL A 4 -23.77 -25.19 13.52
CA VAL A 4 -22.92 -24.26 12.71
C VAL A 4 -23.64 -23.92 11.39
N PHE A 5 -23.23 -22.86 10.72
CA PHE A 5 -24.05 -22.30 9.67
C PHE A 5 -23.91 -22.99 8.31
N HIS A 6 -22.73 -23.55 8.05
CA HIS A 6 -22.52 -24.23 6.74
C HIS A 6 -22.26 -25.73 6.76
N LEU A 7 -21.49 -26.20 7.74
CA LEU A 7 -21.00 -27.58 7.73
C LEU A 7 -22.06 -28.68 7.99
N GLY A 8 -23.14 -28.30 8.69
CA GLY A 8 -24.23 -29.26 9.01
C GLY A 8 -23.92 -30.17 10.18
N LEU A 9 -23.03 -29.73 11.07
CA LEU A 9 -22.48 -30.52 12.15
C LEU A 9 -22.98 -29.97 13.51
N THR A 10 -23.00 -30.85 14.51
CA THR A 10 -23.06 -30.52 15.93
C THR A 10 -21.77 -31.04 16.58
N LYS A 11 -21.45 -30.51 17.76
CA LYS A 11 -20.31 -30.99 18.54
C LYS A 11 -20.38 -32.51 18.85
N ALA A 12 -21.57 -33.00 19.18
CA ALA A 12 -21.78 -34.38 19.61
C ALA A 12 -21.32 -35.34 18.50
N MET A 13 -21.63 -35.00 17.25
CA MET A 13 -21.11 -35.76 16.07
C MET A 13 -19.60 -35.98 16.01
N LEU A 14 -18.82 -35.05 16.55
CA LEU A 14 -17.36 -35.21 16.48
C LEU A 14 -16.74 -36.17 17.48
N ASP A 15 -17.56 -36.70 18.41
CA ASP A 15 -17.08 -37.66 19.45
C ASP A 15 -15.85 -37.21 20.24
N GLY A 16 -15.70 -35.90 20.41
CA GLY A 16 -14.59 -35.30 21.15
C GLY A 16 -13.33 -34.97 20.33
N ALA A 17 -13.43 -35.04 19.00
CA ALA A 17 -12.25 -34.85 18.15
C ALA A 17 -11.74 -33.43 18.33
N THR A 18 -10.43 -33.26 18.33
CA THR A 18 -9.87 -31.93 18.44
C THR A 18 -8.93 -31.64 17.27
N LEU A 19 -8.74 -32.63 16.41
CA LEU A 19 -7.91 -32.49 15.19
C LEU A 19 -8.70 -32.85 13.91
N ALA A 20 -8.51 -32.02 12.85
CA ALA A 20 -9.16 -32.23 11.55
C ALA A 20 -8.08 -32.42 10.48
N ILE A 21 -8.32 -33.35 9.57
CA ILE A 21 -7.53 -33.36 8.33
C ILE A 21 -8.38 -32.70 7.26
N VAL A 22 -7.79 -31.72 6.60
CA VAL A 22 -8.53 -30.85 5.70
C VAL A 22 -8.03 -30.86 4.24
N PRO A 23 -8.53 -31.82 3.43
CA PRO A 23 -8.16 -31.75 2.00
C PRO A 23 -9.01 -30.69 1.27
N GLY A 24 -8.63 -30.32 0.02
CA GLY A 24 -9.42 -29.39 -0.73
C GLY A 24 -10.57 -30.02 -1.45
N ASP A 25 -10.37 -31.29 -1.86
CA ASP A 25 -11.40 -31.95 -2.65
C ASP A 25 -12.43 -32.77 -1.79
N PRO A 26 -13.76 -32.46 -1.93
CA PRO A 26 -14.79 -33.23 -1.18
C PRO A 26 -14.71 -34.71 -1.46
N GLU A 27 -14.26 -35.07 -2.68
CA GLU A 27 -14.18 -36.49 -3.04
C GLU A 27 -13.03 -37.23 -2.46
N ARG A 28 -12.13 -36.49 -1.82
CA ARG A 28 -10.99 -37.12 -1.21
C ARG A 28 -11.27 -37.51 0.20
N VAL A 29 -12.36 -36.97 0.76
CA VAL A 29 -12.62 -37.16 2.19
C VAL A 29 -12.80 -38.62 2.58
N LYS A 30 -13.65 -39.33 1.85
CA LYS A 30 -13.88 -40.75 2.10
C LYS A 30 -12.59 -41.58 2.07
N ARG A 31 -11.80 -41.40 1.00
CA ARG A 31 -10.52 -42.09 0.80
C ARG A 31 -9.55 -41.92 1.98
N ILE A 32 -9.45 -40.69 2.48
CA ILE A 32 -8.62 -40.40 3.64
C ILE A 32 -9.20 -41.09 4.88
N ALA A 33 -10.52 -40.98 5.05
CA ALA A 33 -11.11 -41.55 6.26
C ALA A 33 -10.87 -43.06 6.32
N GLU A 34 -10.98 -43.73 5.17
CA GLU A 34 -10.88 -45.19 5.13
C GLU A 34 -9.43 -45.70 5.30
N LEU A 35 -8.45 -44.78 5.28
CA LEU A 35 -7.09 -45.12 5.71
C LEU A 35 -7.06 -45.29 7.22
N MET A 36 -8.06 -44.71 7.86
CA MET A 36 -8.27 -44.87 9.30
C MET A 36 -9.40 -45.85 9.68
N ASP A 37 -9.65 -45.98 11.00
CA ASP A 37 -10.60 -46.99 11.49
C ASP A 37 -12.04 -46.46 11.68
N ASN A 38 -13.04 -47.33 11.49
CA ASN A 38 -14.46 -46.98 11.67
C ASN A 38 -14.92 -45.69 10.99
N ALA A 39 -14.52 -45.48 9.74
CA ALA A 39 -14.92 -44.29 8.97
C ALA A 39 -16.45 -44.08 8.94
N THR A 40 -16.90 -42.89 9.32
CA THR A 40 -18.32 -42.62 9.57
C THR A 40 -18.71 -41.31 8.88
N PHE A 41 -19.62 -41.34 7.93
CA PHE A 41 -20.18 -40.16 7.31
C PHE A 41 -20.80 -39.23 8.37
N LEU A 42 -20.40 -37.96 8.36
CA LEU A 42 -21.08 -36.91 9.19
C LEU A 42 -22.04 -36.09 8.36
N ALA A 43 -21.54 -35.33 7.37
CA ALA A 43 -22.40 -34.45 6.57
C ALA A 43 -21.81 -34.13 5.18
N SER A 44 -22.70 -33.72 4.25
CA SER A 44 -22.29 -33.17 2.96
C SER A 44 -23.20 -32.01 2.62
N HIS A 45 -22.62 -30.82 2.58
CA HIS A 45 -23.28 -29.57 2.16
C HIS A 45 -22.33 -28.73 1.33
N ARG A 46 -22.84 -28.25 0.20
CA ARG A 46 -21.99 -27.47 -0.72
C ARG A 46 -20.68 -28.25 -0.87
N GLU A 47 -19.54 -27.57 -0.92
CA GLU A 47 -18.21 -28.21 -1.03
C GLU A 47 -17.69 -28.89 0.23
N TYR A 48 -18.50 -28.94 1.29
CA TYR A 48 -18.04 -29.41 2.57
C TYR A 48 -18.54 -30.81 2.89
N THR A 49 -17.71 -31.80 2.57
CA THR A 49 -17.98 -33.18 2.94
C THR A 49 -17.15 -33.52 4.19
N SER A 50 -17.78 -34.05 5.27
CA SER A 50 -17.07 -34.43 6.47
C SER A 50 -17.33 -35.89 6.89
N TYR A 51 -16.25 -36.53 7.29
CA TYR A 51 -16.25 -37.85 7.93
C TYR A 51 -15.64 -37.81 9.34
N LEU A 52 -16.02 -38.75 10.16
CA LEU A 52 -15.25 -39.04 11.36
C LEU A 52 -14.57 -40.40 11.22
N ALA A 53 -13.34 -40.48 11.70
CA ALA A 53 -12.64 -41.75 11.72
C ALA A 53 -11.71 -41.81 12.94
N TYR A 54 -11.08 -42.96 13.19
CA TYR A 54 -10.19 -43.04 14.37
C TYR A 54 -8.77 -43.37 13.97
N ALA A 55 -7.84 -42.68 14.62
CA ALA A 55 -6.40 -42.76 14.36
C ALA A 55 -5.74 -43.31 15.59
N ASP A 56 -5.40 -44.60 15.53
CA ASP A 56 -4.85 -45.27 16.69
C ASP A 56 -5.72 -44.96 17.91
N GLY A 57 -7.04 -45.06 17.72
CA GLY A 57 -7.98 -45.00 18.84
C GLY A 57 -8.48 -43.59 19.12
N LYS A 58 -7.94 -42.59 18.41
CA LYS A 58 -8.29 -41.19 18.68
C LYS A 58 -9.22 -40.59 17.59
N PRO A 59 -10.32 -39.95 18.01
CA PRO A 59 -11.16 -39.41 16.93
C PRO A 59 -10.51 -38.27 16.12
N VAL A 60 -10.81 -38.23 14.83
CA VAL A 60 -10.29 -37.27 13.86
C VAL A 60 -11.41 -36.94 12.91
N VAL A 61 -11.68 -35.66 12.71
CA VAL A 61 -12.60 -35.23 11.67
C VAL A 61 -11.82 -35.06 10.34
N ILE A 62 -12.48 -35.44 9.25
CA ILE A 62 -11.93 -35.22 7.91
C ILE A 62 -12.99 -34.39 7.18
N CYS A 63 -12.61 -33.19 6.79
CA CYS A 63 -13.52 -32.27 6.20
C CYS A 63 -12.86 -31.51 5.06
N SER A 64 -13.48 -31.54 3.87
CA SER A 64 -13.01 -30.71 2.79
C SER A 64 -13.18 -29.21 3.03
N THR A 65 -12.28 -28.49 2.42
CA THR A 65 -12.32 -27.04 2.40
C THR A 65 -12.85 -26.40 1.13
N GLY A 66 -12.88 -27.12 0.03
CA GLY A 66 -13.02 -26.49 -1.30
C GLY A 66 -11.73 -25.77 -1.69
N ILE A 67 -11.62 -25.38 -2.97
CA ILE A 67 -10.49 -24.57 -3.47
C ILE A 67 -10.58 -23.13 -2.98
N GLY A 68 -9.51 -22.68 -2.29
CA GLY A 68 -9.34 -21.28 -2.05
C GLY A 68 -9.56 -20.91 -0.60
N GLY A 69 -8.98 -19.77 -0.26
CA GLY A 69 -9.09 -19.27 1.11
C GLY A 69 -10.46 -19.03 1.67
N PRO A 70 -11.34 -18.48 0.87
CA PRO A 70 -12.69 -18.06 1.39
C PRO A 70 -13.42 -19.32 1.86
N SER A 71 -13.47 -20.37 1.03
CA SER A 71 -14.21 -21.60 1.48
C SER A 71 -13.48 -22.26 2.66
N THR A 72 -12.16 -22.28 2.62
CA THR A 72 -11.29 -22.78 3.71
C THR A 72 -11.60 -22.06 5.02
N SER A 73 -11.73 -20.75 4.95
CA SER A 73 -12.00 -19.92 6.15
C SER A 73 -13.32 -20.27 6.86
N ILE A 74 -14.34 -20.60 6.10
CA ILE A 74 -15.63 -21.06 6.70
C ILE A 74 -15.44 -22.40 7.42
N ALA A 75 -14.79 -23.35 6.76
CA ALA A 75 -14.67 -24.69 7.33
C ALA A 75 -13.82 -24.68 8.63
N VAL A 76 -12.75 -23.88 8.64
CA VAL A 76 -11.79 -23.91 9.73
C VAL A 76 -12.58 -23.28 10.94
N GLU A 77 -13.21 -22.14 10.70
CA GLU A 77 -13.88 -21.42 11.79
C GLU A 77 -15.00 -22.30 12.42
N GLU A 78 -15.82 -22.91 11.58
CA GLU A 78 -16.97 -23.77 12.02
C GLU A 78 -16.51 -25.05 12.70
N LEU A 79 -15.45 -25.66 12.20
CA LEU A 79 -14.86 -26.76 12.98
C LEU A 79 -14.38 -26.29 14.34
N ALA A 80 -13.87 -25.04 14.43
CA ALA A 80 -13.14 -24.67 15.65
C ALA A 80 -14.31 -24.41 16.62
N GLN A 81 -15.44 -24.01 16.08
CA GLN A 81 -16.62 -23.77 16.95
C GLN A 81 -17.07 -25.10 17.63
N LEU A 82 -16.71 -26.21 17.02
CA LEU A 82 -17.11 -27.53 17.55
C LEU A 82 -15.98 -28.26 18.31
N GLY A 83 -14.89 -27.53 18.58
CA GLY A 83 -13.78 -27.97 19.43
C GLY A 83 -12.50 -28.42 18.77
N VAL A 84 -12.49 -28.34 17.44
CA VAL A 84 -11.24 -28.59 16.73
C VAL A 84 -10.20 -27.44 16.91
N ASN A 85 -8.97 -27.84 17.24
CA ASN A 85 -7.92 -26.88 17.48
C ASN A 85 -6.64 -27.13 16.65
N THR A 86 -6.65 -28.20 15.85
CA THR A 86 -5.48 -28.55 15.01
C THR A 86 -5.99 -28.88 13.62
N PHE A 87 -5.35 -28.32 12.57
CA PHE A 87 -5.81 -28.46 11.18
C PHE A 87 -4.63 -28.88 10.28
N LEU A 88 -4.65 -30.12 9.78
CA LEU A 88 -3.59 -30.68 8.93
C LEU A 88 -4.10 -30.75 7.48
N ARG A 89 -3.58 -29.86 6.65
CA ARG A 89 -4.04 -29.74 5.26
C ARG A 89 -3.25 -30.78 4.46
N VAL A 90 -3.97 -31.49 3.57
CA VAL A 90 -3.30 -32.43 2.64
C VAL A 90 -3.78 -32.05 1.28
N GLY A 91 -2.87 -31.79 0.34
CA GLY A 91 -3.29 -31.22 -0.95
C GLY A 91 -2.43 -31.68 -2.11
N THR A 92 -2.62 -31.01 -3.23
CA THR A 92 -1.81 -31.16 -4.47
C THR A 92 -1.14 -29.83 -4.81
N THR A 93 -0.12 -29.85 -5.67
CA THR A 93 0.70 -28.70 -5.81
C THR A 93 1.46 -28.80 -7.14
N GLY A 94 1.76 -27.64 -7.69
CA GLY A 94 2.73 -27.54 -8.81
C GLY A 94 4.10 -27.07 -8.31
N ALA A 95 5.17 -27.85 -8.55
CA ALA A 95 6.56 -27.46 -8.22
C ALA A 95 7.11 -26.39 -9.20
N ILE A 96 7.85 -25.44 -8.67
CA ILE A 96 8.52 -24.43 -9.53
C ILE A 96 10.06 -24.52 -9.56
N GLN A 97 10.62 -25.44 -8.79
CA GLN A 97 12.07 -25.73 -8.74
C GLN A 97 12.36 -26.99 -9.55
N PRO A 98 13.41 -26.95 -10.37
CA PRO A 98 13.61 -28.10 -11.25
C PRO A 98 13.94 -29.42 -10.58
N HIS A 99 14.49 -29.37 -9.37
CA HIS A 99 14.96 -30.59 -8.67
C HIS A 99 13.81 -31.33 -7.98
N VAL A 100 12.60 -30.75 -8.03
CA VAL A 100 11.40 -31.39 -7.44
C VAL A 100 10.64 -32.19 -8.48
N ASN A 101 10.55 -33.51 -8.29
CA ASN A 101 9.84 -34.38 -9.25
C ASN A 101 8.34 -34.57 -9.00
N VAL A 102 7.59 -34.77 -10.08
CA VAL A 102 6.20 -35.22 -9.97
C VAL A 102 6.15 -36.48 -9.10
N GLY A 103 5.30 -36.46 -8.06
CA GLY A 103 5.23 -37.56 -7.12
C GLY A 103 5.90 -37.35 -5.76
N ASP A 104 6.73 -36.29 -5.65
CA ASP A 104 7.47 -35.96 -4.42
C ASP A 104 6.39 -35.31 -3.54
N VAL A 105 6.75 -35.11 -2.27
CA VAL A 105 5.88 -34.46 -1.25
C VAL A 105 6.57 -33.13 -0.86
N ILE A 106 5.80 -32.08 -0.62
CA ILE A 106 6.33 -30.83 -0.09
C ILE A 106 5.63 -30.57 1.25
N VAL A 107 6.43 -30.29 2.28
CA VAL A 107 5.88 -29.85 3.59
C VAL A 107 6.13 -28.36 3.68
N THR A 108 5.05 -27.61 3.80
CA THR A 108 5.09 -26.12 3.75
C THR A 108 5.32 -25.54 5.13
N GLN A 109 6.50 -24.98 5.34
CA GLN A 109 6.81 -24.29 6.63
C GLN A 109 6.07 -22.95 6.78
N ALA A 110 6.03 -22.18 5.70
CA ALA A 110 5.32 -20.87 5.68
C ALA A 110 5.03 -20.48 4.25
N SER A 111 4.14 -19.51 4.04
CA SER A 111 3.62 -19.23 2.62
C SER A 111 3.72 -17.77 2.23
N VAL A 112 4.04 -17.51 0.95
CA VAL A 112 3.86 -16.19 0.35
C VAL A 112 2.34 -15.97 0.26
N ARG A 113 1.91 -14.77 0.73
CA ARG A 113 0.49 -14.48 0.86
C ARG A 113 -0.02 -13.82 -0.45
N LEU A 114 -0.30 -14.66 -1.45
CA LEU A 114 -0.94 -14.22 -2.67
C LEU A 114 -2.47 -14.42 -2.63
N ASP A 115 -3.02 -14.29 -1.41
CA ASP A 115 -4.42 -14.52 -1.17
C ASP A 115 -5.03 -13.24 -0.56
N GLY A 116 -6.36 -13.18 -0.52
CA GLY A 116 -6.99 -12.06 0.15
C GLY A 116 -7.56 -12.44 1.50
N ALA A 117 -7.93 -13.68 1.73
CA ALA A 117 -8.58 -14.00 3.03
C ALA A 117 -7.60 -13.85 4.21
N SER A 118 -6.32 -14.08 3.99
CA SER A 118 -5.36 -13.95 5.09
C SER A 118 -5.40 -12.53 5.71
N LEU A 119 -5.69 -11.52 4.88
CA LEU A 119 -5.79 -10.11 5.30
C LEU A 119 -7.04 -9.86 6.14
N HIS A 120 -7.93 -10.83 6.16
CA HIS A 120 -9.17 -10.71 7.00
C HIS A 120 -8.85 -11.15 8.43
N PHE A 121 -7.60 -11.60 8.64
CA PHE A 121 -7.14 -12.02 9.97
C PHE A 121 -5.98 -11.23 10.55
N ALA A 122 -5.11 -10.73 9.65
CA ALA A 122 -3.91 -9.95 10.06
C ALA A 122 -3.42 -9.15 8.88
N PRO A 123 -2.82 -7.97 9.12
CA PRO A 123 -2.23 -7.22 8.03
C PRO A 123 -1.06 -8.01 7.41
N MET A 124 -0.66 -7.54 6.22
CA MET A 124 0.28 -8.33 5.41
C MET A 124 1.67 -8.61 6.05
N GLU A 125 2.17 -7.75 6.95
CA GLU A 125 3.43 -8.04 7.68
C GLU A 125 3.46 -9.30 8.55
N PHE A 126 2.29 -9.85 8.91
CA PHE A 126 2.24 -11.03 9.73
C PHE A 126 2.61 -12.24 8.90
N PRO A 127 3.47 -13.11 9.41
CA PRO A 127 3.96 -14.23 8.58
C PRO A 127 2.90 -15.37 8.51
N ALA A 128 2.71 -15.88 7.30
CA ALA A 128 1.83 -17.04 7.07
C ALA A 128 2.57 -18.35 7.36
N VAL A 129 2.72 -18.65 8.66
CA VAL A 129 3.67 -19.68 9.12
C VAL A 129 2.92 -20.81 9.79
N ALA A 130 3.39 -22.03 9.56
CA ALA A 130 2.79 -23.24 10.12
C ALA A 130 3.17 -23.40 11.60
N ASN A 131 2.38 -24.18 12.35
CA ASN A 131 2.80 -24.62 13.68
C ASN A 131 4.06 -25.51 13.72
N PHE A 132 5.02 -25.12 14.57
CA PHE A 132 6.31 -25.85 14.63
C PHE A 132 6.10 -27.33 14.94
N GLU A 133 5.32 -27.65 15.99
CA GLU A 133 5.03 -29.03 16.35
C GLU A 133 4.41 -29.89 15.25
N CYS A 134 3.48 -29.28 14.51
CA CYS A 134 2.72 -30.08 13.51
C CYS A 134 3.65 -30.26 12.33
N THR A 135 4.42 -29.22 12.03
CA THR A 135 5.40 -29.35 10.87
C THR A 135 6.43 -30.42 11.18
N THR A 136 6.89 -30.44 12.42
CA THR A 136 7.87 -31.43 12.81
C THR A 136 7.25 -32.84 12.72
N ALA A 137 5.94 -32.99 12.99
CA ALA A 137 5.32 -34.30 12.95
C ALA A 137 5.20 -34.81 11.52
N MET A 138 4.96 -33.88 10.62
CA MET A 138 4.90 -34.18 9.18
C MET A 138 6.24 -34.57 8.61
N VAL A 139 7.30 -33.89 9.02
CA VAL A 139 8.68 -34.22 8.60
C VAL A 139 9.03 -35.66 9.06
N ALA A 140 8.67 -35.97 10.30
CA ALA A 140 8.94 -37.27 10.94
C ALA A 140 8.18 -38.39 10.23
N ALA A 141 6.98 -38.08 9.73
CA ALA A 141 6.13 -39.07 9.11
C ALA A 141 6.75 -39.36 7.73
N CYS A 142 7.32 -38.33 7.09
CA CYS A 142 7.98 -38.55 5.77
C CYS A 142 9.19 -39.45 6.00
N ARG A 143 9.94 -39.11 7.03
CA ARG A 143 11.16 -39.81 7.39
C ARG A 143 10.88 -41.28 7.76
N ASP A 144 9.78 -41.54 8.48
CA ASP A 144 9.39 -42.90 8.83
C ASP A 144 9.03 -43.70 7.56
N ALA A 145 8.54 -43.00 6.54
CA ALA A 145 8.11 -43.64 5.29
C ALA A 145 9.21 -43.72 4.22
N GLY A 146 10.41 -43.25 4.53
CA GLY A 146 11.53 -43.24 3.55
C GLY A 146 11.43 -42.18 2.47
N VAL A 147 10.68 -41.10 2.71
CA VAL A 147 10.55 -40.03 1.72
C VAL A 147 11.19 -38.78 2.29
N GLU A 148 12.05 -38.10 1.51
CA GLU A 148 12.66 -36.85 1.99
C GLU A 148 11.71 -35.71 1.65
N PRO A 149 11.17 -35.02 2.68
CA PRO A 149 10.26 -33.89 2.48
C PRO A 149 11.08 -32.73 1.90
N HIS A 150 10.55 -32.08 0.90
CA HIS A 150 11.03 -30.75 0.54
C HIS A 150 10.40 -29.76 1.51
N ILE A 151 11.12 -29.41 2.56
CA ILE A 151 10.60 -28.42 3.47
C ILE A 151 10.99 -26.99 3.00
N GLY A 152 10.00 -26.14 2.82
CA GLY A 152 10.28 -24.73 2.53
C GLY A 152 9.08 -23.83 2.43
N VAL A 153 9.30 -22.76 1.65
CA VAL A 153 8.33 -21.74 1.35
C VAL A 153 7.49 -22.03 0.10
N THR A 154 6.19 -21.83 0.26
CA THR A 154 5.18 -22.08 -0.81
C THR A 154 4.49 -20.80 -1.24
N ALA A 155 4.28 -20.60 -2.54
CA ALA A 155 3.47 -19.46 -2.92
C ALA A 155 1.98 -19.86 -2.94
N SER A 156 1.15 -19.19 -2.13
CA SER A 156 -0.25 -19.60 -1.98
C SER A 156 -1.17 -18.52 -2.58
N SER A 157 -1.79 -18.85 -3.73
CA SER A 157 -2.42 -17.95 -4.67
C SER A 157 -3.94 -18.14 -4.71
N ASP A 158 -4.65 -16.99 -4.78
CA ASP A 158 -6.10 -16.92 -4.94
C ASP A 158 -6.62 -17.32 -6.34
N THR A 159 -5.70 -17.56 -7.29
CA THR A 159 -6.14 -18.05 -8.62
C THR A 159 -5.19 -19.23 -9.07
N PHE A 160 -5.68 -20.08 -9.97
CA PHE A 160 -4.94 -21.23 -10.53
C PHE A 160 -4.20 -20.69 -11.80
N TYR A 161 -4.80 -19.70 -12.46
CA TYR A 161 -4.28 -19.22 -13.76
C TYR A 161 -3.29 -18.02 -13.65
N PRO A 162 -3.76 -16.74 -13.63
CA PRO A 162 -2.79 -15.64 -13.77
C PRO A 162 -1.88 -15.48 -12.55
N GLY A 163 -2.41 -15.76 -11.37
CA GLY A 163 -1.61 -15.63 -10.14
C GLY A 163 -0.52 -16.64 -9.95
N GLN A 164 -0.58 -17.71 -10.74
CA GLN A 164 0.47 -18.75 -10.78
C GLN A 164 1.15 -18.60 -12.16
N GLU A 165 0.90 -17.47 -12.79
CA GLU A 165 1.57 -17.07 -14.02
C GLU A 165 1.48 -18.14 -15.10
N ARG A 166 0.27 -18.70 -15.23
CA ARG A 166 -0.12 -19.58 -16.35
C ARG A 166 -0.57 -18.72 -17.53
N TYR A 167 0.01 -19.00 -18.71
CA TYR A 167 -0.29 -18.24 -19.89
C TYR A 167 -1.22 -18.96 -20.85
N ASP A 168 -1.41 -20.28 -20.67
CA ASP A 168 -2.23 -21.02 -21.65
C ASP A 168 -3.75 -20.88 -21.37
N THR A 169 -4.24 -19.66 -21.55
CA THR A 169 -5.55 -19.28 -21.12
C THR A 169 -6.29 -18.66 -22.28
N VAL A 170 -7.54 -18.28 -22.08
CA VAL A 170 -8.25 -17.66 -23.19
C VAL A 170 -7.48 -16.46 -23.80
N THR A 171 -7.03 -15.57 -22.94
CA THR A 171 -6.63 -14.26 -23.37
C THR A 171 -5.08 -14.29 -23.47
N GLY A 172 -4.48 -15.24 -22.74
CA GLY A 172 -3.03 -15.43 -22.66
C GLY A 172 -2.25 -14.26 -22.05
N ARG A 173 -2.97 -13.41 -21.31
CA ARG A 173 -2.41 -12.24 -20.64
C ARG A 173 -2.23 -12.47 -19.10
N VAL A 174 -1.24 -11.86 -18.49
CA VAL A 174 -1.19 -11.89 -17.01
C VAL A 174 -1.00 -10.43 -16.58
N THR A 175 -1.84 -9.96 -15.64
CA THR A 175 -1.73 -8.61 -15.15
C THR A 175 -0.27 -8.25 -14.67
N ARG A 176 0.05 -6.96 -14.72
CA ARG A 176 1.41 -6.43 -14.44
C ARG A 176 1.96 -7.00 -13.13
N ARG A 177 1.15 -6.96 -12.10
CA ARG A 177 1.63 -7.43 -10.83
C ARG A 177 2.18 -8.87 -10.89
N PHE A 178 1.61 -9.72 -11.73
CA PHE A 178 1.95 -11.12 -11.74
C PHE A 178 2.85 -11.51 -12.92
N ALA A 179 3.07 -10.57 -13.84
CA ALA A 179 4.00 -10.85 -14.98
C ALA A 179 5.42 -10.92 -14.39
N GLY A 180 6.12 -12.02 -14.65
CA GLY A 180 7.48 -12.29 -14.13
C GLY A 180 7.51 -12.79 -12.69
N SER A 181 6.33 -12.91 -12.06
CA SER A 181 6.32 -13.36 -10.66
C SER A 181 6.84 -14.79 -10.42
N MET A 182 6.54 -15.77 -11.30
CA MET A 182 7.07 -17.08 -11.10
C MET A 182 8.59 -17.06 -10.94
N LYS A 183 9.28 -16.32 -11.80
CA LYS A 183 10.76 -16.25 -11.74
C LYS A 183 11.27 -15.60 -10.46
N GLU A 184 10.55 -14.57 -10.03
CA GLU A 184 10.76 -13.93 -8.75
C GLU A 184 10.75 -14.94 -7.61
N TRP A 185 9.66 -15.69 -7.44
CA TRP A 185 9.62 -16.79 -6.44
C TRP A 185 10.71 -17.87 -6.55
N GLN A 186 10.95 -18.32 -7.78
CA GLN A 186 12.02 -19.26 -8.07
C GLN A 186 13.37 -18.78 -7.60
N ASP A 187 13.65 -17.50 -7.87
CA ASP A 187 14.90 -16.87 -7.46
C ASP A 187 15.02 -16.75 -5.94
N MET A 188 13.87 -16.59 -5.26
CA MET A 188 13.79 -16.59 -3.78
C MET A 188 13.72 -17.97 -3.11
N GLY A 189 13.99 -19.04 -3.85
CA GLY A 189 13.91 -20.39 -3.30
C GLY A 189 12.57 -21.00 -2.96
N VAL A 190 11.47 -20.33 -3.38
CA VAL A 190 10.13 -20.85 -3.13
C VAL A 190 9.91 -22.18 -3.93
N LEU A 191 9.35 -23.19 -3.29
CA LEU A 191 9.29 -24.55 -3.87
C LEU A 191 8.18 -24.79 -4.86
N ASN A 192 7.03 -24.11 -4.65
CA ASN A 192 5.77 -24.63 -5.21
C ASN A 192 4.66 -23.64 -5.06
N TYR A 193 3.59 -23.84 -5.85
CA TYR A 193 2.29 -23.13 -5.77
C TYR A 193 1.19 -24.05 -5.24
N GLU A 194 0.36 -23.52 -4.32
CA GLU A 194 -0.99 -24.11 -4.14
C GLU A 194 -1.95 -23.00 -3.74
N MET A 195 -3.18 -23.30 -3.23
CA MET A 195 -4.23 -22.25 -3.16
C MET A 195 -4.96 -22.14 -1.78
N GLU A 196 -4.43 -22.73 -0.73
CA GLU A 196 -5.11 -22.65 0.62
C GLU A 196 -4.18 -22.33 1.82
N SER A 197 -2.88 -22.55 1.70
CA SER A 197 -2.05 -22.57 2.90
C SER A 197 -1.89 -21.15 3.53
N ALA A 198 -1.85 -20.09 2.72
CA ALA A 198 -1.61 -18.75 3.28
C ALA A 198 -2.86 -18.38 4.14
N THR A 199 -4.05 -18.67 3.64
CA THR A 199 -5.26 -18.40 4.48
C THR A 199 -5.29 -19.26 5.74
N LEU A 200 -5.13 -20.59 5.56
CA LEU A 200 -5.12 -21.52 6.69
C LEU A 200 -4.10 -21.11 7.74
N PHE A 201 -2.87 -20.89 7.32
CA PHE A 201 -1.80 -20.60 8.31
C PHE A 201 -2.02 -19.30 9.06
N THR A 202 -2.49 -18.26 8.37
CA THR A 202 -2.63 -16.96 8.98
C THR A 202 -3.83 -17.03 9.89
N MET A 203 -4.95 -17.51 9.37
CA MET A 203 -6.09 -17.60 10.32
C MET A 203 -5.78 -18.49 11.54
N CYS A 204 -5.09 -19.64 11.42
CA CYS A 204 -4.82 -20.47 12.66
C CYS A 204 -3.87 -19.80 13.65
N ALA A 205 -2.79 -19.21 13.13
CA ALA A 205 -1.70 -18.63 13.95
C ALA A 205 -2.31 -17.47 14.75
N THR A 206 -3.18 -16.68 14.12
CA THR A 206 -3.75 -15.53 14.82
C THR A 206 -4.85 -15.91 15.81
N GLN A 207 -5.43 -17.08 15.60
CA GLN A 207 -6.60 -17.47 16.37
C GLN A 207 -6.32 -18.47 17.46
N GLY A 208 -5.08 -18.95 17.54
CA GLY A 208 -4.69 -19.85 18.60
C GLY A 208 -4.79 -21.32 18.27
N TRP A 209 -4.76 -21.65 16.98
CA TRP A 209 -4.98 -23.06 16.57
C TRP A 209 -3.74 -23.46 15.82
N ARG A 210 -3.48 -24.75 15.76
CA ARG A 210 -2.25 -25.28 15.12
C ARG A 210 -2.58 -25.70 13.67
N ALA A 211 -1.66 -25.48 12.72
CA ALA A 211 -1.99 -25.86 11.32
C ALA A 211 -0.70 -26.31 10.70
N ALA A 212 -0.79 -27.22 9.70
CA ALA A 212 0.39 -27.66 8.91
C ALA A 212 -0.06 -28.04 7.52
N CYS A 213 0.85 -28.34 6.57
CA CYS A 213 0.30 -28.57 5.21
C CYS A 213 1.29 -29.42 4.48
N VAL A 214 0.83 -30.59 3.97
CA VAL A 214 1.70 -31.48 3.10
C VAL A 214 0.95 -31.64 1.77
N ALA A 215 1.68 -31.65 0.65
CA ALA A 215 1.04 -31.75 -0.67
C ALA A 215 1.89 -32.60 -1.62
N GLY A 216 1.24 -33.35 -2.52
CA GLY A 216 1.98 -34.16 -3.49
C GLY A 216 2.11 -33.39 -4.78
N VAL A 217 3.27 -33.51 -5.42
CA VAL A 217 3.58 -32.69 -6.58
C VAL A 217 2.98 -33.39 -7.78
N ILE A 218 2.11 -32.70 -8.49
CA ILE A 218 1.47 -33.29 -9.66
C ILE A 218 1.97 -32.75 -10.98
N VAL A 219 2.74 -31.67 -10.91
CA VAL A 219 3.25 -31.02 -12.12
C VAL A 219 4.46 -30.19 -11.72
N ASN A 220 5.42 -30.11 -12.64
CA ASN A 220 6.55 -29.23 -12.48
C ASN A 220 6.48 -28.12 -13.50
N ARG A 221 6.28 -26.89 -13.04
CA ARG A 221 6.08 -25.70 -13.92
C ARG A 221 7.28 -25.29 -14.78
N THR A 222 8.45 -25.81 -14.41
CA THR A 222 9.60 -25.66 -15.29
C THR A 222 9.48 -26.46 -16.58
N GLN A 223 8.52 -27.39 -16.62
CA GLN A 223 8.24 -28.16 -17.83
C GLN A 223 6.91 -27.87 -18.49
N GLN A 224 5.82 -27.72 -17.71
CA GLN A 224 4.52 -27.55 -18.31
C GLN A 224 3.53 -26.94 -17.29
N GLU A 225 2.41 -26.43 -17.80
CA GLU A 225 1.42 -25.77 -16.99
C GLU A 225 0.33 -26.71 -16.46
N ILE A 226 -0.14 -27.67 -17.28
CA ILE A 226 -1.23 -28.57 -16.85
C ILE A 226 -0.71 -30.00 -16.56
N PRO A 227 -1.06 -30.56 -15.37
CA PRO A 227 -0.70 -31.89 -14.90
C PRO A 227 -1.38 -32.98 -15.74
N GLU A 236 -1.94 -38.04 -1.58
CA GLU A 236 -2.66 -39.05 -2.33
C GLU A 236 -1.79 -39.74 -3.36
N VAL A 237 -1.55 -41.03 -3.15
CA VAL A 237 -1.80 -41.68 -1.86
C VAL A 237 -0.56 -41.52 -0.95
N SER A 238 0.52 -40.98 -1.51
CA SER A 238 1.72 -40.62 -0.75
C SER A 238 1.45 -39.56 0.31
N ALA A 239 0.89 -38.42 -0.12
CA ALA A 239 0.62 -37.27 0.73
C ALA A 239 -0.37 -37.65 1.83
N VAL A 240 -1.41 -38.37 1.42
CA VAL A 240 -2.48 -38.72 2.35
C VAL A 240 -1.91 -39.71 3.40
N SER A 241 -1.02 -40.59 2.98
CA SER A 241 -0.46 -41.54 3.95
C SER A 241 0.33 -40.79 5.05
N ILE A 242 1.02 -39.75 4.59
CA ILE A 242 1.85 -38.91 5.46
C ILE A 242 0.96 -38.14 6.47
N VAL A 243 -0.16 -37.62 5.98
CA VAL A 243 -0.96 -36.74 6.87
C VAL A 243 -1.60 -37.60 7.92
N VAL A 244 -1.92 -38.86 7.58
CA VAL A 244 -2.55 -39.76 8.55
C VAL A 244 -1.49 -40.16 9.57
N ALA A 245 -0.32 -40.60 9.09
CA ALA A 245 0.79 -40.88 10.01
C ALA A 245 1.12 -39.70 10.92
N ALA A 246 1.01 -38.48 10.40
CA ALA A 246 1.30 -37.29 11.19
C ALA A 246 0.23 -37.07 12.27
N ALA A 247 -1.03 -37.27 11.90
CA ALA A 247 -2.12 -37.13 12.88
C ALA A 247 -1.91 -38.06 14.06
N LYS A 248 -1.54 -39.32 13.76
CA LYS A 248 -1.25 -40.33 14.78
C LYS A 248 -0.16 -39.82 15.74
N LYS A 249 0.97 -39.35 15.21
CA LYS A 249 2.03 -38.71 16.04
C LYS A 249 1.51 -37.61 16.99
N LEU A 250 0.63 -36.74 16.51
CA LEU A 250 0.22 -35.60 17.34
C LEU A 250 -0.78 -35.98 18.45
N LEU A 251 -1.57 -37.04 18.23
CA LEU A 251 -2.60 -37.44 19.19
C LEU A 251 -2.15 -38.55 20.10
N ALA A 252 -0.93 -39.03 19.90
CA ALA A 252 -0.29 -39.97 20.84
C ALA A 252 0.23 -39.19 22.05
N ALA B 2 -12.12 -35.04 -20.69
CA ALA B 2 -12.10 -33.61 -20.30
C ALA B 2 -11.18 -32.85 -21.23
N ASP B 3 -11.59 -31.65 -21.62
CA ASP B 3 -10.66 -30.80 -22.30
C ASP B 3 -10.17 -29.67 -21.39
N VAL B 4 -10.76 -29.56 -20.19
CA VAL B 4 -10.34 -28.57 -19.20
C VAL B 4 -10.08 -29.32 -17.90
N PHE B 5 -9.06 -28.90 -17.18
CA PHE B 5 -8.51 -29.68 -16.10
C PHE B 5 -9.44 -29.87 -14.88
N HIS B 6 -10.17 -28.84 -14.50
CA HIS B 6 -11.07 -28.98 -13.30
C HIS B 6 -12.52 -29.43 -13.54
N LEU B 7 -13.14 -28.85 -14.53
CA LEU B 7 -14.60 -29.00 -14.69
C LEU B 7 -14.96 -30.40 -15.22
N GLY B 8 -14.07 -31.02 -16.00
CA GLY B 8 -14.38 -32.35 -16.50
C GLY B 8 -15.22 -32.27 -17.75
N LEU B 9 -15.14 -31.15 -18.47
CA LEU B 9 -16.01 -30.90 -19.61
C LEU B 9 -15.22 -30.89 -20.93
N THR B 10 -15.93 -31.14 -22.02
CA THR B 10 -15.33 -30.96 -23.35
C THR B 10 -16.18 -29.94 -24.05
N LYS B 11 -15.60 -29.26 -25.03
CA LYS B 11 -16.32 -28.27 -25.77
C LYS B 11 -17.55 -28.92 -26.44
N ALA B 12 -17.41 -30.13 -26.97
CA ALA B 12 -18.60 -30.80 -27.56
C ALA B 12 -19.81 -31.00 -26.62
N MET B 13 -19.55 -31.16 -25.32
CA MET B 13 -20.61 -31.40 -24.31
C MET B 13 -21.56 -30.23 -24.17
N LEU B 14 -21.08 -29.04 -24.51
CA LEU B 14 -21.86 -27.82 -24.35
C LEU B 14 -22.80 -27.49 -25.54
N ASP B 15 -22.63 -28.22 -26.64
CA ASP B 15 -23.56 -28.12 -27.78
C ASP B 15 -23.65 -26.67 -28.35
N GLY B 16 -22.55 -25.94 -28.15
CA GLY B 16 -22.39 -24.58 -28.66
C GLY B 16 -22.85 -23.49 -27.70
N ALA B 17 -23.20 -23.88 -26.48
CA ALA B 17 -23.58 -22.88 -25.44
C ALA B 17 -22.52 -21.76 -25.34
N THR B 18 -22.99 -20.52 -25.23
CA THR B 18 -22.12 -19.34 -25.09
C THR B 18 -22.46 -18.59 -23.79
N LEU B 19 -23.57 -18.99 -23.18
CA LEU B 19 -24.00 -18.41 -21.90
C LEU B 19 -24.08 -19.41 -20.73
N ALA B 20 -23.58 -18.98 -19.55
CA ALA B 20 -23.57 -19.84 -18.35
C ALA B 20 -24.36 -19.18 -17.23
N ILE B 21 -25.12 -19.99 -16.50
CA ILE B 21 -25.68 -19.54 -15.22
C ILE B 21 -24.81 -20.16 -14.15
N VAL B 22 -24.28 -19.32 -13.26
CA VAL B 22 -23.29 -19.77 -12.27
C VAL B 22 -23.68 -19.51 -10.80
N PRO B 23 -24.47 -20.44 -10.21
CA PRO B 23 -24.76 -20.39 -8.77
C PRO B 23 -23.50 -20.74 -7.99
N GLY B 24 -23.52 -20.44 -6.69
CA GLY B 24 -22.42 -20.84 -5.83
C GLY B 24 -22.47 -22.30 -5.39
N ASP B 25 -23.67 -22.80 -5.18
CA ASP B 25 -23.84 -24.10 -4.57
C ASP B 25 -23.99 -25.21 -5.63
N PRO B 26 -23.16 -26.28 -5.59
CA PRO B 26 -23.29 -27.42 -6.53
C PRO B 26 -24.66 -28.10 -6.46
N GLU B 27 -25.30 -28.02 -5.28
CA GLU B 27 -26.59 -28.67 -5.03
C GLU B 27 -27.81 -27.95 -5.61
N ARG B 28 -27.60 -26.70 -6.05
CA ARG B 28 -28.65 -25.91 -6.70
C ARG B 28 -28.64 -25.99 -8.22
N VAL B 29 -27.62 -26.65 -8.81
CA VAL B 29 -27.48 -26.60 -10.27
C VAL B 29 -28.57 -27.37 -11.01
N LYS B 30 -28.90 -28.60 -10.55
CA LYS B 30 -30.00 -29.40 -11.15
C LYS B 30 -31.32 -28.61 -11.15
N ARG B 31 -31.66 -28.01 -10.02
CA ARG B 31 -32.98 -27.38 -9.93
C ARG B 31 -33.14 -26.16 -10.84
N ILE B 32 -32.05 -25.41 -11.01
CA ILE B 32 -31.98 -24.35 -12.00
C ILE B 32 -32.10 -24.93 -13.42
N ALA B 33 -31.34 -26.00 -13.70
CA ALA B 33 -31.36 -26.61 -15.04
C ALA B 33 -32.78 -27.03 -15.48
N GLU B 34 -33.52 -27.58 -14.52
CA GLU B 34 -34.87 -28.14 -14.77
C GLU B 34 -35.96 -27.08 -15.02
N LEU B 35 -35.61 -25.80 -14.88
CA LEU B 35 -36.54 -24.71 -15.18
C LEU B 35 -36.54 -24.46 -16.68
N MET B 36 -35.58 -25.07 -17.36
CA MET B 36 -35.43 -24.95 -18.81
C MET B 36 -35.72 -26.31 -19.48
N ASP B 37 -35.46 -26.42 -20.78
CA ASP B 37 -35.80 -27.67 -21.52
C ASP B 37 -34.68 -28.71 -21.62
N ASN B 38 -35.06 -29.99 -21.60
CA ASN B 38 -34.09 -31.03 -21.80
C ASN B 38 -32.86 -31.01 -20.89
N ALA B 39 -33.05 -30.77 -19.58
CA ALA B 39 -31.94 -30.68 -18.65
C ALA B 39 -31.17 -32.00 -18.59
N THR B 40 -29.85 -31.90 -18.69
CA THR B 40 -29.02 -33.09 -18.67
C THR B 40 -27.73 -32.84 -17.87
N PHE B 41 -27.39 -33.85 -17.10
CA PHE B 41 -26.23 -33.85 -16.25
C PHE B 41 -25.00 -33.94 -17.13
N LEU B 42 -24.05 -33.06 -16.90
CA LEU B 42 -22.80 -33.14 -17.67
C LEU B 42 -21.71 -33.79 -16.82
N ALA B 43 -21.35 -33.17 -15.68
CA ALA B 43 -20.24 -33.67 -14.86
C ALA B 43 -20.31 -33.19 -13.42
N SER B 44 -19.56 -33.87 -12.55
CA SER B 44 -19.37 -33.41 -11.17
C SER B 44 -18.00 -33.76 -10.67
N HIS B 45 -17.23 -32.71 -10.34
CA HIS B 45 -15.92 -32.87 -9.78
C HIS B 45 -15.69 -31.72 -8.78
N ARG B 46 -15.09 -32.05 -7.63
CA ARG B 46 -14.84 -31.01 -6.62
C ARG B 46 -16.17 -30.22 -6.46
N GLU B 47 -16.07 -28.89 -6.29
CA GLU B 47 -17.29 -28.06 -6.16
C GLU B 47 -18.07 -27.74 -7.47
N TYR B 48 -17.60 -28.30 -8.59
CA TYR B 48 -18.09 -28.02 -9.94
C TYR B 48 -19.06 -29.03 -10.48
N THR B 49 -20.35 -28.79 -10.30
CA THR B 49 -21.41 -29.58 -10.87
C THR B 49 -21.99 -28.83 -12.07
N SER B 50 -22.02 -29.50 -13.24
CA SER B 50 -22.53 -28.87 -14.43
C SER B 50 -23.64 -29.62 -15.11
N TYR B 51 -24.56 -28.86 -15.69
CA TYR B 51 -25.70 -29.36 -16.44
C TYR B 51 -25.81 -28.58 -17.74
N LEU B 52 -26.40 -29.19 -18.74
CA LEU B 52 -26.84 -28.44 -19.89
C LEU B 52 -28.39 -28.43 -19.89
N ALA B 53 -28.94 -27.33 -20.38
CA ALA B 53 -30.37 -27.19 -20.65
C ALA B 53 -30.66 -26.23 -21.81
N TYR B 54 -31.90 -26.19 -22.28
CA TYR B 54 -32.24 -25.33 -23.42
C TYR B 54 -33.29 -24.28 -23.10
N ALA B 55 -32.95 -23.03 -23.40
CA ALA B 55 -33.81 -21.85 -23.21
C ALA B 55 -34.32 -21.39 -24.57
N ASP B 56 -35.63 -21.57 -24.79
CA ASP B 56 -36.31 -21.16 -26.01
C ASP B 56 -35.48 -21.59 -27.24
N GLY B 57 -34.91 -22.78 -27.16
CA GLY B 57 -34.16 -23.37 -28.28
C GLY B 57 -32.65 -23.48 -28.15
N LYS B 58 -32.04 -22.62 -27.34
CA LYS B 58 -30.58 -22.48 -27.36
C LYS B 58 -29.90 -23.09 -26.13
N PRO B 59 -28.73 -23.72 -26.31
CA PRO B 59 -28.11 -24.32 -25.12
C PRO B 59 -27.64 -23.31 -24.06
N VAL B 60 -27.88 -23.66 -22.79
CA VAL B 60 -27.37 -22.90 -21.62
C VAL B 60 -26.64 -23.89 -20.72
N VAL B 61 -25.44 -23.54 -20.29
CA VAL B 61 -24.70 -24.40 -19.37
C VAL B 61 -24.92 -23.83 -17.99
N ILE B 62 -25.20 -24.70 -17.05
CA ILE B 62 -25.25 -24.27 -15.66
C ILE B 62 -24.20 -24.97 -14.83
N CYS B 63 -23.42 -24.18 -14.11
CA CYS B 63 -22.24 -24.75 -13.45
C CYS B 63 -21.95 -24.02 -12.16
N SER B 64 -21.76 -24.78 -11.09
CA SER B 64 -21.49 -24.13 -9.81
C SER B 64 -20.07 -23.62 -9.71
N THR B 65 -19.85 -22.71 -8.79
CA THR B 65 -18.54 -22.06 -8.67
C THR B 65 -17.85 -22.43 -7.37
N GLY B 66 -18.65 -22.90 -6.41
CA GLY B 66 -18.12 -22.98 -5.06
C GLY B 66 -18.21 -21.60 -4.40
N ILE B 67 -17.89 -21.58 -3.10
CA ILE B 67 -17.78 -20.29 -2.40
C ILE B 67 -16.43 -19.62 -2.61
N GLY B 68 -16.49 -18.37 -3.07
CA GLY B 68 -15.39 -17.45 -3.08
C GLY B 68 -14.72 -17.31 -4.41
N GLY B 69 -13.97 -16.22 -4.53
CA GLY B 69 -13.31 -15.88 -5.82
C GLY B 69 -12.36 -16.91 -6.40
N PRO B 70 -11.53 -17.55 -5.61
CA PRO B 70 -10.53 -18.52 -6.16
C PRO B 70 -11.23 -19.69 -6.92
N SER B 71 -12.22 -20.32 -6.27
CA SER B 71 -12.98 -21.39 -6.96
C SER B 71 -13.81 -20.84 -8.16
N THR B 72 -14.35 -19.62 -8.04
CA THR B 72 -15.08 -18.94 -9.16
C THR B 72 -14.12 -18.74 -10.36
N SER B 73 -12.88 -18.33 -10.08
CA SER B 73 -11.98 -17.88 -11.18
C SER B 73 -11.60 -19.08 -12.05
N ILE B 74 -11.51 -20.25 -11.43
CA ILE B 74 -11.28 -21.52 -12.16
C ILE B 74 -12.45 -21.88 -13.11
N ALA B 75 -13.66 -21.93 -12.58
CA ALA B 75 -14.87 -22.22 -13.37
C ALA B 75 -15.01 -21.26 -14.57
N VAL B 76 -14.79 -19.95 -14.33
CA VAL B 76 -15.09 -18.94 -15.36
C VAL B 76 -14.03 -19.11 -16.46
N GLU B 77 -12.78 -19.24 -16.07
CA GLU B 77 -11.72 -19.41 -17.09
C GLU B 77 -11.98 -20.66 -17.96
N GLU B 78 -12.24 -21.77 -17.31
CA GLU B 78 -12.38 -23.07 -18.02
C GLU B 78 -13.63 -23.11 -18.87
N LEU B 79 -14.74 -22.61 -18.32
CA LEU B 79 -15.93 -22.38 -19.17
C LEU B 79 -15.61 -21.52 -20.39
N ALA B 80 -14.82 -20.43 -20.20
CA ALA B 80 -14.53 -19.55 -21.34
C ALA B 80 -13.63 -20.29 -22.36
N GLN B 81 -12.77 -21.19 -21.89
CA GLN B 81 -11.95 -22.01 -22.79
C GLN B 81 -12.85 -22.87 -23.68
N LEU B 82 -14.08 -23.10 -23.23
CA LEU B 82 -15.01 -23.92 -24.00
C LEU B 82 -16.00 -23.08 -24.82
N GLY B 83 -15.75 -21.76 -24.91
CA GLY B 83 -16.54 -20.84 -25.68
C GLY B 83 -17.62 -20.04 -24.97
N VAL B 84 -17.73 -20.19 -23.64
CA VAL B 84 -18.66 -19.33 -22.85
C VAL B 84 -18.14 -17.85 -22.82
N ASN B 85 -19.03 -16.89 -23.10
CA ASN B 85 -18.69 -15.51 -22.99
C ASN B 85 -19.59 -14.62 -22.09
N THR B 86 -20.47 -15.27 -21.32
CA THR B 86 -21.52 -14.56 -20.56
C THR B 86 -21.82 -15.36 -19.32
N PHE B 87 -21.72 -14.67 -18.19
CA PHE B 87 -21.78 -15.33 -16.92
C PHE B 87 -22.80 -14.65 -16.01
N LEU B 88 -23.92 -15.35 -15.75
CA LEU B 88 -24.97 -14.82 -14.85
C LEU B 88 -24.99 -15.53 -13.53
N ARG B 89 -24.60 -14.76 -12.53
CA ARG B 89 -24.50 -15.28 -11.16
C ARG B 89 -25.89 -15.12 -10.52
N VAL B 90 -26.34 -16.18 -9.85
CA VAL B 90 -27.59 -16.17 -9.04
C VAL B 90 -27.19 -16.66 -7.63
N GLY B 91 -27.68 -16.04 -6.56
CA GLY B 91 -27.05 -16.36 -5.27
C GLY B 91 -27.84 -16.03 -4.01
N THR B 92 -27.15 -16.09 -2.86
CA THR B 92 -27.74 -15.67 -1.56
C THR B 92 -26.93 -14.55 -0.98
N THR B 93 -27.56 -13.75 -0.14
CA THR B 93 -26.90 -12.58 0.39
C THR B 93 -27.51 -12.09 1.68
N GLY B 94 -26.74 -11.36 2.49
CA GLY B 94 -27.33 -10.72 3.67
C GLY B 94 -27.39 -9.23 3.44
N ALA B 95 -28.57 -8.62 3.64
CA ALA B 95 -28.65 -7.15 3.48
C ALA B 95 -28.11 -6.40 4.71
N ILE B 96 -27.58 -5.18 4.48
CA ILE B 96 -27.10 -4.35 5.58
C ILE B 96 -27.79 -2.96 5.61
N GLN B 97 -28.85 -2.79 4.81
CA GLN B 97 -29.66 -1.56 4.85
C GLN B 97 -31.02 -1.90 5.40
N PRO B 98 -31.57 -1.01 6.26
CA PRO B 98 -32.82 -1.32 6.95
C PRO B 98 -33.99 -1.46 5.99
N HIS B 99 -33.87 -0.86 4.82
CA HIS B 99 -35.02 -0.82 3.93
C HIS B 99 -35.01 -1.92 2.87
N VAL B 100 -34.07 -2.85 3.02
CA VAL B 100 -33.96 -4.01 2.11
C VAL B 100 -34.45 -5.26 2.84
N ASN B 101 -35.73 -5.60 2.61
CA ASN B 101 -36.41 -6.62 3.42
C ASN B 101 -36.10 -8.07 3.04
N VAL B 102 -36.27 -8.98 4.00
CA VAL B 102 -36.09 -10.40 3.77
C VAL B 102 -37.02 -10.83 2.61
N GLY B 103 -36.47 -11.60 1.68
CA GLY B 103 -37.21 -12.04 0.51
C GLY B 103 -37.06 -11.17 -0.73
N ASP B 104 -36.49 -9.98 -0.56
CA ASP B 104 -36.29 -8.99 -1.63
C ASP B 104 -35.22 -9.47 -2.59
N VAL B 105 -34.98 -8.72 -3.65
CA VAL B 105 -33.99 -9.10 -4.69
C VAL B 105 -32.99 -7.94 -4.87
N ILE B 106 -31.69 -8.25 -4.81
CA ILE B 106 -30.69 -7.26 -5.15
C ILE B 106 -29.96 -7.54 -6.48
N VAL B 107 -29.96 -6.56 -7.36
CA VAL B 107 -29.08 -6.71 -8.56
C VAL B 107 -27.84 -5.88 -8.33
N THR B 108 -26.70 -6.57 -8.31
CA THR B 108 -25.41 -5.91 -8.11
C THR B 108 -24.79 -5.26 -9.35
N GLN B 109 -24.72 -3.95 -9.32
CA GLN B 109 -24.18 -3.15 -10.44
C GLN B 109 -22.66 -3.14 -10.44
N ALA B 110 -22.09 -3.16 -9.25
CA ALA B 110 -20.63 -3.11 -9.04
C ALA B 110 -20.31 -3.47 -7.60
N SER B 111 -19.07 -3.82 -7.35
CA SER B 111 -18.72 -4.35 -5.98
C SER B 111 -17.51 -3.71 -5.31
N VAL B 112 -17.58 -3.49 -3.99
CA VAL B 112 -16.39 -3.27 -3.16
C VAL B 112 -15.49 -4.54 -3.21
N ARG B 113 -14.22 -4.31 -3.62
CA ARG B 113 -13.27 -5.42 -3.73
C ARG B 113 -12.59 -5.80 -2.43
N LEU B 114 -13.29 -6.61 -1.61
CA LEU B 114 -12.74 -7.11 -0.39
C LEU B 114 -12.20 -8.53 -0.58
N ASP B 115 -11.73 -8.79 -1.84
CA ASP B 115 -11.27 -10.09 -2.21
C ASP B 115 -9.77 -10.01 -2.63
N GLY B 116 -9.14 -11.17 -2.81
CA GLY B 116 -7.79 -11.19 -3.34
C GLY B 116 -7.75 -11.59 -4.81
N ALA B 117 -8.64 -12.46 -5.26
CA ALA B 117 -8.55 -12.86 -6.70
C ALA B 117 -8.73 -11.73 -7.72
N SER B 118 -9.59 -10.73 -7.44
CA SER B 118 -9.74 -9.60 -8.38
C SER B 118 -8.42 -8.95 -8.74
N LEU B 119 -7.48 -8.84 -7.77
CA LEU B 119 -6.11 -8.29 -7.94
C LEU B 119 -5.28 -9.17 -8.86
N HIS B 120 -5.73 -10.40 -9.14
CA HIS B 120 -4.98 -11.27 -10.10
C HIS B 120 -5.34 -10.97 -11.54
N PHE B 121 -6.25 -10.02 -11.74
CA PHE B 121 -6.75 -9.58 -13.06
C PHE B 121 -6.54 -8.08 -13.34
N ALA B 122 -6.54 -7.25 -12.29
CA ALA B 122 -6.39 -5.80 -12.45
C ALA B 122 -5.99 -5.21 -11.10
N PRO B 123 -5.25 -4.09 -11.10
CA PRO B 123 -4.89 -3.46 -9.83
C PRO B 123 -6.19 -2.90 -9.22
N MET B 124 -6.13 -2.55 -7.92
CA MET B 124 -7.35 -2.15 -7.21
C MET B 124 -8.10 -0.94 -7.76
N GLU B 125 -7.41 -0.01 -8.42
CA GLU B 125 -8.06 1.14 -9.07
C GLU B 125 -9.16 0.80 -10.12
N PHE B 126 -9.07 -0.41 -10.72
CA PHE B 126 -10.03 -0.84 -11.72
C PHE B 126 -11.37 -1.18 -11.01
N PRO B 127 -12.50 -0.73 -11.57
CA PRO B 127 -13.81 -0.95 -10.90
C PRO B 127 -14.35 -2.38 -11.13
N ALA B 128 -14.89 -2.99 -10.09
CA ALA B 128 -15.49 -4.32 -10.19
C ALA B 128 -16.94 -4.12 -10.69
N VAL B 129 -17.07 -3.97 -12.00
CA VAL B 129 -18.35 -3.46 -12.57
C VAL B 129 -18.97 -4.52 -13.47
N ALA B 130 -20.29 -4.70 -13.38
CA ALA B 130 -21.05 -5.68 -14.16
C ALA B 130 -21.25 -5.14 -15.55
N ASN B 131 -21.50 -6.05 -16.49
CA ASN B 131 -21.91 -5.65 -17.84
C ASN B 131 -23.27 -4.94 -17.84
N PHE B 132 -23.29 -3.79 -18.51
CA PHE B 132 -24.49 -3.00 -18.61
C PHE B 132 -25.65 -3.74 -19.28
N GLU B 133 -25.43 -4.37 -20.45
CA GLU B 133 -26.53 -5.14 -21.04
C GLU B 133 -27.08 -6.26 -20.16
N CYS B 134 -26.24 -6.99 -19.43
CA CYS B 134 -26.72 -8.15 -18.68
C CYS B 134 -27.42 -7.59 -17.43
N THR B 135 -26.90 -6.49 -16.86
CA THR B 135 -27.51 -5.91 -15.63
C THR B 135 -28.91 -5.40 -16.04
N THR B 136 -28.98 -4.84 -17.23
CA THR B 136 -30.27 -4.35 -17.75
C THR B 136 -31.29 -5.49 -17.91
N ALA B 137 -30.82 -6.61 -18.45
CA ALA B 137 -31.63 -7.81 -18.59
C ALA B 137 -32.15 -8.31 -17.24
N MET B 138 -31.26 -8.36 -16.24
CA MET B 138 -31.65 -8.77 -14.86
C MET B 138 -32.70 -7.87 -14.23
N VAL B 139 -32.55 -6.56 -14.47
CA VAL B 139 -33.51 -5.59 -13.92
C VAL B 139 -34.86 -5.78 -14.61
N ALA B 140 -34.84 -5.97 -15.92
CA ALA B 140 -36.11 -6.10 -16.66
C ALA B 140 -36.77 -7.45 -16.26
N ALA B 141 -35.97 -8.49 -15.98
CA ALA B 141 -36.53 -9.80 -15.57
C ALA B 141 -37.23 -9.61 -14.21
N CYS B 142 -36.60 -8.81 -13.35
CA CYS B 142 -37.19 -8.48 -12.03
C CYS B 142 -38.57 -7.86 -12.17
N ARG B 143 -38.67 -6.82 -12.99
CA ARG B 143 -39.88 -6.01 -13.15
C ARG B 143 -40.98 -6.83 -13.84
N ASP B 144 -40.60 -7.67 -14.79
CA ASP B 144 -41.55 -8.68 -15.32
C ASP B 144 -42.21 -9.51 -14.20
N ALA B 145 -41.42 -9.87 -13.18
CA ALA B 145 -41.89 -10.64 -12.02
C ALA B 145 -42.68 -9.74 -11.03
N GLY B 146 -42.79 -8.46 -11.35
CA GLY B 146 -43.46 -7.50 -10.46
C GLY B 146 -42.65 -7.20 -9.23
N VAL B 147 -41.31 -7.42 -9.32
CA VAL B 147 -40.34 -7.11 -8.26
C VAL B 147 -39.45 -5.93 -8.69
N GLU B 148 -39.49 -4.82 -7.96
CA GLU B 148 -38.60 -3.71 -8.24
C GLU B 148 -37.32 -3.98 -7.46
N PRO B 149 -36.19 -4.31 -8.17
CA PRO B 149 -34.99 -4.69 -7.46
C PRO B 149 -34.26 -3.51 -6.89
N HIS B 150 -33.51 -3.79 -5.83
CA HIS B 150 -32.53 -2.85 -5.28
C HIS B 150 -31.35 -2.96 -6.20
N ILE B 151 -30.98 -1.85 -6.79
CA ILE B 151 -29.87 -1.84 -7.77
C ILE B 151 -28.77 -1.05 -7.14
N GLY B 152 -27.59 -1.65 -7.00
CA GLY B 152 -26.54 -0.88 -6.33
C GLY B 152 -25.22 -1.57 -6.10
N VAL B 153 -24.48 -1.04 -5.13
CA VAL B 153 -23.19 -1.57 -4.71
C VAL B 153 -23.23 -2.60 -3.60
N THR B 154 -22.47 -3.67 -3.83
CA THR B 154 -22.39 -4.86 -2.93
C THR B 154 -21.00 -5.00 -2.35
N ALA B 155 -20.88 -5.22 -1.06
CA ALA B 155 -19.54 -5.53 -0.54
C ALA B 155 -19.15 -7.07 -0.75
N SER B 156 -18.12 -7.39 -1.58
CA SER B 156 -17.79 -8.80 -1.92
C SER B 156 -16.54 -9.23 -1.20
N SER B 157 -16.72 -10.11 -0.21
CA SER B 157 -15.69 -10.46 0.80
C SER B 157 -15.10 -11.84 0.58
N ASP B 158 -13.77 -11.95 0.77
CA ASP B 158 -13.09 -13.23 0.84
C ASP B 158 -13.45 -14.06 2.14
N THR B 159 -14.18 -13.50 3.12
CA THR B 159 -14.56 -14.29 4.30
C THR B 159 -16.04 -14.08 4.62
N PHE B 160 -16.62 -15.09 5.28
CA PHE B 160 -17.99 -15.01 5.71
C PHE B 160 -17.97 -14.39 7.11
N TYR B 161 -16.87 -14.55 7.86
CA TYR B 161 -16.85 -14.14 9.30
C TYR B 161 -16.25 -12.71 9.52
N PRO B 162 -14.92 -12.60 9.67
CA PRO B 162 -14.34 -11.31 10.05
C PRO B 162 -14.58 -10.23 8.97
N GLY B 163 -14.44 -10.55 7.68
CA GLY B 163 -14.61 -9.50 6.67
C GLY B 163 -16.05 -8.99 6.48
N GLN B 164 -17.02 -9.72 7.00
CA GLN B 164 -18.41 -9.25 7.11
C GLN B 164 -18.64 -8.78 8.56
N GLU B 165 -17.55 -8.55 9.30
CA GLU B 165 -17.62 -8.01 10.68
C GLU B 165 -18.58 -8.79 11.56
N ARG B 166 -18.50 -10.11 11.50
CA ARG B 166 -19.23 -10.92 12.44
C ARG B 166 -18.35 -11.17 13.66
N TYR B 167 -18.93 -10.97 14.86
CA TYR B 167 -18.29 -11.26 16.13
C TYR B 167 -18.70 -12.62 16.73
N ASP B 168 -19.69 -13.27 16.11
CA ASP B 168 -20.19 -14.54 16.69
C ASP B 168 -19.32 -15.72 16.32
N THR B 169 -18.06 -15.69 16.77
CA THR B 169 -17.04 -16.66 16.37
C THR B 169 -16.28 -17.19 17.56
N VAL B 170 -15.34 -18.13 17.36
CA VAL B 170 -14.66 -18.70 18.56
C VAL B 170 -13.87 -17.66 19.35
N THR B 171 -13.12 -16.84 18.63
CA THR B 171 -12.35 -15.78 19.28
C THR B 171 -13.14 -14.53 19.53
N GLY B 172 -14.16 -14.21 18.71
CA GLY B 172 -14.92 -12.97 19.00
C GLY B 172 -14.18 -11.73 18.51
N ARG B 173 -13.07 -11.96 17.81
CA ARG B 173 -12.21 -10.88 17.34
C ARG B 173 -12.36 -10.56 15.86
N VAL B 174 -12.26 -9.28 15.58
CA VAL B 174 -12.23 -8.81 14.18
C VAL B 174 -10.97 -7.92 14.02
N THR B 175 -10.07 -8.30 13.08
CA THR B 175 -8.85 -7.55 12.78
C THR B 175 -9.15 -6.07 12.49
N ARG B 176 -8.18 -5.21 12.83
CA ARG B 176 -8.31 -3.75 12.76
C ARG B 176 -8.89 -3.28 11.42
N ARG B 177 -8.33 -3.79 10.34
CA ARG B 177 -8.88 -3.41 9.04
C ARG B 177 -10.43 -3.47 8.90
N PHE B 178 -11.06 -4.50 9.50
CA PHE B 178 -12.46 -4.74 9.28
C PHE B 178 -13.26 -4.31 10.49
N ALA B 179 -12.56 -3.85 11.55
CA ALA B 179 -13.32 -3.35 12.76
C ALA B 179 -13.98 -2.01 12.42
N GLY B 180 -15.30 -1.96 12.53
CA GLY B 180 -16.05 -0.75 12.20
C GLY B 180 -16.48 -0.69 10.74
N SER B 181 -16.02 -1.69 9.97
CA SER B 181 -16.21 -1.68 8.53
C SER B 181 -17.67 -1.77 8.08
N MET B 182 -18.50 -2.62 8.72
CA MET B 182 -19.93 -2.72 8.34
C MET B 182 -20.61 -1.33 8.29
N LYS B 183 -20.35 -0.53 9.30
CA LYS B 183 -20.98 0.78 9.37
C LYS B 183 -20.40 1.67 8.30
N GLU B 184 -19.12 1.49 8.00
CA GLU B 184 -18.53 2.25 6.92
C GLU B 184 -19.28 1.96 5.59
N TRP B 185 -19.48 0.69 5.21
CA TRP B 185 -20.18 0.37 3.95
C TRP B 185 -21.62 0.85 3.97
N GLN B 186 -22.27 0.68 5.12
CA GLN B 186 -23.64 1.14 5.33
C GLN B 186 -23.80 2.62 5.02
N ASP B 187 -22.94 3.42 5.61
CA ASP B 187 -22.86 4.85 5.36
C ASP B 187 -22.67 5.26 3.90
N MET B 188 -21.85 4.47 3.17
CA MET B 188 -21.65 4.65 1.74
C MET B 188 -22.77 4.07 0.84
N GLY B 189 -23.87 3.62 1.41
CA GLY B 189 -24.97 3.08 0.53
C GLY B 189 -24.88 1.62 0.08
N VAL B 190 -23.82 0.93 0.47
CA VAL B 190 -23.66 -0.48 0.14
C VAL B 190 -24.84 -1.32 0.65
N LEU B 191 -25.32 -2.20 -0.20
CA LEU B 191 -26.61 -2.90 0.09
C LEU B 191 -26.50 -4.19 0.89
N ASN B 192 -25.41 -4.93 0.73
CA ASN B 192 -25.38 -6.34 1.13
C ASN B 192 -23.96 -6.83 1.07
N TYR B 193 -23.75 -7.98 1.73
CA TYR B 193 -22.46 -8.76 1.57
C TYR B 193 -22.65 -10.02 0.79
N GLU B 194 -21.64 -10.36 -0.06
CA GLU B 194 -21.60 -11.73 -0.62
C GLU B 194 -20.13 -12.00 -0.87
N MET B 195 -19.81 -13.08 -1.61
CA MET B 195 -18.42 -13.55 -1.55
C MET B 195 -17.88 -13.94 -2.91
N GLU B 196 -18.59 -13.63 -3.98
CA GLU B 196 -18.02 -13.95 -5.35
C GLU B 196 -17.98 -12.81 -6.38
N SER B 197 -18.85 -11.78 -6.26
CA SER B 197 -19.06 -10.81 -7.35
C SER B 197 -17.87 -9.95 -7.73
N ALA B 198 -16.99 -9.62 -6.78
CA ALA B 198 -15.87 -8.76 -7.07
C ALA B 198 -14.92 -9.53 -8.01
N THR B 199 -14.59 -10.79 -7.69
CA THR B 199 -13.72 -11.59 -8.62
C THR B 199 -14.43 -11.75 -9.95
N LEU B 200 -15.69 -12.20 -9.91
CA LEU B 200 -16.45 -12.47 -11.13
C LEU B 200 -16.42 -11.21 -12.03
N PHE B 201 -16.75 -10.09 -11.43
CA PHE B 201 -16.86 -8.85 -12.26
C PHE B 201 -15.53 -8.37 -12.85
N THR B 202 -14.49 -8.42 -12.04
CA THR B 202 -13.18 -7.84 -12.40
C THR B 202 -12.58 -8.76 -13.45
N MET B 203 -12.70 -10.07 -13.25
CA MET B 203 -12.15 -10.97 -14.24
C MET B 203 -12.90 -10.89 -15.57
N CYS B 204 -14.24 -10.86 -15.57
CA CYS B 204 -14.89 -10.76 -16.88
C CYS B 204 -14.64 -9.42 -17.60
N ALA B 205 -14.69 -8.32 -16.86
CA ALA B 205 -14.45 -6.98 -17.47
C ALA B 205 -13.07 -6.95 -18.12
N THR B 206 -12.03 -7.39 -17.41
CA THR B 206 -10.65 -7.33 -17.97
C THR B 206 -10.42 -8.32 -19.11
N GLN B 207 -11.14 -9.44 -19.11
CA GLN B 207 -10.92 -10.49 -20.13
C GLN B 207 -11.87 -10.39 -21.35
N GLY B 208 -12.93 -9.58 -21.25
CA GLY B 208 -13.80 -9.32 -22.42
C GLY B 208 -15.09 -10.14 -22.46
N TRP B 209 -15.56 -10.55 -21.29
CA TRP B 209 -16.74 -11.41 -21.14
C TRP B 209 -17.74 -10.54 -20.41
N ARG B 210 -19.00 -10.97 -20.47
CA ARG B 210 -20.09 -10.26 -19.81
C ARG B 210 -20.47 -10.98 -18.54
N ALA B 211 -20.77 -10.20 -17.52
CA ALA B 211 -21.18 -10.74 -16.22
C ALA B 211 -22.28 -9.92 -15.59
N ALA B 212 -23.11 -10.59 -14.77
CA ALA B 212 -24.03 -9.86 -13.90
C ALA B 212 -24.34 -10.67 -12.69
N CYS B 213 -25.12 -10.14 -11.72
CA CYS B 213 -25.29 -10.90 -10.47
C CYS B 213 -26.63 -10.47 -9.89
N VAL B 214 -27.44 -11.47 -9.57
CA VAL B 214 -28.73 -11.26 -8.92
C VAL B 214 -28.84 -12.14 -7.68
N ALA B 215 -29.46 -11.61 -6.61
CA ALA B 215 -29.53 -12.38 -5.37
C ALA B 215 -30.81 -12.09 -4.60
N GLY B 216 -31.35 -13.15 -3.99
CA GLY B 216 -32.44 -13.05 -3.03
C GLY B 216 -31.86 -12.89 -1.64
N VAL B 217 -32.45 -11.98 -0.89
CA VAL B 217 -31.99 -11.64 0.46
C VAL B 217 -32.50 -12.68 1.48
N ILE B 218 -31.59 -13.45 2.08
CA ILE B 218 -31.96 -14.50 3.06
C ILE B 218 -32.09 -13.94 4.49
N VAL B 219 -31.20 -12.99 4.81
CA VAL B 219 -31.10 -12.40 6.15
C VAL B 219 -30.84 -10.89 6.01
N ASN B 220 -31.24 -10.09 7.01
CA ASN B 220 -30.88 -8.66 7.04
C ASN B 220 -30.17 -8.38 8.36
N ARG B 221 -28.93 -7.89 8.28
CA ARG B 221 -28.06 -7.81 9.46
C ARG B 221 -28.58 -6.77 10.46
N THR B 222 -29.54 -5.95 10.05
CA THR B 222 -30.00 -4.86 10.92
C THR B 222 -31.25 -5.24 11.71
N GLN B 223 -31.75 -6.44 11.49
CA GLN B 223 -33.04 -6.83 12.04
C GLN B 223 -32.89 -8.12 12.81
N GLU B 236 -34.92 -19.83 -2.25
CA GLU B 236 -35.17 -18.61 -3.00
C GLU B 236 -35.44 -18.89 -4.48
N VAL B 237 -36.70 -19.25 -4.72
CA VAL B 237 -37.21 -19.56 -6.05
C VAL B 237 -37.24 -18.32 -6.98
N SER B 238 -37.71 -17.19 -6.43
CA SER B 238 -37.80 -15.92 -7.18
C SER B 238 -36.49 -15.59 -7.92
N ALA B 239 -35.36 -15.72 -7.22
CA ALA B 239 -34.02 -15.37 -7.74
C ALA B 239 -33.60 -16.23 -8.92
N VAL B 240 -33.79 -17.54 -8.77
CA VAL B 240 -33.55 -18.50 -9.87
C VAL B 240 -34.53 -18.24 -11.02
N SER B 241 -35.80 -17.98 -10.69
CA SER B 241 -36.75 -17.71 -11.78
C SER B 241 -36.39 -16.42 -12.56
N ILE B 242 -35.75 -15.46 -11.88
CA ILE B 242 -35.36 -14.19 -12.51
C ILE B 242 -34.15 -14.43 -13.42
N VAL B 243 -33.18 -15.19 -12.90
CA VAL B 243 -31.96 -15.38 -13.67
C VAL B 243 -32.25 -16.12 -14.96
N VAL B 244 -33.15 -17.12 -14.90
CA VAL B 244 -33.58 -17.84 -16.13
C VAL B 244 -34.31 -16.89 -17.10
N ALA B 245 -35.23 -16.08 -16.60
CA ALA B 245 -35.84 -15.03 -17.41
C ALA B 245 -34.81 -14.07 -18.05
N ALA B 246 -33.81 -13.67 -17.25
CA ALA B 246 -32.72 -12.77 -17.67
C ALA B 246 -31.95 -13.48 -18.80
N ALA B 247 -31.57 -14.75 -18.60
CA ALA B 247 -30.87 -15.51 -19.67
C ALA B 247 -31.68 -15.54 -20.97
N LYS B 248 -32.99 -15.78 -20.90
CA LYS B 248 -33.81 -15.83 -22.11
C LYS B 248 -33.92 -14.50 -22.85
N LYS B 249 -33.90 -13.40 -22.08
CA LYS B 249 -33.85 -12.06 -22.67
C LYS B 249 -32.57 -11.88 -23.47
N LEU B 250 -31.44 -12.26 -22.87
CA LEU B 250 -30.16 -12.08 -23.55
C LEU B 250 -30.00 -12.95 -24.77
N LEU B 251 -30.59 -14.15 -24.76
CA LEU B 251 -30.49 -15.12 -25.88
C LEU B 251 -31.50 -14.88 -27.00
N ALA B 252 -32.55 -14.12 -26.70
CA ALA B 252 -33.66 -13.85 -27.65
C ALA B 252 -33.21 -13.31 -29.01
N ALA C 2 22.63 5.33 34.53
CA ALA C 2 22.10 6.23 33.45
C ALA C 2 20.66 6.61 33.76
N ASP C 3 20.21 7.65 33.07
CA ASP C 3 18.81 7.97 33.07
C ASP C 3 18.04 7.69 31.77
N VAL C 4 18.75 7.22 30.75
CA VAL C 4 18.14 6.61 29.56
C VAL C 4 18.68 5.17 29.40
N PHE C 5 17.97 4.35 28.64
CA PHE C 5 18.19 2.92 28.62
C PHE C 5 19.37 2.40 27.77
N HIS C 6 19.69 3.10 26.69
CA HIS C 6 20.81 2.65 25.82
C HIS C 6 22.09 3.45 25.93
N LEU C 7 21.97 4.78 25.94
CA LEU C 7 23.13 5.63 25.75
C LEU C 7 24.02 5.72 26.99
N GLY C 8 23.48 5.45 28.16
CA GLY C 8 24.27 5.45 29.37
C GLY C 8 24.49 6.81 30.00
N LEU C 9 23.63 7.78 29.70
CA LEU C 9 23.86 9.20 29.96
C LEU C 9 22.86 9.67 31.00
N THR C 10 23.19 10.75 31.72
CA THR C 10 22.23 11.43 32.59
C THR C 10 22.14 12.86 32.10
N LYS C 11 21.08 13.57 32.44
CA LYS C 11 20.96 14.93 32.01
C LYS C 11 22.20 15.75 32.45
N ALA C 12 22.62 15.64 33.71
CA ALA C 12 23.81 16.37 34.20
C ALA C 12 25.09 16.21 33.34
N MET C 13 25.29 15.01 32.79
CA MET C 13 26.45 14.79 31.91
C MET C 13 26.51 15.73 30.68
N LEU C 14 25.36 16.18 30.18
CA LEU C 14 25.30 17.08 29.04
C LEU C 14 25.60 18.57 29.32
N ASP C 15 25.69 18.90 30.63
CA ASP C 15 26.04 20.27 31.06
C ASP C 15 25.18 21.35 30.33
N GLY C 16 23.89 21.03 30.18
CA GLY C 16 22.87 21.81 29.47
C GLY C 16 22.88 21.87 27.93
N ALA C 17 23.63 20.96 27.31
CA ALA C 17 23.64 20.95 25.85
C ALA C 17 22.23 20.76 25.30
N THR C 18 21.89 21.55 24.29
CA THR C 18 20.62 21.36 23.60
C THR C 18 20.80 21.01 22.14
N LEU C 19 22.04 20.89 21.73
CA LEU C 19 22.31 20.59 20.29
C LEU C 19 23.28 19.41 20.19
N ALA C 20 22.98 18.43 19.31
CA ALA C 20 23.84 17.24 19.20
C ALA C 20 24.41 17.20 17.80
N ILE C 21 25.66 16.77 17.68
CA ILE C 21 26.15 16.36 16.36
C ILE C 21 26.16 14.83 16.34
N VAL C 22 25.58 14.28 15.30
CA VAL C 22 25.30 12.83 15.25
C VAL C 22 25.90 12.14 14.01
N PRO C 23 27.18 11.71 14.13
CA PRO C 23 27.78 10.96 13.03
C PRO C 23 27.29 9.50 13.07
N GLY C 24 27.48 8.75 12.01
CA GLY C 24 27.09 7.31 12.05
C GLY C 24 28.08 6.42 12.75
N ASP C 25 29.36 6.76 12.65
CA ASP C 25 30.40 5.89 13.11
C ASP C 25 30.84 6.27 14.54
N PRO C 26 30.75 5.35 15.52
CA PRO C 26 31.21 5.65 16.89
C PRO C 26 32.70 6.03 16.91
N GLU C 27 33.48 5.52 15.94
CA GLU C 27 34.92 5.82 15.86
C GLU C 27 35.26 7.24 15.35
N ARG C 28 34.26 7.99 14.86
CA ARG C 28 34.49 9.38 14.45
C ARG C 28 34.19 10.40 15.57
N VAL C 29 33.53 9.94 16.65
CA VAL C 29 32.99 10.88 17.66
C VAL C 29 34.07 11.73 18.35
N LYS C 30 35.13 11.09 18.82
CA LYS C 30 36.26 11.77 19.47
C LYS C 30 36.87 12.79 18.54
N ARG C 31 37.14 12.42 17.27
CA ARG C 31 37.69 13.38 16.30
C ARG C 31 36.83 14.64 16.09
N ILE C 32 35.51 14.46 16.04
CA ILE C 32 34.60 15.59 15.92
C ILE C 32 34.64 16.41 17.21
N ALA C 33 34.57 15.73 18.36
CA ALA C 33 34.65 16.43 19.67
C ALA C 33 35.91 17.29 19.82
N GLU C 34 37.02 16.78 19.29
CA GLU C 34 38.31 17.46 19.37
C GLU C 34 38.45 18.69 18.46
N LEU C 35 37.48 18.90 17.53
CA LEU C 35 37.43 20.16 16.73
C LEU C 35 36.86 21.27 17.59
N MET C 36 36.29 20.85 18.71
CA MET C 36 35.80 21.79 19.70
C MET C 36 36.68 21.83 20.96
N ASP C 37 36.20 22.56 21.97
CA ASP C 37 36.98 22.80 23.20
C ASP C 37 36.57 21.89 24.35
N ASN C 38 37.56 21.54 25.16
CA ASN C 38 37.39 20.77 26.39
C ASN C 38 36.68 19.45 26.11
N ALA C 39 37.04 18.76 25.03
CA ALA C 39 36.44 17.46 24.70
C ALA C 39 36.55 16.48 25.86
N THR C 40 35.41 15.91 26.25
CA THR C 40 35.37 14.95 27.37
C THR C 40 34.43 13.77 27.07
N PHE C 41 34.91 12.55 27.33
CA PHE C 41 34.19 11.30 27.10
C PHE C 41 33.00 11.25 28.04
N LEU C 42 31.84 10.82 27.57
CA LEU C 42 30.67 10.65 28.46
C LEU C 42 30.38 9.16 28.64
N ALA C 43 30.12 8.44 27.53
CA ALA C 43 29.80 7.02 27.66
C ALA C 43 30.06 6.30 26.35
N SER C 44 30.16 4.96 26.43
CA SER C 44 30.15 4.12 25.22
C SER C 44 29.54 2.77 25.54
N HIS C 45 28.48 2.46 24.80
CA HIS C 45 27.72 1.23 24.99
C HIS C 45 27.15 0.91 23.61
N ARG C 46 27.22 -0.36 23.25
CA ARG C 46 26.73 -0.79 21.94
C ARG C 46 27.40 0.18 20.93
N GLU C 47 26.69 0.56 19.87
CA GLU C 47 27.23 1.47 18.85
C GLU C 47 27.20 2.96 19.18
N TYR C 48 26.85 3.27 20.44
CA TYR C 48 26.61 4.62 20.86
C TYR C 48 27.78 5.10 21.69
N THR C 49 28.71 5.84 21.04
CA THR C 49 29.74 6.55 21.74
C THR C 49 29.37 8.02 21.84
N SER C 50 29.46 8.56 23.06
CA SER C 50 29.12 9.95 23.22
C SER C 50 30.20 10.78 23.94
N TYR C 51 30.46 11.97 23.40
CA TYR C 51 31.36 12.99 23.98
C TYR C 51 30.61 14.28 24.28
N LEU C 52 31.10 15.04 25.26
CA LEU C 52 30.81 16.46 25.33
C LEU C 52 31.97 17.37 24.87
N ALA C 53 31.64 18.44 24.16
CA ALA C 53 32.61 19.53 23.95
C ALA C 53 31.95 20.91 23.85
N TYR C 54 32.77 21.94 23.67
CA TYR C 54 32.22 23.31 23.69
C TYR C 54 32.48 24.05 22.40
N ALA C 55 31.41 24.58 21.83
CA ALA C 55 31.44 25.31 20.61
C ALA C 55 31.33 26.81 20.88
N ASP C 56 32.44 27.52 20.75
CA ASP C 56 32.49 28.98 21.05
C ASP C 56 31.76 29.23 22.39
N GLY C 57 32.13 28.41 23.36
CA GLY C 57 31.70 28.55 24.76
C GLY C 57 30.43 27.79 25.10
N LYS C 58 29.78 27.20 24.10
CA LYS C 58 28.48 26.56 24.32
C LYS C 58 28.50 25.01 24.32
N PRO C 59 27.77 24.37 25.25
CA PRO C 59 27.87 22.90 25.24
C PRO C 59 27.21 22.18 24.05
N VAL C 60 27.88 21.14 23.56
CA VAL C 60 27.46 20.35 22.41
C VAL C 60 27.73 18.87 22.75
N VAL C 61 26.73 18.04 22.57
CA VAL C 61 26.91 16.57 22.66
C VAL C 61 27.17 16.00 21.28
N ILE C 62 28.23 15.20 21.21
CA ILE C 62 28.50 14.43 19.98
C ILE C 62 28.20 12.97 20.30
N CYS C 63 27.33 12.32 19.53
CA CYS C 63 26.87 10.96 19.80
C CYS C 63 26.64 10.24 18.51
N SER C 64 27.20 9.05 18.43
CA SER C 64 26.98 8.23 17.26
C SER C 64 25.63 7.59 17.17
N THR C 65 25.26 7.25 15.94
CA THR C 65 23.90 6.70 15.74
C THR C 65 23.93 5.23 15.39
N GLY C 66 25.09 4.80 14.90
CA GLY C 66 25.14 3.53 14.15
C GLY C 66 24.56 3.72 12.74
N ILE C 67 24.72 2.66 11.92
CA ILE C 67 24.15 2.61 10.57
C ILE C 67 22.69 2.23 10.61
N GLY C 68 21.89 3.10 10.00
CA GLY C 68 20.48 2.93 9.77
C GLY C 68 19.50 3.58 10.74
N GLY C 69 18.30 3.73 10.23
CA GLY C 69 17.23 4.45 10.99
C GLY C 69 16.93 3.86 12.33
N PRO C 70 16.87 2.52 12.46
CA PRO C 70 16.45 1.95 13.80
C PRO C 70 17.44 2.36 14.93
N SER C 71 18.73 2.14 14.73
CA SER C 71 19.70 2.61 15.73
C SER C 71 19.64 4.16 15.98
N THR C 72 19.36 4.95 14.92
CA THR C 72 19.40 6.44 14.90
C THR C 72 18.22 6.84 15.81
N SER C 73 17.11 6.14 15.64
CA SER C 73 15.85 6.53 16.33
C SER C 73 15.98 6.39 17.82
N ILE C 74 16.73 5.40 18.27
CA ILE C 74 17.01 5.20 19.71
C ILE C 74 17.87 6.42 20.22
N ALA C 75 18.95 6.77 19.50
CA ALA C 75 19.86 7.86 19.83
C ALA C 75 19.10 9.16 20.02
N VAL C 76 18.29 9.52 19.01
CA VAL C 76 17.66 10.81 18.85
C VAL C 76 16.64 10.85 20.02
N GLU C 77 15.87 9.77 20.24
CA GLU C 77 14.85 9.79 21.34
C GLU C 77 15.46 10.01 22.72
N GLU C 78 16.48 9.24 23.03
CA GLU C 78 17.19 9.30 24.34
C GLU C 78 17.93 10.62 24.53
N LEU C 79 18.55 11.14 23.47
CA LEU C 79 19.12 12.52 23.60
C LEU C 79 18.07 13.54 23.90
N ALA C 80 16.93 13.43 23.21
CA ALA C 80 15.85 14.39 23.36
C ALA C 80 15.30 14.28 24.81
N GLN C 81 15.27 13.07 25.38
CA GLN C 81 14.87 12.89 26.86
C GLN C 81 15.75 13.73 27.81
N LEU C 82 16.97 13.96 27.34
CA LEU C 82 17.97 14.68 28.12
C LEU C 82 18.04 16.19 27.84
N GLY C 83 17.13 16.67 26.97
CA GLY C 83 16.93 18.07 26.60
C GLY C 83 17.52 18.52 25.27
N VAL C 84 18.03 17.59 24.47
CA VAL C 84 18.48 17.96 23.11
C VAL C 84 17.29 18.24 22.17
N ASN C 85 17.37 19.34 21.44
CA ASN C 85 16.33 19.69 20.56
C ASN C 85 16.77 19.94 19.15
N THR C 86 18.03 19.59 18.87
CA THR C 86 18.58 19.95 17.53
C THR C 86 19.61 18.95 17.19
N PHE C 87 19.45 18.37 15.99
CA PHE C 87 20.30 17.21 15.70
C PHE C 87 20.98 17.43 14.32
N LEU C 88 22.31 17.60 14.29
CA LEU C 88 23.03 17.82 13.02
C LEU C 88 23.81 16.57 12.64
N ARG C 89 23.33 15.86 11.64
CA ARG C 89 23.98 14.64 11.21
C ARG C 89 25.12 15.03 10.27
N VAL C 90 26.25 14.34 10.48
CA VAL C 90 27.42 14.48 9.59
C VAL C 90 27.76 13.06 9.15
N GLY C 91 27.84 12.81 7.85
CA GLY C 91 27.90 11.41 7.38
C GLY C 91 28.81 11.34 6.16
N THR C 92 28.80 10.14 5.56
CA THR C 92 29.45 9.84 4.26
C THR C 92 28.38 9.43 3.22
N THR C 93 28.69 9.55 1.93
CA THR C 93 27.65 9.36 0.99
C THR C 93 28.16 8.89 -0.37
N GLY C 94 27.30 8.16 -1.06
CA GLY C 94 27.53 7.84 -2.48
C GLY C 94 26.75 8.71 -3.40
N ALA C 95 27.45 9.43 -4.27
CA ALA C 95 26.85 10.33 -5.28
C ALA C 95 26.31 9.53 -6.45
N ILE C 96 25.13 9.94 -6.94
CA ILE C 96 24.52 9.27 -8.09
C ILE C 96 24.40 10.14 -9.34
N GLN C 97 24.86 11.39 -9.28
CA GLN C 97 24.85 12.28 -10.44
C GLN C 97 26.30 12.44 -10.95
N PRO C 98 26.45 12.49 -12.28
CA PRO C 98 27.79 12.20 -12.82
C PRO C 98 28.88 13.20 -12.45
N HIS C 99 28.52 14.46 -12.20
CA HIS C 99 29.51 15.50 -11.88
C HIS C 99 29.48 16.03 -10.44
N VAL C 100 28.94 15.20 -9.53
CA VAL C 100 29.06 15.38 -8.09
C VAL C 100 30.24 14.51 -7.70
N ASN C 101 31.36 15.16 -7.44
CA ASN C 101 32.65 14.47 -7.38
C ASN C 101 33.03 13.96 -6.01
N VAL C 102 33.92 12.97 -6.00
CA VAL C 102 34.45 12.47 -4.74
C VAL C 102 35.17 13.59 -3.97
N GLY C 103 34.93 13.71 -2.66
CA GLY C 103 35.39 14.90 -1.90
C GLY C 103 34.46 16.10 -1.77
N ASP C 104 33.47 16.22 -2.66
CA ASP C 104 32.45 17.28 -2.56
C ASP C 104 31.64 17.03 -1.27
N VAL C 105 30.93 18.04 -0.79
CA VAL C 105 29.94 17.83 0.27
C VAL C 105 28.52 18.06 -0.30
N ILE C 106 27.58 17.26 0.20
CA ILE C 106 26.16 17.47 -0.08
C ILE C 106 25.35 17.84 1.20
N VAL C 107 24.52 18.88 1.09
CA VAL C 107 23.62 19.27 2.22
C VAL C 107 22.24 18.75 1.80
N THR C 108 21.68 17.83 2.58
CA THR C 108 20.40 17.26 2.25
C THR C 108 19.21 18.10 2.68
N GLN C 109 18.42 18.52 1.71
CA GLN C 109 17.25 19.36 2.01
C GLN C 109 16.09 18.47 2.50
N ALA C 110 15.97 17.31 1.90
CA ALA C 110 14.84 16.43 2.21
C ALA C 110 15.19 15.06 1.65
N SER C 111 14.48 14.04 2.10
CA SER C 111 14.90 12.66 1.65
C SER C 111 13.83 11.76 1.07
N VAL C 112 14.17 10.98 0.01
CA VAL C 112 13.34 9.83 -0.43
C VAL C 112 13.34 8.80 0.73
N ARG C 113 12.14 8.43 1.17
CA ARG C 113 11.97 7.59 2.36
C ARG C 113 12.08 6.09 1.98
N LEU C 114 13.30 5.61 1.90
CA LEU C 114 13.51 4.23 1.53
C LEU C 114 13.86 3.44 2.75
N ASP C 115 13.24 3.81 3.88
CA ASP C 115 13.50 3.25 5.18
C ASP C 115 12.12 2.74 5.78
N GLY C 116 12.19 1.98 6.87
CA GLY C 116 10.99 1.57 7.60
C GLY C 116 10.78 2.44 8.85
N ALA C 117 11.86 2.91 9.47
CA ALA C 117 11.69 3.64 10.77
C ALA C 117 10.86 4.95 10.65
N SER C 118 10.95 5.62 9.51
CA SER C 118 10.21 6.87 9.29
C SER C 118 8.73 6.61 9.41
N LEU C 119 8.27 5.39 9.11
CA LEU C 119 6.83 5.08 9.08
C LEU C 119 6.35 4.86 10.51
N HIS C 120 7.30 4.84 11.45
CA HIS C 120 6.90 4.65 12.85
C HIS C 120 6.67 6.03 13.45
N PHE C 121 6.94 7.07 12.67
CA PHE C 121 6.63 8.45 13.08
C PHE C 121 5.54 9.10 12.29
N ALA C 122 5.46 8.81 10.98
CA ALA C 122 4.39 9.38 10.18
C ALA C 122 4.13 8.54 8.93
N PRO C 123 2.91 8.62 8.38
CA PRO C 123 2.57 7.86 7.18
C PRO C 123 3.44 8.39 6.01
N MET C 124 3.55 7.58 4.98
CA MET C 124 4.54 7.90 3.95
C MET C 124 4.29 9.25 3.27
N GLU C 125 3.02 9.73 3.18
CA GLU C 125 2.75 11.07 2.63
C GLU C 125 3.47 12.29 3.26
N PHE C 126 3.82 12.16 4.54
CA PHE C 126 4.60 13.18 5.22
C PHE C 126 6.02 13.34 4.64
N PRO C 127 6.46 14.58 4.32
CA PRO C 127 7.82 14.77 3.80
C PRO C 127 8.97 14.61 4.83
N ALA C 128 10.05 13.95 4.43
CA ALA C 128 11.21 13.79 5.29
C ALA C 128 12.14 14.98 5.00
N VAL C 129 11.77 16.12 5.58
CA VAL C 129 12.34 17.42 5.22
C VAL C 129 13.19 17.89 6.42
N ALA C 130 14.32 18.52 6.16
CA ALA C 130 15.22 19.05 7.21
C ALA C 130 14.63 20.37 7.71
N ASN C 131 15.10 20.80 8.87
CA ASN C 131 14.77 22.11 9.39
C ASN C 131 15.39 23.25 8.54
N PHE C 132 14.57 24.23 8.14
CA PHE C 132 15.05 25.34 7.26
C PHE C 132 16.24 26.16 7.87
N GLU C 133 16.10 26.57 9.13
CA GLU C 133 17.12 27.26 9.90
C GLU C 133 18.46 26.51 9.92
N CYS C 134 18.42 25.18 10.12
CA CYS C 134 19.64 24.42 10.32
C CYS C 134 20.23 24.15 8.93
N THR C 135 19.36 23.95 7.96
CA THR C 135 19.87 23.70 6.58
C THR C 135 20.57 24.98 6.08
N THR C 136 19.97 26.12 6.40
CA THR C 136 20.59 27.40 6.02
C THR C 136 21.96 27.61 6.68
N ALA C 137 22.09 27.24 7.96
CA ALA C 137 23.36 27.37 8.62
C ALA C 137 24.43 26.45 8.00
N MET C 138 24.04 25.23 7.61
CA MET C 138 24.99 24.32 6.97
C MET C 138 25.49 24.91 5.65
N VAL C 139 24.58 25.48 4.87
CA VAL C 139 24.91 26.12 3.58
C VAL C 139 25.90 27.26 3.85
N ALA C 140 25.63 27.99 4.93
CA ALA C 140 26.42 29.17 5.24
C ALA C 140 27.83 28.76 5.65
N ALA C 141 27.94 27.68 6.46
CA ALA C 141 29.21 27.11 6.95
C ALA C 141 30.02 26.60 5.73
N CYS C 142 29.33 26.07 4.71
CA CYS C 142 30.05 25.61 3.48
C CYS C 142 30.70 26.80 2.77
N ARG C 143 29.90 27.81 2.52
CA ARG C 143 30.35 29.01 1.79
C ARG C 143 31.49 29.73 2.51
N ASP C 144 31.47 29.75 3.84
CA ASP C 144 32.52 30.40 4.63
C ASP C 144 33.85 29.74 4.35
N ALA C 145 33.81 28.41 4.09
CA ALA C 145 34.96 27.55 3.87
C ALA C 145 35.35 27.52 2.41
N GLY C 146 34.67 28.29 1.58
CA GLY C 146 34.91 28.31 0.13
C GLY C 146 34.45 27.03 -0.54
N VAL C 147 33.46 26.37 0.04
CA VAL C 147 32.85 25.20 -0.60
C VAL C 147 31.40 25.54 -0.96
N GLU C 148 31.08 25.43 -2.24
CA GLU C 148 29.69 25.54 -2.66
C GLU C 148 29.16 24.12 -2.59
N PRO C 149 28.20 23.85 -1.68
CA PRO C 149 27.65 22.51 -1.57
C PRO C 149 26.59 22.21 -2.64
N HIS C 150 26.42 20.92 -2.92
CA HIS C 150 25.27 20.46 -3.66
C HIS C 150 24.16 20.42 -2.64
N ILE C 151 23.07 21.11 -2.94
CA ILE C 151 21.87 21.22 -2.07
C ILE C 151 20.74 20.50 -2.80
N GLY C 152 20.20 19.44 -2.22
CA GLY C 152 19.01 18.87 -2.80
C GLY C 152 18.49 17.67 -2.05
N VAL C 153 17.94 16.74 -2.82
CA VAL C 153 17.23 15.54 -2.35
C VAL C 153 18.11 14.32 -2.34
N THR C 154 18.03 13.59 -1.23
CA THR C 154 18.84 12.39 -1.01
C THR C 154 18.00 11.13 -0.91
N ALA C 155 18.44 10.04 -1.55
CA ALA C 155 17.76 8.77 -1.34
C ALA C 155 18.27 8.09 -0.03
N SER C 156 17.39 7.86 0.98
CA SER C 156 17.87 7.38 2.27
C SER C 156 17.32 5.95 2.55
N SER C 157 18.26 5.01 2.53
CA SER C 157 17.99 3.58 2.36
C SER C 157 18.26 2.72 3.58
N ASP C 158 17.29 1.84 3.90
CA ASP C 158 17.50 0.77 4.88
C ASP C 158 18.55 -0.33 4.52
N THR C 159 19.04 -0.31 3.27
CA THR C 159 20.14 -1.25 2.93
C THR C 159 21.30 -0.52 2.25
N PHE C 160 22.48 -1.12 2.34
CA PHE C 160 23.68 -0.56 1.67
C PHE C 160 23.71 -1.22 0.30
N TYR C 161 23.24 -2.47 0.19
CA TYR C 161 23.41 -3.27 -1.06
C TYR C 161 22.20 -3.22 -2.03
N PRO C 162 21.16 -4.06 -1.83
CA PRO C 162 20.08 -4.08 -2.86
C PRO C 162 19.27 -2.78 -2.97
N GLY C 163 19.02 -2.12 -1.84
CA GLY C 163 18.23 -0.90 -1.93
C GLY C 163 18.96 0.31 -2.54
N GLN C 164 20.26 0.19 -2.78
CA GLN C 164 21.06 1.24 -3.46
C GLN C 164 21.45 0.65 -4.84
N GLU C 165 20.82 -0.47 -5.17
CA GLU C 165 21.02 -1.08 -6.52
C GLU C 165 22.48 -1.43 -6.80
N ARG C 166 23.16 -1.87 -5.74
CA ARG C 166 24.48 -2.53 -5.90
C ARG C 166 24.25 -3.99 -6.32
N TYR C 167 25.01 -4.46 -7.35
CA TYR C 167 24.91 -5.80 -7.82
C TYR C 167 26.14 -6.67 -7.58
N ASP C 168 27.20 -6.11 -7.03
CA ASP C 168 28.45 -6.86 -6.79
C ASP C 168 28.32 -7.55 -5.45
N THR C 169 27.41 -8.52 -5.37
CA THR C 169 27.04 -9.15 -4.13
C THR C 169 26.97 -10.65 -4.37
N VAL C 170 26.75 -11.41 -3.31
CA VAL C 170 26.77 -12.88 -3.43
C VAL C 170 25.79 -13.39 -4.51
N THR C 171 24.54 -12.93 -4.48
CA THR C 171 23.54 -13.38 -5.47
C THR C 171 23.55 -12.57 -6.76
N GLY C 172 24.05 -11.32 -6.72
CA GLY C 172 24.08 -10.44 -7.87
C GLY C 172 22.68 -10.05 -8.40
N ARG C 173 21.65 -10.21 -7.56
CA ARG C 173 20.24 -9.95 -7.92
C ARG C 173 19.73 -8.79 -7.07
N VAL C 174 18.81 -8.01 -7.61
CA VAL C 174 18.02 -7.05 -6.79
C VAL C 174 16.53 -7.29 -7.00
N THR C 175 15.79 -7.36 -5.88
CA THR C 175 14.35 -7.54 -5.91
C THR C 175 13.64 -6.50 -6.81
N ARG C 176 12.50 -6.92 -7.39
CA ARG C 176 11.78 -6.16 -8.42
C ARG C 176 11.56 -4.68 -8.01
N ARG C 177 11.09 -4.40 -6.80
CA ARG C 177 10.90 -2.99 -6.39
C ARG C 177 12.16 -2.07 -6.62
N PHE C 178 13.37 -2.62 -6.40
CA PHE C 178 14.58 -1.83 -6.41
C PHE C 178 15.36 -1.94 -7.73
N ALA C 179 14.91 -2.89 -8.58
CA ALA C 179 15.55 -3.03 -9.94
C ALA C 179 15.20 -1.81 -10.78
N GLY C 180 16.23 -1.13 -11.27
CA GLY C 180 16.10 0.10 -12.03
C GLY C 180 15.87 1.34 -11.16
N SER C 181 15.90 1.17 -9.83
CA SER C 181 15.55 2.31 -8.98
C SER C 181 16.60 3.44 -8.94
N MET C 182 17.90 3.14 -9.09
CA MET C 182 18.89 4.20 -9.17
C MET C 182 18.60 5.15 -10.35
N LYS C 183 18.30 4.59 -11.51
CA LYS C 183 17.91 5.43 -12.65
C LYS C 183 16.66 6.29 -12.37
N GLU C 184 15.65 5.72 -11.75
CA GLU C 184 14.52 6.58 -11.39
C GLU C 184 14.99 7.76 -10.49
N TRP C 185 15.74 7.53 -9.42
CA TRP C 185 16.21 8.68 -8.58
C TRP C 185 17.11 9.64 -9.37
N GLN C 186 17.99 9.06 -10.19
CA GLN C 186 18.79 9.89 -11.08
C GLN C 186 18.04 10.85 -11.95
N ASP C 187 17.05 10.31 -12.68
CA ASP C 187 16.21 11.08 -13.56
C ASP C 187 15.50 12.17 -12.81
N MET C 188 15.14 11.88 -11.55
CA MET C 188 14.43 12.85 -10.70
C MET C 188 15.32 13.94 -10.07
N GLY C 189 16.62 13.93 -10.35
CA GLY C 189 17.57 14.91 -9.84
C GLY C 189 18.12 14.57 -8.44
N VAL C 190 17.79 13.36 -7.93
CA VAL C 190 18.28 12.93 -6.64
C VAL C 190 19.84 12.89 -6.62
N LEU C 191 20.45 13.37 -5.57
CA LEU C 191 21.91 13.62 -5.60
C LEU C 191 22.77 12.44 -5.19
N ASN C 192 22.28 11.64 -4.24
CA ASN C 192 23.14 10.70 -3.51
C ASN C 192 22.31 9.71 -2.73
N TYR C 193 22.99 8.71 -2.18
CA TYR C 193 22.44 7.68 -1.23
C TYR C 193 23.13 7.80 0.12
N GLU C 194 22.34 7.76 1.19
CA GLU C 194 22.89 7.41 2.50
C GLU C 194 21.80 6.60 3.23
N MET C 195 21.99 6.44 4.56
CA MET C 195 21.20 5.43 5.30
C MET C 195 20.59 5.90 6.62
N GLU C 196 20.57 7.20 6.85
CA GLU C 196 19.94 7.71 8.13
C GLU C 196 19.02 8.92 8.05
N SER C 197 19.13 9.74 7.01
CA SER C 197 18.46 11.03 6.97
C SER C 197 16.92 10.96 6.94
N ALA C 198 16.32 9.95 6.28
CA ALA C 198 14.83 9.86 6.15
C ALA C 198 14.31 9.66 7.59
N THR C 199 14.90 8.73 8.31
CA THR C 199 14.40 8.45 9.68
C THR C 199 14.61 9.71 10.54
N LEU C 200 15.84 10.22 10.56
CA LEU C 200 16.15 11.42 11.35
C LEU C 200 15.20 12.58 11.04
N PHE C 201 15.04 12.91 9.75
CA PHE C 201 14.19 14.09 9.42
C PHE C 201 12.71 13.90 9.79
N THR C 202 12.18 12.70 9.55
CA THR C 202 10.76 12.47 9.81
C THR C 202 10.56 12.48 11.32
N MET C 203 11.43 11.80 12.06
CA MET C 203 11.20 11.77 13.52
C MET C 203 11.34 13.13 14.17
N CYS C 204 12.27 13.93 13.66
CA CYS C 204 12.45 15.28 14.19
C CYS C 204 11.30 16.19 13.80
N ALA C 205 10.85 16.19 12.53
CA ALA C 205 9.76 17.11 12.17
C ALA C 205 8.48 16.81 12.94
N THR C 206 8.20 15.55 13.16
CA THR C 206 6.93 15.18 13.78
C THR C 206 6.95 15.38 15.28
N GLN C 207 8.15 15.32 15.88
CA GLN C 207 8.27 15.44 17.35
C GLN C 207 8.62 16.85 17.83
N GLY C 208 8.84 17.78 16.91
CA GLY C 208 9.17 19.17 17.28
C GLY C 208 10.64 19.49 17.54
N TRP C 209 11.55 18.71 16.95
CA TRP C 209 13.01 18.96 17.03
C TRP C 209 13.52 19.41 15.66
N ARG C 210 14.71 20.02 15.66
CA ARG C 210 15.23 20.53 14.40
C ARG C 210 16.26 19.57 13.94
N ALA C 211 16.40 19.39 12.62
CA ALA C 211 17.49 18.49 12.20
C ALA C 211 18.05 18.95 10.88
N ALA C 212 19.28 18.51 10.59
CA ALA C 212 19.92 18.77 9.25
C ALA C 212 20.91 17.72 8.90
N CYS C 213 21.44 17.70 7.65
CA CYS C 213 22.37 16.59 7.27
C CYS C 213 23.38 17.11 6.25
N VAL C 214 24.66 16.97 6.57
CA VAL C 214 25.78 17.22 5.60
C VAL C 214 26.60 15.93 5.52
N ALA C 215 27.15 15.60 4.32
CA ALA C 215 27.92 14.37 4.18
C ALA C 215 28.93 14.57 3.09
N GLY C 216 30.08 13.95 3.24
CA GLY C 216 31.12 13.97 2.18
C GLY C 216 30.96 12.82 1.23
N VAL C 217 31.12 13.08 -0.07
CA VAL C 217 31.03 11.98 -1.06
C VAL C 217 32.31 11.13 -0.98
N ILE C 218 32.12 9.81 -0.89
CA ILE C 218 33.23 8.84 -0.83
C ILE C 218 33.28 7.99 -2.12
N VAL C 219 32.23 8.05 -2.90
CA VAL C 219 32.16 7.30 -4.16
C VAL C 219 31.13 7.93 -5.09
N ASN C 220 31.37 7.88 -6.40
CA ASN C 220 30.33 8.27 -7.34
C ASN C 220 29.88 6.99 -8.04
N ARG C 221 28.58 6.69 -7.96
CA ARG C 221 28.01 5.39 -8.35
C ARG C 221 27.87 5.30 -9.87
N THR C 222 28.08 6.42 -10.56
CA THR C 222 28.11 6.39 -12.03
C THR C 222 29.43 5.81 -12.51
N GLN C 223 30.39 5.74 -11.57
CA GLN C 223 31.83 5.30 -11.72
C GLN C 223 32.12 3.89 -11.10
N GLN C 224 31.72 3.70 -9.83
CA GLN C 224 32.12 2.58 -9.04
C GLN C 224 31.02 2.28 -8.05
N GLU C 225 30.85 0.99 -7.74
CA GLU C 225 30.00 0.59 -6.62
C GLU C 225 30.56 0.86 -5.27
N ILE C 226 31.88 0.64 -5.07
CA ILE C 226 32.54 0.92 -3.80
C ILE C 226 33.91 1.54 -4.12
N PRO C 227 34.38 2.46 -3.30
CA PRO C 227 35.69 3.10 -3.57
C PRO C 227 36.83 2.10 -3.42
N ASP C 228 37.92 2.36 -4.14
CA ASP C 228 39.12 1.60 -4.00
C ASP C 228 40.32 2.54 -4.09
N GLU C 229 41.53 1.99 -4.20
CA GLU C 229 42.70 2.89 -4.16
C GLU C 229 42.82 3.83 -5.35
N ALA C 230 42.01 3.59 -6.39
CA ALA C 230 42.01 4.45 -7.61
C ALA C 230 41.09 5.67 -7.45
N THR C 231 40.16 5.60 -6.51
CA THR C 231 39.21 6.70 -6.32
C THR C 231 39.94 7.94 -5.84
N MET C 232 39.46 9.10 -6.25
CA MET C 232 40.05 10.37 -5.79
C MET C 232 40.14 10.38 -4.26
N LYS C 233 41.23 10.98 -3.77
CA LYS C 233 41.53 11.13 -2.34
C LYS C 233 40.48 11.95 -1.59
N VAL C 237 37.67 20.35 1.94
CA VAL C 237 37.10 20.78 3.23
C VAL C 237 36.17 19.69 3.78
N SER C 238 36.52 19.18 4.96
CA SER C 238 35.80 18.08 5.57
C SER C 238 34.37 18.49 5.97
N ALA C 239 33.45 17.53 5.84
CA ALA C 239 32.09 17.66 6.33
C ALA C 239 32.07 17.83 7.84
N VAL C 240 32.97 17.16 8.56
CA VAL C 240 33.10 17.34 10.02
C VAL C 240 33.44 18.79 10.39
N SER C 241 34.27 19.45 9.59
CA SER C 241 34.57 20.86 9.94
C SER C 241 33.37 21.81 9.69
N ILE C 242 32.56 21.45 8.70
CA ILE C 242 31.39 22.20 8.29
C ILE C 242 30.32 22.08 9.39
N VAL C 243 30.12 20.87 9.91
CA VAL C 243 29.02 20.69 10.85
C VAL C 243 29.35 21.41 12.15
N VAL C 244 30.62 21.43 12.54
CA VAL C 244 31.09 22.13 13.77
C VAL C 244 30.88 23.64 13.53
N ALA C 245 31.24 24.18 12.36
CA ALA C 245 30.97 25.60 12.03
C ALA C 245 29.44 25.96 12.05
N ALA C 246 28.63 25.03 11.57
CA ALA C 246 27.20 25.19 11.50
C ALA C 246 26.68 25.26 12.95
N ALA C 247 27.19 24.36 13.81
CA ALA C 247 26.72 24.31 15.20
C ALA C 247 27.01 25.64 15.91
N LYS C 248 28.20 26.18 15.66
CA LYS C 248 28.60 27.48 16.23
C LYS C 248 27.59 28.56 15.85
N LYS C 249 27.23 28.62 14.57
CA LYS C 249 26.20 29.57 14.07
C LYS C 249 24.84 29.42 14.75
N LEU C 250 24.37 28.17 14.89
CA LEU C 250 23.07 27.98 15.49
C LEU C 250 23.04 28.36 16.98
N LEU C 251 24.13 28.15 17.67
CA LEU C 251 24.16 28.42 19.10
C LEU C 251 24.64 29.83 19.40
N ALA C 252 24.98 30.60 18.39
CA ALA C 252 25.31 32.02 18.56
C ALA C 252 24.03 32.82 18.71
N ALA D 2 41.26 -5.24 3.62
CA ALA D 2 40.10 -6.18 3.77
C ALA D 2 39.56 -6.62 2.40
N ASP D 3 38.75 -7.67 2.40
CA ASP D 3 38.06 -8.22 1.23
C ASP D 3 36.64 -7.67 1.16
N VAL D 4 36.14 -7.14 2.28
CA VAL D 4 34.80 -6.56 2.34
C VAL D 4 34.91 -5.10 2.81
N PHE D 5 33.89 -4.31 2.56
CA PHE D 5 33.93 -2.86 2.73
C PHE D 5 33.71 -2.31 4.15
N HIS D 6 32.99 -3.05 5.00
CA HIS D 6 32.74 -2.59 6.38
C HIS D 6 33.41 -3.41 7.51
N LEU D 7 33.40 -4.73 7.38
CA LEU D 7 33.73 -5.60 8.52
C LEU D 7 35.23 -5.66 8.87
N GLY D 8 36.07 -5.33 7.89
CA GLY D 8 37.53 -5.31 8.11
C GLY D 8 38.11 -6.71 8.14
N LEU D 9 37.43 -7.65 7.49
CA LEU D 9 37.77 -9.06 7.59
C LEU D 9 38.20 -9.53 6.20
N THR D 10 39.15 -10.48 6.14
CA THR D 10 39.45 -11.19 4.88
C THR D 10 38.93 -12.64 4.96
N LYS D 11 38.86 -13.33 3.82
CA LYS D 11 38.41 -14.72 3.84
C LYS D 11 39.33 -15.59 4.73
N ALA D 12 40.63 -15.42 4.60
CA ALA D 12 41.60 -16.21 5.38
C ALA D 12 41.38 -16.12 6.90
N MET D 13 40.99 -14.93 7.36
CA MET D 13 40.81 -14.72 8.79
C MET D 13 39.71 -15.63 9.38
N LEU D 14 38.76 -16.07 8.54
CA LEU D 14 37.69 -16.95 9.00
C LEU D 14 38.11 -18.43 9.08
N ASP D 15 39.29 -18.79 8.53
CA ASP D 15 39.86 -20.16 8.60
C ASP D 15 38.90 -21.25 8.10
N GLY D 16 38.11 -20.88 7.09
CA GLY D 16 37.09 -21.72 6.46
C GLY D 16 35.72 -21.76 7.14
N ALA D 17 35.49 -20.88 8.13
CA ALA D 17 34.18 -20.89 8.82
C ALA D 17 33.01 -20.67 7.91
N THR D 18 31.93 -21.41 8.14
CA THR D 18 30.71 -21.28 7.32
C THR D 18 29.44 -20.97 8.14
N LEU D 19 29.62 -20.86 9.45
CA LEU D 19 28.50 -20.59 10.38
C LEU D 19 28.93 -19.41 11.24
N ALA D 20 28.02 -18.45 11.39
CA ALA D 20 28.29 -17.24 12.17
C ALA D 20 27.27 -17.17 13.35
N ILE D 21 27.73 -16.77 14.53
CA ILE D 21 26.81 -16.34 15.60
C ILE D 21 26.81 -14.81 15.51
N VAL D 22 25.61 -14.24 15.41
CA VAL D 22 25.42 -12.80 15.20
C VAL D 22 24.58 -12.15 16.31
N PRO D 23 25.25 -11.79 17.42
CA PRO D 23 24.57 -11.03 18.48
C PRO D 23 24.37 -9.57 18.01
N GLY D 24 23.40 -8.88 18.58
CA GLY D 24 23.21 -7.44 18.23
C GLY D 24 24.27 -6.51 18.76
N ASP D 25 24.83 -6.82 19.92
CA ASP D 25 25.71 -5.93 20.62
C ASP D 25 27.23 -6.31 20.44
N PRO D 26 28.07 -5.38 19.90
CA PRO D 26 29.54 -5.64 19.80
C PRO D 26 30.20 -6.04 21.13
N GLU D 27 29.65 -5.56 22.23
CA GLU D 27 30.21 -5.86 23.55
C GLU D 27 29.96 -7.29 24.05
N ARG D 28 29.07 -8.07 23.40
CA ARG D 28 28.80 -9.45 23.83
C ARG D 28 29.67 -10.48 23.08
N VAL D 29 30.35 -10.01 22.04
CA VAL D 29 31.01 -10.91 21.06
C VAL D 29 32.10 -11.73 21.71
N LYS D 30 32.95 -11.07 22.51
CA LYS D 30 34.03 -11.74 23.19
C LYS D 30 33.53 -12.89 24.06
N ARG D 31 32.57 -12.59 24.92
CA ARG D 31 32.01 -13.55 25.84
C ARG D 31 31.50 -14.81 25.13
N ILE D 32 30.79 -14.63 24.02
CA ILE D 32 30.23 -15.73 23.23
C ILE D 32 31.42 -16.53 22.74
N ALA D 33 32.35 -15.82 22.06
CA ALA D 33 33.56 -16.48 21.50
C ALA D 33 34.29 -17.37 22.54
N GLU D 34 34.50 -16.82 23.74
CA GLU D 34 35.20 -17.49 24.81
C GLU D 34 34.46 -18.73 25.41
N LEU D 35 33.23 -18.99 24.97
CA LEU D 35 32.48 -20.23 25.34
C LEU D 35 32.92 -21.38 24.46
N MET D 36 33.61 -21.03 23.39
CA MET D 36 34.22 -22.02 22.52
C MET D 36 35.73 -22.09 22.64
N ASP D 37 36.38 -22.86 21.76
CA ASP D 37 37.87 -23.00 21.85
C ASP D 37 38.75 -22.01 21.08
N ASN D 38 39.92 -21.71 21.65
CA ASN D 38 40.89 -20.87 21.00
C ASN D 38 40.31 -19.54 20.48
N ALA D 39 39.46 -18.88 21.29
CA ALA D 39 38.89 -17.60 20.96
C ALA D 39 39.95 -16.55 20.58
N THR D 40 39.74 -15.87 19.47
CA THR D 40 40.69 -14.91 18.93
C THR D 40 39.97 -13.66 18.36
N PHE D 41 40.38 -12.48 18.82
CA PHE D 41 39.90 -11.25 18.25
C PHE D 41 40.30 -11.13 16.74
N LEU D 42 39.32 -10.78 15.93
CA LEU D 42 39.56 -10.53 14.48
C LEU D 42 39.64 -9.05 14.19
N ALA D 43 38.52 -8.34 14.34
CA ALA D 43 38.47 -6.95 13.94
C ALA D 43 37.39 -6.18 14.66
N SER D 44 37.51 -4.85 14.65
CA SER D 44 36.38 -4.02 15.18
C SER D 44 36.32 -2.71 14.43
N HIS D 45 35.20 -2.53 13.72
CA HIS D 45 34.94 -1.32 12.96
C HIS D 45 33.49 -0.96 13.10
N ARG D 46 33.23 0.33 13.37
CA ARG D 46 31.84 0.75 13.55
C ARG D 46 31.21 -0.24 14.56
N GLU D 47 29.97 -0.62 14.33
CA GLU D 47 29.21 -1.52 15.24
C GLU D 47 29.62 -2.99 15.08
N TYR D 48 30.58 -3.27 14.17
CA TYR D 48 30.93 -4.64 13.85
C TYR D 48 32.19 -5.12 14.56
N THR D 49 32.05 -5.81 15.70
CA THR D 49 33.13 -6.52 16.40
C THR D 49 33.07 -8.03 16.02
N SER D 50 34.23 -8.62 15.66
CA SER D 50 34.29 -10.00 15.18
C SER D 50 35.39 -10.75 15.91
N TYR D 51 35.07 -12.00 16.28
CA TYR D 51 36.00 -12.96 16.83
C TYR D 51 35.91 -14.25 16.02
N LEU D 52 36.95 -15.04 16.17
CA LEU D 52 36.93 -16.46 15.72
C LEU D 52 37.04 -17.38 16.92
N ALA D 53 36.31 -18.50 16.89
CA ALA D 53 36.56 -19.58 17.86
C ALA D 53 36.28 -20.93 17.20
N TYR D 54 36.47 -22.00 17.96
CA TYR D 54 36.43 -23.39 17.46
C TYR D 54 35.46 -24.21 18.29
N ALA D 55 34.48 -24.79 17.60
CA ALA D 55 33.43 -25.56 18.27
C ALA D 55 33.78 -26.96 17.88
N ASP D 56 34.20 -27.76 18.86
CA ASP D 56 34.53 -29.17 18.60
C ASP D 56 35.45 -29.28 17.38
N GLY D 57 36.34 -28.30 17.23
CA GLY D 57 37.38 -28.31 16.20
C GLY D 57 37.02 -27.62 14.92
N LYS D 58 35.77 -27.18 14.79
CA LYS D 58 35.46 -26.41 13.58
C LYS D 58 35.35 -24.90 13.80
N PRO D 59 35.87 -24.11 12.85
CA PRO D 59 35.82 -22.65 13.02
C PRO D 59 34.41 -22.04 12.99
N VAL D 60 34.16 -21.11 13.90
CA VAL D 60 32.91 -20.37 14.00
C VAL D 60 33.27 -18.92 14.00
N VAL D 61 32.62 -18.13 13.17
CA VAL D 61 32.81 -16.65 13.28
C VAL D 61 31.71 -16.08 14.22
N ILE D 62 32.10 -15.14 15.09
CA ILE D 62 31.12 -14.41 15.94
C ILE D 62 31.23 -12.96 15.56
N CYS D 63 30.14 -12.38 15.07
CA CYS D 63 30.18 -10.98 14.64
C CYS D 63 28.92 -10.26 15.02
N SER D 64 29.03 -9.08 15.63
CA SER D 64 27.90 -8.22 15.87
C SER D 64 27.21 -7.61 14.64
N THR D 65 25.92 -7.34 14.81
CA THR D 65 25.15 -6.76 13.71
C THR D 65 24.84 -5.28 13.97
N GLY D 66 24.94 -4.83 15.23
CA GLY D 66 24.31 -3.54 15.52
C GLY D 66 22.81 -3.77 15.69
N ILE D 67 22.15 -2.72 16.24
CA ILE D 67 20.71 -2.65 16.29
C ILE D 67 20.09 -2.29 14.96
N GLY D 68 19.25 -3.21 14.51
CA GLY D 68 18.30 -2.94 13.50
C GLY D 68 18.68 -3.57 12.17
N GLY D 69 17.67 -3.69 11.34
CA GLY D 69 17.89 -4.37 10.04
C GLY D 69 18.95 -3.81 9.12
N PRO D 70 19.08 -2.45 9.05
CA PRO D 70 20.02 -1.94 8.03
C PRO D 70 21.45 -2.32 8.40
N SER D 71 21.84 -2.14 9.65
CA SER D 71 23.19 -2.65 10.06
C SER D 71 23.35 -4.20 9.91
N THR D 72 22.26 -4.93 10.19
CA THR D 72 22.24 -6.40 10.20
C THR D 72 22.53 -6.79 8.73
N SER D 73 21.88 -6.10 7.83
CA SER D 73 21.95 -6.42 6.41
C SER D 73 23.30 -6.31 5.80
N ILE D 74 24.03 -5.26 6.18
CA ILE D 74 25.47 -5.19 5.82
C ILE D 74 26.31 -6.36 6.39
N ALA D 75 26.17 -6.69 7.68
CA ALA D 75 27.00 -7.76 8.27
C ALA D 75 26.77 -9.11 7.58
N VAL D 76 25.49 -9.40 7.31
CA VAL D 76 25.06 -10.71 6.81
C VAL D 76 25.60 -10.79 5.38
N GLU D 77 25.37 -9.73 4.57
CA GLU D 77 25.90 -9.76 3.17
C GLU D 77 27.43 -10.00 3.12
N GLU D 78 28.17 -9.21 3.91
CA GLU D 78 29.66 -9.25 3.94
C GLU D 78 30.20 -10.54 4.49
N LEU D 79 29.56 -11.06 5.54
CA LEU D 79 29.94 -12.41 5.95
C LEU D 79 29.73 -13.47 4.88
N ALA D 80 28.66 -13.34 4.09
CA ALA D 80 28.33 -14.36 3.12
C ALA D 80 29.37 -14.20 1.99
N GLN D 81 29.82 -12.98 1.78
CA GLN D 81 30.87 -12.73 0.68
C GLN D 81 32.16 -13.53 0.99
N LEU D 82 32.31 -13.86 2.27
CA LEU D 82 33.50 -14.53 2.82
C LEU D 82 33.30 -16.03 3.06
N GLY D 83 32.16 -16.55 2.61
CA GLY D 83 31.72 -17.96 2.71
C GLY D 83 30.81 -18.45 3.84
N VAL D 84 30.32 -17.54 4.68
CA VAL D 84 29.32 -17.98 5.68
C VAL D 84 27.93 -18.24 5.03
N ASN D 85 27.28 -19.34 5.40
CA ASN D 85 26.01 -19.70 4.85
C ASN D 85 24.93 -19.90 5.90
N THR D 86 25.30 -19.74 7.17
CA THR D 86 24.35 -20.06 8.27
C THR D 86 24.53 -18.99 9.34
N PHE D 87 23.40 -18.36 9.76
CA PHE D 87 23.48 -17.18 10.65
C PHE D 87 22.58 -17.43 11.86
N LEU D 88 23.19 -17.60 13.03
CA LEU D 88 22.45 -17.81 14.29
C LEU D 88 22.44 -16.55 15.15
N ARG D 89 21.30 -15.91 15.17
CA ARG D 89 21.13 -14.63 15.91
C ARG D 89 20.92 -15.03 17.35
N VAL D 90 21.67 -14.33 18.23
CA VAL D 90 21.41 -14.37 19.69
C VAL D 90 21.13 -12.95 20.20
N GLY D 91 20.03 -12.72 20.92
CA GLY D 91 19.67 -11.31 21.23
C GLY D 91 18.95 -11.26 22.57
N THR D 92 18.38 -10.08 22.86
CA THR D 92 17.54 -9.80 24.04
C THR D 92 16.17 -9.33 23.52
N THR D 93 15.11 -9.35 24.36
CA THR D 93 13.73 -9.15 23.83
C THR D 93 12.75 -8.76 24.96
N GLY D 94 11.71 -8.01 24.64
CA GLY D 94 10.60 -7.67 25.60
C GLY D 94 9.43 -8.60 25.29
N ALA D 95 9.09 -9.46 26.27
CA ALA D 95 7.90 -10.35 26.19
C ALA D 95 6.60 -9.55 26.19
N ILE D 96 5.65 -9.90 25.32
CA ILE D 96 4.36 -9.25 25.34
C ILE D 96 3.17 -10.09 25.81
N GLN D 97 3.42 -11.34 26.16
CA GLN D 97 2.39 -12.22 26.74
C GLN D 97 2.59 -12.24 28.24
N PRO D 98 1.47 -12.18 29.00
CA PRO D 98 1.64 -11.98 30.46
C PRO D 98 2.41 -12.99 31.28
N HIS D 99 2.60 -14.24 30.82
CA HIS D 99 3.30 -15.22 31.63
C HIS D 99 4.55 -15.81 30.93
N VAL D 100 5.04 -15.08 29.94
CA VAL D 100 6.40 -15.27 29.43
C VAL D 100 7.30 -14.39 30.28
N ASN D 101 8.02 -15.03 31.18
CA ASN D 101 8.69 -14.31 32.25
C ASN D 101 10.11 -13.84 31.96
N VAL D 102 10.51 -12.77 32.66
CA VAL D 102 11.88 -12.30 32.57
C VAL D 102 12.86 -13.46 32.88
N GLY D 103 13.88 -13.60 32.03
CA GLY D 103 14.81 -14.73 32.10
C GLY D 103 14.49 -15.99 31.28
N ASP D 104 13.28 -16.11 30.73
CA ASP D 104 12.92 -17.23 29.83
C ASP D 104 13.67 -16.98 28.51
N VAL D 105 13.71 -18.01 27.66
CA VAL D 105 14.26 -17.89 26.30
C VAL D 105 13.12 -17.99 25.28
N ILE D 106 13.25 -17.23 24.18
CA ILE D 106 12.28 -17.31 23.11
C ILE D 106 12.98 -17.67 21.79
N VAL D 107 12.54 -18.76 21.14
CA VAL D 107 13.08 -19.15 19.81
C VAL D 107 12.08 -18.63 18.80
N THR D 108 12.53 -17.67 17.99
CA THR D 108 11.67 -17.10 16.97
C THR D 108 11.56 -17.96 15.73
N GLN D 109 10.37 -18.47 15.47
CA GLN D 109 10.18 -19.24 14.24
C GLN D 109 9.86 -18.38 13.01
N ALA D 110 9.18 -17.25 13.20
CA ALA D 110 8.88 -16.35 12.10
C ALA D 110 8.56 -14.96 12.67
N SER D 111 8.56 -13.96 11.82
CA SER D 111 8.49 -12.55 12.33
C SER D 111 7.48 -11.65 11.68
N VAL D 112 6.69 -10.90 12.47
CA VAL D 112 5.94 -9.81 11.88
C VAL D 112 6.96 -8.78 11.32
N ARG D 113 6.78 -8.45 10.02
CA ARG D 113 7.75 -7.60 9.32
C ARG D 113 7.48 -6.07 9.57
N LEU D 114 7.91 -5.58 10.72
CA LEU D 114 7.74 -4.17 11.05
C LEU D 114 9.00 -3.40 10.83
N ASP D 115 9.73 -3.80 9.79
CA ASP D 115 11.00 -3.18 9.44
C ASP D 115 10.90 -2.70 8.01
N GLY D 116 11.90 -1.94 7.53
CA GLY D 116 11.90 -1.65 6.09
C GLY D 116 12.97 -2.46 5.30
N ALA D 117 14.03 -2.93 5.94
CA ALA D 117 15.14 -3.63 5.17
C ALA D 117 14.63 -4.94 4.52
N SER D 118 13.70 -5.62 5.16
CA SER D 118 13.13 -6.87 4.58
C SER D 118 12.51 -6.64 3.19
N LEU D 119 11.95 -5.46 2.93
CA LEU D 119 11.28 -5.14 1.64
C LEU D 119 12.34 -4.94 0.56
N HIS D 120 13.61 -4.85 0.96
CA HIS D 120 14.72 -4.64 0.03
C HIS D 120 15.18 -5.98 -0.52
N PHE D 121 14.57 -7.05 0.00
CA PHE D 121 14.79 -8.43 -0.42
C PHE D 121 13.56 -9.15 -1.01
N ALA D 122 12.34 -8.82 -0.57
CA ALA D 122 11.13 -9.37 -1.16
C ALA D 122 9.97 -8.56 -0.67
N PRO D 123 8.89 -8.55 -1.45
CA PRO D 123 7.67 -7.85 -1.13
C PRO D 123 7.11 -8.43 0.16
N MET D 124 6.34 -7.59 0.80
CA MET D 124 5.79 -7.92 2.11
C MET D 124 5.06 -9.25 2.19
N GLU D 125 4.44 -9.73 1.10
CA GLU D 125 3.74 -11.04 1.11
C GLU D 125 4.65 -12.24 1.40
N PHE D 126 5.96 -12.09 1.18
CA PHE D 126 6.87 -13.13 1.50
C PHE D 126 7.02 -13.31 3.02
N PRO D 127 6.98 -14.55 3.53
CA PRO D 127 7.11 -14.71 5.00
C PRO D 127 8.54 -14.59 5.52
N ALA D 128 8.68 -13.89 6.64
CA ALA D 128 9.98 -13.78 7.34
C ALA D 128 10.17 -14.95 8.24
N VAL D 129 10.66 -16.05 7.69
CA VAL D 129 10.57 -17.32 8.39
C VAL D 129 11.98 -17.86 8.54
N ALA D 130 12.23 -18.52 9.65
CA ALA D 130 13.56 -19.05 9.98
C ALA D 130 13.79 -20.39 9.23
N ASN D 131 15.06 -20.78 9.13
CA ASN D 131 15.39 -22.11 8.62
C ASN D 131 14.95 -23.20 9.59
N PHE D 132 14.22 -24.19 9.04
CA PHE D 132 13.67 -25.32 9.84
C PHE D 132 14.70 -26.12 10.63
N GLU D 133 15.77 -26.55 9.97
CA GLU D 133 16.88 -27.21 10.64
C GLU D 133 17.55 -26.42 11.77
N CYS D 134 17.74 -25.09 11.60
CA CYS D 134 18.49 -24.31 12.60
C CYS D 134 17.53 -24.08 13.78
N THR D 135 16.25 -23.92 13.46
CA THR D 135 15.24 -23.68 14.54
C THR D 135 15.13 -24.96 15.34
N THR D 136 15.05 -26.08 14.63
CA THR D 136 15.11 -27.38 15.28
C THR D 136 16.32 -27.59 16.21
N ALA D 137 17.51 -27.14 15.79
CA ALA D 137 18.70 -27.26 16.66
C ALA D 137 18.64 -26.38 17.91
N MET D 138 18.12 -25.16 17.76
CA MET D 138 17.88 -24.23 18.87
C MET D 138 16.91 -24.84 19.86
N VAL D 139 15.76 -25.31 19.37
CA VAL D 139 14.77 -25.97 20.28
C VAL D 139 15.46 -27.12 21.04
N ALA D 140 16.24 -27.93 20.31
CA ALA D 140 16.84 -29.07 20.92
C ALA D 140 17.85 -28.61 21.99
N ALA D 141 18.56 -27.50 21.71
CA ALA D 141 19.58 -26.97 22.63
C ALA D 141 18.87 -26.51 23.93
N CYS D 142 17.68 -25.90 23.80
CA CYS D 142 16.87 -25.46 24.99
C CYS D 142 16.46 -26.65 25.87
N ARG D 143 16.02 -27.72 25.21
CA ARG D 143 15.55 -28.89 25.96
C ARG D 143 16.68 -29.67 26.63
N ASP D 144 17.84 -29.77 25.96
CA ASP D 144 19.01 -30.36 26.58
C ASP D 144 19.30 -29.62 27.89
N ALA D 145 19.20 -28.28 27.86
CA ALA D 145 19.44 -27.38 29.01
C ALA D 145 18.28 -27.32 30.05
N GLY D 146 17.22 -28.08 29.80
CA GLY D 146 16.09 -28.15 30.73
C GLY D 146 15.17 -26.94 30.67
N VAL D 147 15.23 -26.18 29.59
CA VAL D 147 14.40 -25.00 29.43
C VAL D 147 13.41 -25.34 28.33
N GLU D 148 12.12 -25.30 28.63
CA GLU D 148 11.16 -25.44 27.56
C GLU D 148 11.05 -24.07 26.95
N PRO D 149 11.48 -23.90 25.66
CA PRO D 149 11.38 -22.59 25.11
C PRO D 149 9.96 -22.25 24.65
N HIS D 150 9.79 -20.97 24.44
CA HIS D 150 8.58 -20.45 23.86
C HIS D 150 8.87 -20.26 22.38
N ILE D 151 8.26 -21.10 21.56
CA ILE D 151 8.49 -21.10 20.12
C ILE D 151 7.30 -20.39 19.52
N GLY D 152 7.56 -19.34 18.76
CA GLY D 152 6.48 -18.78 17.99
C GLY D 152 6.85 -17.54 17.22
N VAL D 153 5.89 -16.65 17.12
CA VAL D 153 5.99 -15.49 16.29
C VAL D 153 6.40 -14.27 17.07
N THR D 154 7.23 -13.48 16.41
CA THR D 154 7.93 -12.32 17.06
C THR D 154 7.69 -11.04 16.23
N ALA D 155 7.33 -9.92 16.89
CA ALA D 155 7.14 -8.67 16.15
C ALA D 155 8.52 -7.98 16.04
N SER D 156 9.01 -7.71 14.82
CA SER D 156 10.40 -7.26 14.65
C SER D 156 10.39 -5.86 14.06
N SER D 157 10.79 -4.90 14.90
CA SER D 157 10.47 -3.48 14.68
C SER D 157 11.68 -2.63 14.31
N ASP D 158 11.51 -1.72 13.33
CA ASP D 158 12.53 -0.72 13.02
C ASP D 158 12.69 0.35 14.14
N THR D 159 11.83 0.33 15.18
CA THR D 159 12.08 1.24 16.29
C THR D 159 11.92 0.52 17.63
N PHE D 160 12.55 1.11 18.67
CA PHE D 160 12.45 0.57 20.04
C PHE D 160 11.30 1.27 20.75
N TYR D 161 11.07 2.53 20.42
CA TYR D 161 9.95 3.30 21.06
C TYR D 161 8.49 3.24 20.42
N PRO D 162 8.22 4.07 19.42
CA PRO D 162 6.80 4.09 18.90
C PRO D 162 6.34 2.78 18.24
N GLY D 163 7.23 2.11 17.50
CA GLY D 163 6.86 0.84 16.88
C GLY D 163 6.63 -0.35 17.79
N GLN D 164 7.09 -0.24 19.05
CA GLN D 164 6.82 -1.20 20.10
C GLN D 164 5.79 -0.57 21.08
N GLU D 165 5.08 0.44 20.61
CA GLU D 165 4.04 1.15 21.42
C GLU D 165 4.46 1.51 22.86
N ARG D 166 5.68 2.05 22.97
CA ARG D 166 6.18 2.68 24.20
C ARG D 166 5.76 4.16 24.21
N TYR D 167 5.20 4.58 25.36
CA TYR D 167 4.66 5.87 25.57
C TYR D 167 5.44 6.74 26.56
N ASP D 168 6.37 6.11 27.30
CA ASP D 168 7.22 6.86 28.24
C ASP D 168 8.35 7.59 27.47
N THR D 169 7.91 8.51 26.62
CA THR D 169 8.82 9.19 25.70
C THR D 169 8.65 10.71 25.74
N VAL D 170 9.43 11.47 24.94
CA VAL D 170 9.38 12.94 25.02
C VAL D 170 7.98 13.47 24.70
N THR D 171 7.40 13.02 23.59
CA THR D 171 6.06 13.45 23.20
C THR D 171 4.92 12.61 23.86
N GLY D 172 5.21 11.39 24.30
CA GLY D 172 4.23 10.40 24.82
C GLY D 172 3.08 10.09 23.85
N ARG D 173 3.36 10.16 22.56
CA ARG D 173 2.38 9.84 21.51
C ARG D 173 2.97 8.79 20.56
N VAL D 174 2.10 8.02 19.93
CA VAL D 174 2.55 7.05 18.91
C VAL D 174 1.65 7.31 17.70
N THR D 175 2.24 7.33 16.49
CA THR D 175 1.52 7.54 15.26
C THR D 175 0.39 6.52 15.09
N ARG D 176 -0.61 6.95 14.32
CA ARG D 176 -1.87 6.21 14.15
C ARG D 176 -1.62 4.71 13.82
N ARG D 177 -0.79 4.42 12.83
CA ARG D 177 -0.49 3.05 12.53
C ARG D 177 -0.07 2.13 13.70
N PHE D 178 0.67 2.64 14.70
CA PHE D 178 1.16 1.83 15.77
C PHE D 178 0.35 2.05 17.05
N ALA D 179 -0.63 2.95 17.01
CA ALA D 179 -1.52 3.13 18.24
C ALA D 179 -2.46 1.90 18.34
N GLY D 180 -2.41 1.19 19.47
CA GLY D 180 -3.18 -0.05 19.71
C GLY D 180 -2.52 -1.28 19.08
N SER D 181 -1.36 -1.06 18.45
CA SER D 181 -0.71 -2.17 17.77
C SER D 181 -0.25 -3.31 18.70
N MET D 182 0.26 -2.98 19.89
CA MET D 182 0.70 -4.02 20.82
C MET D 182 -0.44 -5.00 21.15
N LYS D 183 -1.64 -4.45 21.35
CA LYS D 183 -2.82 -5.25 21.68
C LYS D 183 -3.15 -6.17 20.48
N GLU D 184 -3.00 -5.60 19.29
CA GLU D 184 -3.19 -6.40 18.05
C GLU D 184 -2.26 -7.61 18.04
N TRP D 185 -0.97 -7.41 18.28
CA TRP D 185 -0.04 -8.56 18.25
C TRP D 185 -0.31 -9.51 19.43
N GLN D 186 -0.59 -8.96 20.61
CA GLN D 186 -0.95 -9.79 21.76
C GLN D 186 -2.14 -10.72 21.51
N ASP D 187 -3.22 -10.17 20.92
CA ASP D 187 -4.42 -10.96 20.57
C ASP D 187 -4.10 -12.08 19.57
N MET D 188 -3.18 -11.81 18.64
CA MET D 188 -2.70 -12.81 17.65
C MET D 188 -1.69 -13.86 18.16
N GLY D 189 -1.41 -13.91 19.47
CA GLY D 189 -0.47 -14.81 20.00
C GLY D 189 1.04 -14.55 19.82
N VAL D 190 1.41 -13.34 19.29
CA VAL D 190 2.82 -12.93 19.13
C VAL D 190 3.52 -12.85 20.51
N LEU D 191 4.72 -13.35 20.60
CA LEU D 191 5.32 -13.55 21.96
C LEU D 191 6.09 -12.36 22.51
N ASN D 192 6.64 -11.54 21.62
CA ASN D 192 7.72 -10.61 21.98
C ASN D 192 8.02 -9.62 20.85
N TYR D 193 8.78 -8.58 21.24
CA TYR D 193 9.43 -7.65 20.29
C TYR D 193 10.94 -7.79 20.31
N GLU D 194 11.56 -7.77 19.10
CA GLU D 194 13.00 -7.42 18.96
C GLU D 194 13.21 -6.63 17.64
N MET D 195 14.47 -6.48 17.20
CA MET D 195 14.70 -5.44 16.18
C MET D 195 15.56 -5.93 15.01
N GLU D 196 15.75 -7.24 14.86
CA GLU D 196 16.66 -7.74 13.77
C GLU D 196 16.08 -8.91 12.94
N SER D 197 15.19 -9.70 13.55
CA SER D 197 14.93 -11.03 12.99
C SER D 197 14.16 -10.95 11.65
N ALA D 198 13.33 -9.89 11.43
CA ALA D 198 12.53 -9.76 10.18
C ALA D 198 13.53 -9.60 9.03
N THR D 199 14.44 -8.65 9.20
CA THR D 199 15.44 -8.41 8.14
C THR D 199 16.30 -9.64 7.94
N LEU D 200 16.90 -10.18 9.02
CA LEU D 200 17.75 -11.36 8.91
C LEU D 200 17.01 -12.53 8.27
N PHE D 201 15.79 -12.80 8.70
CA PHE D 201 15.06 -14.00 8.09
C PHE D 201 14.71 -13.80 6.59
N THR D 202 14.28 -12.61 6.22
CA THR D 202 13.77 -12.41 4.81
C THR D 202 15.01 -12.46 3.93
N MET D 203 16.06 -11.74 4.31
CA MET D 203 17.27 -11.77 3.44
C MET D 203 17.88 -13.17 3.35
N CYS D 204 17.93 -13.89 4.46
CA CYS D 204 18.50 -15.27 4.38
C CYS D 204 17.65 -16.22 3.55
N ALA D 205 16.31 -16.14 3.69
CA ALA D 205 15.42 -17.09 2.94
C ALA D 205 15.54 -16.81 1.44
N THR D 206 15.59 -15.53 1.08
CA THR D 206 15.54 -15.15 -0.34
C THR D 206 16.90 -15.39 -0.98
N GLN D 207 17.98 -15.29 -0.19
CA GLN D 207 19.33 -15.38 -0.81
C GLN D 207 19.96 -16.79 -0.79
N GLY D 208 19.32 -17.71 -0.06
CA GLY D 208 19.71 -19.10 0.01
C GLY D 208 20.60 -19.47 1.18
N TRP D 209 20.47 -18.74 2.30
CA TRP D 209 21.29 -18.96 3.52
C TRP D 209 20.33 -19.37 4.65
N ARG D 210 20.89 -20.00 5.67
CA ARG D 210 20.11 -20.48 6.80
C ARG D 210 20.15 -19.52 7.98
N ALA D 211 18.98 -19.25 8.57
CA ALA D 211 19.02 -18.39 9.75
C ALA D 211 18.16 -18.90 10.84
N ALA D 212 18.54 -18.55 12.07
CA ALA D 212 17.62 -18.81 13.23
C ALA D 212 17.79 -17.74 14.28
N CYS D 213 16.94 -17.69 15.35
CA CYS D 213 17.05 -16.55 16.28
C CYS D 213 16.55 -17.08 17.61
N VAL D 214 17.39 -16.92 18.62
CA VAL D 214 17.01 -17.14 20.05
C VAL D 214 17.35 -15.89 20.87
N ALA D 215 16.50 -15.53 21.86
CA ALA D 215 16.71 -14.30 22.60
C ALA D 215 16.25 -14.47 24.04
N GLY D 216 16.97 -13.83 24.97
CA GLY D 216 16.54 -13.84 26.39
C GLY D 216 15.60 -12.69 26.69
N VAL D 217 14.56 -12.97 27.49
CA VAL D 217 13.58 -11.92 27.87
C VAL D 217 14.16 -11.03 28.95
N ILE D 218 14.16 -9.73 28.69
CA ILE D 218 14.68 -8.71 29.63
C ILE D 218 13.61 -7.82 30.28
N VAL D 219 12.41 -7.79 29.72
CA VAL D 219 11.24 -7.10 30.34
C VAL D 219 10.01 -7.83 29.90
N ASN D 220 8.93 -7.71 30.68
CA ASN D 220 7.65 -8.13 30.20
C ASN D 220 6.81 -6.88 30.13
N ARG D 221 6.36 -6.56 28.93
CA ARG D 221 5.73 -5.30 28.55
C ARG D 221 4.32 -5.15 29.11
N THR D 222 3.76 -6.27 29.64
CA THR D 222 2.50 -6.23 30.39
C THR D 222 2.75 -5.72 31.82
N GLN D 223 4.03 -5.76 32.23
CA GLN D 223 4.65 -5.31 33.54
C GLN D 223 5.34 -3.92 33.47
N GLN D 224 6.25 -3.71 32.50
CA GLN D 224 7.07 -2.50 32.54
C GLN D 224 7.41 -2.15 31.10
N GLU D 225 7.55 -0.86 30.79
CA GLU D 225 8.06 -0.47 29.44
C GLU D 225 9.53 -0.78 29.30
N ILE D 226 10.31 -0.50 30.36
CA ILE D 226 11.72 -0.83 30.37
C ILE D 226 12.11 -1.38 31.76
N PRO D 227 13.09 -2.28 31.80
CA PRO D 227 13.41 -2.93 33.08
C PRO D 227 14.19 -2.01 34.02
N ASP D 228 14.05 -2.27 35.31
CA ASP D 228 14.81 -1.56 36.30
C ASP D 228 15.33 -2.54 37.38
N GLU D 229 15.80 -2.01 38.51
CA GLU D 229 16.37 -2.87 39.56
C GLU D 229 15.33 -3.78 40.24
N ALA D 230 14.03 -3.50 40.02
CA ALA D 230 12.97 -4.29 40.62
C ALA D 230 12.67 -5.55 39.80
N THR D 231 12.89 -5.43 38.49
CA THR D 231 12.75 -6.53 37.54
C THR D 231 13.48 -7.79 37.97
N MET D 232 12.84 -8.95 37.71
CA MET D 232 13.42 -10.27 37.97
C MET D 232 14.84 -10.33 37.46
N LYS D 233 15.71 -10.96 38.23
CA LYS D 233 17.12 -11.11 37.91
C LYS D 233 17.33 -12.33 37.02
N LYS D 234 18.39 -12.29 36.20
CA LYS D 234 18.64 -13.38 35.24
C LYS D 234 19.03 -14.68 35.94
N THR D 235 18.48 -15.80 35.45
CA THR D 235 18.77 -17.16 35.95
C THR D 235 19.97 -17.75 35.22
N GLU D 236 20.44 -18.94 35.62
CA GLU D 236 21.58 -19.54 34.90
C GLU D 236 21.21 -19.99 33.49
N VAL D 237 19.91 -19.97 33.18
CA VAL D 237 19.40 -20.14 31.81
C VAL D 237 20.02 -19.02 30.97
N SER D 238 20.68 -19.38 29.88
CA SER D 238 21.45 -18.41 29.13
C SER D 238 21.29 -18.57 27.58
N ALA D 239 20.70 -17.58 26.89
CA ALA D 239 20.55 -17.65 25.41
C ALA D 239 21.88 -17.79 24.66
N VAL D 240 22.92 -17.24 25.25
CA VAL D 240 24.31 -17.35 24.70
C VAL D 240 24.80 -18.79 24.82
N SER D 241 24.62 -19.43 25.98
CA SER D 241 24.95 -20.88 26.06
C SER D 241 24.15 -21.72 25.01
N ILE D 242 22.87 -21.39 24.85
CA ILE D 242 21.95 -22.10 23.95
C ILE D 242 22.38 -21.94 22.48
N VAL D 243 22.79 -20.72 22.10
CA VAL D 243 23.18 -20.53 20.72
C VAL D 243 24.46 -21.29 20.40
N VAL D 244 25.41 -21.31 21.35
CA VAL D 244 26.65 -22.03 21.18
C VAL D 244 26.33 -23.53 21.08
N ALA D 245 25.49 -24.02 21.98
CA ALA D 245 25.11 -25.44 21.92
C ALA D 245 24.37 -25.81 20.59
N ALA D 246 23.56 -24.88 20.08
CA ALA D 246 22.86 -25.09 18.81
C ALA D 246 23.91 -25.20 17.67
N ALA D 247 24.89 -24.28 17.65
CA ALA D 247 25.99 -24.27 16.62
C ALA D 247 26.69 -25.62 16.57
N LYS D 248 27.09 -26.12 17.72
CA LYS D 248 27.69 -27.46 17.82
C LYS D 248 26.83 -28.58 17.21
N LYS D 249 25.51 -28.57 17.47
CA LYS D 249 24.58 -29.58 16.88
C LYS D 249 24.64 -29.51 15.34
N LEU D 250 24.62 -28.31 14.81
CA LEU D 250 24.59 -28.08 13.36
C LEU D 250 25.92 -28.45 12.70
N LEU D 251 27.04 -28.26 13.40
CA LEU D 251 28.38 -28.52 12.79
C LEU D 251 28.83 -29.97 12.96
N ALA D 252 28.31 -30.63 13.99
CA ALA D 252 28.58 -32.05 14.24
C ALA D 252 28.52 -32.93 13.00
N ALA E 2 -23.42 34.91 0.50
CA ALA E 2 -23.76 33.61 -0.14
C ALA E 2 -23.94 32.48 0.88
N ASP E 3 -24.68 31.43 0.51
CA ASP E 3 -24.82 30.25 1.35
C ASP E 3 -23.53 29.45 1.30
N VAL E 4 -22.94 29.33 0.10
CA VAL E 4 -21.76 28.49 -0.14
C VAL E 4 -20.51 29.28 -0.50
N PHE E 5 -19.40 28.92 0.13
CA PHE E 5 -18.17 29.67 0.11
C PHE E 5 -17.48 29.84 -1.27
N HIS E 6 -17.51 28.81 -2.12
CA HIS E 6 -16.83 28.98 -3.44
C HIS E 6 -17.77 29.40 -4.56
N LEU E 7 -18.95 28.78 -4.61
CA LEU E 7 -19.86 29.00 -5.72
C LEU E 7 -20.58 30.37 -5.67
N GLY E 8 -20.77 30.87 -4.45
CA GLY E 8 -21.41 32.19 -4.30
C GLY E 8 -22.92 32.09 -4.52
N LEU E 9 -23.50 30.95 -4.19
CA LEU E 9 -24.94 30.70 -4.43
C LEU E 9 -25.75 30.60 -3.14
N THR E 10 -27.04 30.96 -3.19
CA THR E 10 -27.89 30.61 -2.07
C THR E 10 -28.93 29.63 -2.63
N LYS E 11 -29.58 28.86 -1.75
CA LYS E 11 -30.57 27.87 -2.13
C LYS E 11 -31.72 28.49 -2.94
N ALA E 12 -32.19 29.68 -2.52
CA ALA E 12 -33.29 30.37 -3.19
C ALA E 12 -33.01 30.59 -4.68
N MET E 13 -31.72 30.81 -5.01
CA MET E 13 -31.29 31.08 -6.39
C MET E 13 -31.60 29.95 -7.39
N LEU E 14 -31.73 28.73 -6.87
CA LEU E 14 -31.82 27.52 -7.69
C LEU E 14 -33.28 27.23 -8.08
N ASP E 15 -34.22 27.97 -7.49
CA ASP E 15 -35.65 27.81 -7.77
C ASP E 15 -36.10 26.34 -7.63
N GLY E 16 -35.53 25.60 -6.68
CA GLY E 16 -35.92 24.20 -6.44
C GLY E 16 -35.19 23.14 -7.30
N ALA E 17 -34.17 23.55 -8.07
CA ALA E 17 -33.44 22.58 -8.93
C ALA E 17 -32.82 21.46 -8.07
N THR E 18 -32.92 20.23 -8.54
CA THR E 18 -32.35 19.12 -7.84
C THR E 18 -31.33 18.43 -8.76
N LEU E 19 -31.18 18.95 -9.99
CA LEU E 19 -30.29 18.30 -11.01
C LEU E 19 -29.35 19.34 -11.63
N ALA E 20 -28.05 19.00 -11.68
CA ALA E 20 -27.04 19.86 -12.27
C ALA E 20 -26.43 19.15 -13.47
N ILE E 21 -26.17 19.94 -14.52
CA ILE E 21 -25.28 19.52 -15.60
C ILE E 21 -23.96 20.16 -15.24
N VAL E 22 -22.88 19.38 -15.30
CA VAL E 22 -21.54 19.81 -14.81
C VAL E 22 -20.41 19.62 -15.85
N PRO E 23 -20.33 20.55 -16.82
CA PRO E 23 -19.22 20.59 -17.82
C PRO E 23 -17.90 20.99 -17.11
N GLY E 24 -16.74 20.79 -17.76
CA GLY E 24 -15.45 21.14 -17.13
C GLY E 24 -15.14 22.62 -17.37
N ASP E 25 -15.55 23.17 -18.51
CA ASP E 25 -15.09 24.50 -18.87
C ASP E 25 -16.12 25.57 -18.59
N PRO E 26 -15.74 26.63 -17.83
CA PRO E 26 -16.70 27.69 -17.44
C PRO E 26 -17.27 28.41 -18.63
N GLU E 27 -16.55 28.37 -19.75
CA GLU E 27 -16.99 29.14 -20.90
C GLU E 27 -18.02 28.39 -21.70
N ARG E 28 -18.21 27.10 -21.40
CA ARG E 28 -19.21 26.26 -22.07
C ARG E 28 -20.57 26.31 -21.32
N VAL E 29 -20.60 26.92 -20.14
CA VAL E 29 -21.78 26.92 -19.32
C VAL E 29 -22.94 27.62 -19.99
N LYS E 30 -22.73 28.86 -20.45
CA LYS E 30 -23.83 29.64 -21.05
C LYS E 30 -24.38 28.91 -22.27
N ARG E 31 -23.47 28.32 -23.04
CA ARG E 31 -23.81 27.55 -24.25
C ARG E 31 -24.76 26.36 -23.97
N ILE E 32 -24.52 25.63 -22.88
CA ILE E 32 -25.35 24.48 -22.53
C ILE E 32 -26.71 25.03 -22.08
N ALA E 33 -26.65 26.08 -21.23
CA ALA E 33 -27.85 26.71 -20.67
C ALA E 33 -28.83 27.23 -21.73
N GLU E 34 -28.28 27.75 -22.82
CA GLU E 34 -29.12 28.28 -23.89
C GLU E 34 -29.79 27.20 -24.78
N LEU E 35 -29.42 25.94 -24.59
CA LEU E 35 -30.20 24.82 -25.18
C LEU E 35 -31.53 24.61 -24.47
N MET E 36 -31.61 25.14 -23.28
CA MET E 36 -32.83 25.12 -22.51
C MET E 36 -33.54 26.50 -22.47
N ASP E 37 -34.62 26.61 -21.69
CA ASP E 37 -35.40 27.85 -21.65
C ASP E 37 -35.05 28.82 -20.52
N ASN E 38 -35.10 30.13 -20.80
CA ASN E 38 -35.03 31.18 -19.76
C ASN E 38 -33.71 31.11 -19.02
N ALA E 39 -32.62 30.86 -19.77
CA ALA E 39 -31.32 30.78 -19.17
C ALA E 39 -31.01 32.04 -18.37
N THR E 40 -30.45 31.87 -17.19
CA THR E 40 -30.24 32.99 -16.31
C THR E 40 -28.98 32.84 -15.49
N PHE E 41 -28.15 33.86 -15.56
CA PHE E 41 -26.85 33.85 -14.87
C PHE E 41 -27.11 33.75 -13.39
N LEU E 42 -26.40 32.86 -12.71
CA LEU E 42 -26.38 32.84 -11.24
C LEU E 42 -25.14 33.52 -10.66
N ALA E 43 -23.94 33.03 -11.00
CA ALA E 43 -22.74 33.57 -10.39
C ALA E 43 -21.52 33.10 -11.12
N SER E 44 -20.42 33.83 -10.96
CA SER E 44 -19.14 33.40 -11.50
C SER E 44 -17.99 33.79 -10.59
N HIS E 45 -17.27 32.78 -10.10
CA HIS E 45 -16.19 32.93 -9.17
C HIS E 45 -15.17 31.85 -9.49
N ARG E 46 -13.90 32.23 -9.51
CA ARG E 46 -12.84 31.28 -9.86
C ARG E 46 -13.31 30.58 -11.15
N GLU E 47 -13.01 29.31 -11.32
CA GLU E 47 -13.48 28.49 -12.45
C GLU E 47 -14.96 28.01 -12.37
N TYR E 48 -15.70 28.53 -11.39
CA TYR E 48 -17.08 28.13 -11.22
C TYR E 48 -18.07 29.14 -11.80
N THR E 49 -18.57 28.89 -13.01
CA THR E 49 -19.64 29.69 -13.57
C THR E 49 -20.93 28.89 -13.50
N SER E 50 -22.00 29.52 -12.97
CA SER E 50 -23.26 28.82 -12.76
C SER E 50 -24.42 29.62 -13.39
N TYR E 51 -25.23 28.88 -14.12
CA TYR E 51 -26.52 29.29 -14.70
C TYR E 51 -27.70 28.40 -14.21
N LEU E 52 -28.89 28.96 -14.27
CA LEU E 52 -30.12 28.23 -14.17
C LEU E 52 -30.87 28.31 -15.51
N ALA E 53 -31.30 27.15 -15.99
CA ALA E 53 -32.26 27.10 -17.11
C ALA E 53 -33.39 26.11 -16.82
N TYR E 54 -34.40 26.06 -17.72
CA TYR E 54 -35.50 25.11 -17.51
C TYR E 54 -35.61 24.09 -18.63
N ALA E 55 -35.72 22.84 -18.25
CA ALA E 55 -35.79 21.70 -19.16
C ALA E 55 -37.18 21.13 -19.05
N ASP E 56 -37.99 21.32 -20.10
CA ASP E 56 -39.38 20.88 -20.14
C ASP E 56 -40.04 21.34 -18.85
N GLY E 57 -39.72 22.58 -18.45
CA GLY E 57 -40.41 23.30 -17.36
C GLY E 57 -39.83 23.09 -15.97
N LYS E 58 -38.77 22.30 -15.87
CA LYS E 58 -38.18 22.01 -14.57
C LYS E 58 -36.80 22.65 -14.38
N PRO E 59 -36.54 23.18 -13.19
CA PRO E 59 -35.28 23.93 -13.05
C PRO E 59 -34.05 23.03 -13.08
N VAL E 60 -33.00 23.45 -13.81
CA VAL E 60 -31.74 22.71 -13.95
C VAL E 60 -30.60 23.69 -13.69
N VAL E 61 -29.63 23.30 -12.88
CA VAL E 61 -28.41 24.12 -12.74
C VAL E 61 -27.35 23.66 -13.73
N ILE E 62 -26.71 24.66 -14.35
CA ILE E 62 -25.51 24.36 -15.17
C ILE E 62 -24.30 24.98 -14.44
N CYS E 63 -23.31 24.19 -14.07
CA CYS E 63 -22.21 24.75 -13.33
C CYS E 63 -20.92 24.08 -13.75
N SER E 64 -19.91 24.87 -14.07
CA SER E 64 -18.58 24.28 -14.39
C SER E 64 -17.83 23.75 -13.18
N THR E 65 -16.90 22.84 -13.43
CA THR E 65 -16.17 22.23 -12.33
C THR E 65 -14.73 22.64 -12.28
N GLY E 66 -14.26 23.10 -13.44
CA GLY E 66 -12.82 23.11 -13.72
C GLY E 66 -12.28 21.74 -14.10
N ILE E 67 -11.00 21.73 -14.44
CA ILE E 67 -10.28 20.46 -14.66
C ILE E 67 -9.87 19.80 -13.34
N GLY E 68 -10.28 18.54 -13.20
CA GLY E 68 -9.82 17.65 -12.18
C GLY E 68 -10.77 17.46 -11.03
N GLY E 69 -10.53 16.35 -10.33
CA GLY E 69 -11.30 15.96 -9.14
C GLY E 69 -11.38 17.01 -8.02
N PRO E 70 -10.26 17.63 -7.64
CA PRO E 70 -10.32 18.60 -6.50
C PRO E 70 -11.33 19.71 -6.73
N SER E 71 -11.23 20.39 -7.86
CA SER E 71 -12.21 21.49 -8.12
C SER E 71 -13.62 20.93 -8.29
N THR E 72 -13.76 19.77 -8.93
CA THR E 72 -15.06 19.09 -9.12
C THR E 72 -15.69 18.84 -7.72
N SER E 73 -14.86 18.41 -6.77
CA SER E 73 -15.37 17.96 -5.46
C SER E 73 -15.98 19.13 -4.67
N ILE E 74 -15.45 20.33 -4.90
CA ILE E 74 -15.98 21.56 -4.31
C ILE E 74 -17.32 21.92 -4.92
N ALA E 75 -17.42 21.95 -6.24
CA ALA E 75 -18.69 22.24 -6.90
C ALA E 75 -19.84 21.31 -6.46
N VAL E 76 -19.58 20.00 -6.44
CA VAL E 76 -20.61 18.99 -6.19
C VAL E 76 -21.07 19.09 -4.74
N GLU E 77 -20.13 19.25 -3.82
CA GLU E 77 -20.53 19.34 -2.40
C GLU E 77 -21.38 20.60 -2.18
N GLU E 78 -20.94 21.73 -2.72
CA GLU E 78 -21.66 23.01 -2.52
C GLU E 78 -23.00 23.03 -3.22
N LEU E 79 -23.06 22.57 -4.46
CA LEU E 79 -24.37 22.33 -5.07
C LEU E 79 -25.27 21.43 -4.21
N ALA E 80 -24.71 20.36 -3.61
CA ALA E 80 -25.56 19.38 -2.84
C ALA E 80 -26.05 20.05 -1.53
N GLN E 81 -25.25 20.98 -1.02
CA GLN E 81 -25.68 21.75 0.17
C GLN E 81 -26.92 22.57 -0.18
N LEU E 82 -27.16 22.79 -1.47
CA LEU E 82 -28.29 23.63 -1.89
C LEU E 82 -29.46 22.85 -2.52
N GLY E 83 -29.40 21.51 -2.41
CA GLY E 83 -30.48 20.61 -2.71
C GLY E 83 -30.31 19.84 -3.99
N VAL E 84 -29.13 19.98 -4.65
CA VAL E 84 -28.91 19.21 -5.85
C VAL E 84 -28.53 17.75 -5.46
N ASN E 85 -29.11 16.79 -6.16
CA ASN E 85 -28.87 15.36 -5.84
C ASN E 85 -28.49 14.49 -7.02
N THR E 86 -28.34 15.13 -8.19
CA THR E 86 -28.13 14.44 -9.48
C THR E 86 -27.15 15.26 -10.27
N PHE E 87 -26.06 14.63 -10.70
CA PHE E 87 -25.01 15.37 -11.37
C PHE E 87 -24.66 14.70 -12.70
N LEU E 88 -24.85 15.40 -13.81
CA LEU E 88 -24.61 14.80 -15.15
C LEU E 88 -23.43 15.51 -15.75
N ARG E 89 -22.38 14.75 -16.01
CA ARG E 89 -21.13 15.30 -16.57
C ARG E 89 -21.17 15.14 -18.08
N VAL E 90 -20.83 16.22 -18.78
CA VAL E 90 -20.75 16.20 -20.25
C VAL E 90 -19.38 16.74 -20.66
N GLY E 91 -18.80 16.16 -21.72
CA GLY E 91 -17.51 16.64 -22.21
C GLY E 91 -17.08 16.04 -23.53
N THR E 92 -15.81 16.26 -23.86
CA THR E 92 -15.05 15.80 -25.04
C THR E 92 -13.98 14.85 -24.49
N THR E 93 -13.54 13.84 -25.24
CA THR E 93 -12.53 12.92 -24.71
C THR E 93 -11.67 12.37 -25.86
N GLY E 94 -10.55 11.75 -25.49
CA GLY E 94 -9.71 10.96 -26.39
C GLY E 94 -9.74 9.45 -26.11
N ALA E 95 -10.03 8.71 -27.18
CA ALA E 95 -10.26 7.24 -27.09
C ALA E 95 -8.91 6.49 -27.22
N ILE E 96 -8.85 5.29 -26.64
CA ILE E 96 -7.64 4.45 -26.65
C ILE E 96 -7.89 3.08 -27.28
N GLN E 97 -9.06 2.90 -27.90
CA GLN E 97 -9.43 1.61 -28.54
C GLN E 97 -9.57 1.89 -30.01
N PRO E 98 -8.96 1.05 -30.86
CA PRO E 98 -8.97 1.38 -32.28
C PRO E 98 -10.38 1.50 -32.87
N HIS E 99 -11.38 0.81 -32.33
CA HIS E 99 -12.72 0.92 -32.97
C HIS E 99 -13.69 2.01 -32.48
N VAL E 100 -13.15 2.90 -31.65
CA VAL E 100 -13.90 4.07 -31.14
C VAL E 100 -13.51 5.29 -31.98
N ASN E 101 -14.29 5.53 -33.04
CA ASN E 101 -13.93 6.57 -34.01
C ASN E 101 -14.26 7.97 -33.54
N VAL E 102 -13.58 8.96 -34.11
CA VAL E 102 -13.93 10.36 -33.87
C VAL E 102 -15.40 10.59 -34.28
N GLY E 103 -16.14 11.28 -33.40
CA GLY E 103 -17.57 11.51 -33.59
C GLY E 103 -18.43 10.42 -32.98
N ASP E 104 -17.79 9.40 -32.39
CA ASP E 104 -18.56 8.40 -31.65
C ASP E 104 -18.88 9.07 -30.32
N VAL E 105 -19.68 8.41 -29.49
CA VAL E 105 -20.03 8.91 -28.16
C VAL E 105 -19.70 7.83 -27.12
N ILE E 106 -19.16 8.23 -25.96
CA ILE E 106 -18.89 7.29 -24.86
C ILE E 106 -19.73 7.61 -23.62
N VAL E 107 -20.39 6.59 -23.11
CA VAL E 107 -21.12 6.70 -21.84
C VAL E 107 -20.30 5.88 -20.85
N THR E 108 -19.78 6.59 -19.87
CA THR E 108 -18.91 5.93 -18.85
C THR E 108 -19.70 5.24 -17.75
N GLN E 109 -19.66 3.91 -17.72
CA GLN E 109 -20.39 3.18 -16.68
C GLN E 109 -19.61 3.20 -15.37
N ALA E 110 -18.30 3.12 -15.43
CA ALA E 110 -17.49 3.13 -14.18
C ALA E 110 -16.10 3.57 -14.52
N SER E 111 -15.29 3.91 -13.53
CA SER E 111 -13.91 4.45 -13.86
C SER E 111 -12.73 3.85 -13.12
N VAL E 112 -11.60 3.63 -13.82
CA VAL E 112 -10.32 3.35 -13.18
C VAL E 112 -9.94 4.61 -12.37
N ARG E 113 -9.67 4.40 -11.06
CA ARG E 113 -9.39 5.50 -10.11
C ARG E 113 -7.92 5.90 -10.08
N LEU E 114 -7.52 6.67 -11.11
CA LEU E 114 -6.17 7.21 -11.16
C LEU E 114 -6.13 8.61 -10.62
N ASP E 115 -6.92 8.85 -9.56
CA ASP E 115 -7.10 10.20 -9.06
C ASP E 115 -6.79 10.11 -7.56
N GLY E 116 -6.71 11.27 -6.93
CA GLY E 116 -6.55 11.32 -5.51
C GLY E 116 -7.86 11.65 -4.81
N ALA E 117 -8.73 12.48 -5.38
CA ALA E 117 -9.86 12.98 -4.50
C ALA E 117 -10.83 11.83 -4.20
N SER E 118 -10.92 10.82 -5.07
CA SER E 118 -11.84 9.68 -4.81
C SER E 118 -11.57 9.04 -3.42
N LEU E 119 -10.30 9.00 -3.01
CA LEU E 119 -9.81 8.35 -1.80
C LEU E 119 -10.17 9.18 -0.59
N HIS E 120 -10.62 10.41 -0.81
CA HIS E 120 -11.11 11.29 0.29
C HIS E 120 -12.57 10.98 0.59
N PHE E 121 -13.14 10.01 -0.15
CA PHE E 121 -14.57 9.56 0.04
C PHE E 121 -14.74 8.11 0.39
N ALA E 122 -13.80 7.28 -0.06
CA ALA E 122 -13.86 5.85 0.18
C ALA E 122 -12.49 5.28 -0.16
N PRO E 123 -12.08 4.19 0.51
CA PRO E 123 -10.80 3.48 0.22
C PRO E 123 -10.88 2.92 -1.20
N MET E 124 -9.71 2.55 -1.75
CA MET E 124 -9.67 2.14 -3.16
C MET E 124 -10.52 0.93 -3.61
N GLU E 125 -10.81 -0.01 -2.70
CA GLU E 125 -11.68 -1.15 -2.96
C GLU E 125 -13.04 -0.78 -3.52
N PHE E 126 -13.49 0.47 -3.26
CA PHE E 126 -14.84 0.86 -3.56
C PHE E 126 -14.91 1.19 -5.04
N PRO E 127 -15.96 0.73 -5.73
CA PRO E 127 -16.00 1.03 -7.21
C PRO E 127 -16.45 2.44 -7.55
N ALA E 128 -15.82 2.99 -8.57
CA ALA E 128 -16.11 4.35 -9.05
C ALA E 128 -17.17 4.16 -10.13
N VAL E 129 -18.40 3.95 -9.70
CA VAL E 129 -19.45 3.47 -10.58
C VAL E 129 -20.55 4.55 -10.69
N ALA E 130 -21.12 4.71 -11.87
CA ALA E 130 -22.22 5.65 -12.15
C ALA E 130 -23.53 5.17 -11.59
N ASN E 131 -24.46 6.07 -11.37
CA ASN E 131 -25.85 5.64 -11.14
C ASN E 131 -26.49 4.94 -12.35
N PHE E 132 -27.04 3.74 -12.11
CA PHE E 132 -27.64 2.91 -13.15
C PHE E 132 -28.77 3.64 -13.88
N GLU E 133 -29.69 4.25 -13.11
CA GLU E 133 -30.79 5.05 -13.66
C GLU E 133 -30.29 6.19 -14.55
N CYS E 134 -29.30 6.97 -14.10
CA CYS E 134 -28.80 8.06 -14.92
C CYS E 134 -28.09 7.53 -16.18
N THR E 135 -27.33 6.44 -16.03
CA THR E 135 -26.55 5.86 -17.20
C THR E 135 -27.56 5.35 -18.21
N THR E 136 -28.60 4.71 -17.71
CA THR E 136 -29.72 4.32 -18.59
C THR E 136 -30.37 5.45 -19.36
N ALA E 137 -30.60 6.59 -18.70
CA ALA E 137 -31.09 7.77 -19.39
C ALA E 137 -30.11 8.27 -20.43
N MET E 138 -28.82 8.26 -20.12
CA MET E 138 -27.83 8.75 -21.09
C MET E 138 -27.86 7.93 -22.37
N VAL E 139 -27.94 6.63 -22.20
CA VAL E 139 -27.92 5.66 -23.32
C VAL E 139 -29.21 5.78 -24.14
N ALA E 140 -30.31 5.99 -23.45
CA ALA E 140 -31.58 6.20 -24.18
C ALA E 140 -31.54 7.51 -24.99
N ALA E 141 -30.99 8.56 -24.38
CA ALA E 141 -30.84 9.87 -25.03
C ALA E 141 -29.99 9.71 -26.31
N CYS E 142 -28.85 9.01 -26.21
CA CYS E 142 -28.06 8.71 -27.42
C CYS E 142 -28.91 8.04 -28.47
N ARG E 143 -29.65 7.01 -28.09
CA ARG E 143 -30.36 6.21 -29.14
C ARG E 143 -31.51 7.04 -29.78
N ASP E 144 -32.18 7.88 -28.98
CA ASP E 144 -33.20 8.81 -29.54
C ASP E 144 -32.62 9.66 -30.65
N ALA E 145 -31.32 9.97 -30.55
CA ALA E 145 -30.60 10.80 -31.53
C ALA E 145 -29.96 9.96 -32.64
N GLY E 146 -30.22 8.66 -32.64
CA GLY E 146 -29.62 7.75 -33.65
C GLY E 146 -28.19 7.33 -33.42
N VAL E 147 -27.68 7.54 -32.20
CA VAL E 147 -26.29 7.20 -31.85
C VAL E 147 -26.29 5.94 -30.96
N GLU E 148 -25.56 4.91 -31.35
CA GLU E 148 -25.30 3.78 -30.45
C GLU E 148 -24.00 4.07 -29.69
N PRO E 149 -24.10 4.41 -28.37
CA PRO E 149 -22.88 4.74 -27.63
C PRO E 149 -22.04 3.54 -27.26
N HIS E 150 -20.76 3.79 -27.12
CA HIS E 150 -19.85 2.79 -26.56
C HIS E 150 -20.06 2.91 -25.07
N ILE E 151 -20.43 1.83 -24.41
CA ILE E 151 -20.57 1.94 -22.97
C ILE E 151 -19.64 1.02 -22.25
N GLY E 152 -18.89 1.62 -21.31
CA GLY E 152 -17.82 0.91 -20.70
C GLY E 152 -17.10 1.64 -19.60
N VAL E 153 -15.87 1.19 -19.38
CA VAL E 153 -14.90 1.65 -18.38
C VAL E 153 -13.98 2.76 -18.93
N THR E 154 -13.86 3.82 -18.15
CA THR E 154 -12.97 4.98 -18.49
C THR E 154 -11.79 5.10 -17.53
N ALA E 155 -10.57 5.35 -18.04
CA ALA E 155 -9.48 5.68 -17.08
C ALA E 155 -9.52 7.17 -16.69
N SER E 156 -9.62 7.47 -15.38
CA SER E 156 -9.84 8.83 -14.91
C SER E 156 -8.59 9.28 -14.15
N SER E 157 -7.83 10.16 -14.82
CA SER E 157 -6.49 10.59 -14.40
C SER E 157 -6.40 11.97 -13.73
N ASP E 158 -5.57 12.07 -12.69
CA ASP E 158 -5.25 13.35 -12.05
C ASP E 158 -4.29 14.19 -12.96
N THR E 159 -3.78 13.59 -14.06
CA THR E 159 -2.93 14.40 -14.98
C THR E 159 -3.35 14.21 -16.46
N PHE E 160 -3.07 15.25 -17.24
CA PHE E 160 -3.30 15.19 -18.67
C PHE E 160 -2.07 14.53 -19.32
N TYR E 161 -0.89 14.72 -18.74
CA TYR E 161 0.37 14.26 -19.40
C TYR E 161 0.83 12.83 -18.91
N PRO E 162 1.53 12.75 -17.77
CA PRO E 162 2.13 11.44 -17.46
C PRO E 162 1.16 10.34 -17.11
N GLY E 163 0.03 10.67 -16.44
CA GLY E 163 -1.01 9.69 -16.12
C GLY E 163 -1.79 9.14 -17.30
N GLN E 164 -1.70 9.84 -18.42
CA GLN E 164 -2.26 9.37 -19.70
C GLN E 164 -1.08 8.90 -20.54
N GLU E 165 0.07 8.64 -19.90
CA GLU E 165 1.26 8.16 -20.61
C GLU E 165 1.61 8.94 -21.88
N ARG E 166 1.56 10.28 -21.82
CA ARG E 166 2.06 11.13 -22.90
C ARG E 166 3.55 11.45 -22.72
N TYR E 167 4.35 11.33 -23.80
CA TYR E 167 5.80 11.52 -23.74
C TYR E 167 6.20 12.86 -24.42
N ASP E 168 5.21 13.53 -25.00
CA ASP E 168 5.38 14.82 -25.71
C ASP E 168 5.38 15.97 -24.71
N THR E 169 6.36 15.93 -23.83
CA THR E 169 6.46 16.88 -22.73
C THR E 169 7.90 17.42 -22.67
N VAL E 170 8.15 18.33 -21.73
CA VAL E 170 9.50 18.94 -21.63
C VAL E 170 10.61 17.90 -21.36
N THR E 171 10.43 17.05 -20.33
CA THR E 171 11.38 16.02 -19.97
C THR E 171 11.24 14.75 -20.82
N GLY E 172 10.03 14.51 -21.34
CA GLY E 172 9.78 13.24 -22.08
C GLY E 172 9.76 12.00 -21.22
N ARG E 173 9.68 12.18 -19.89
CA ARG E 173 9.74 11.07 -18.95
C ARG E 173 8.38 10.70 -18.37
N VAL E 174 8.17 9.41 -18.16
CA VAL E 174 6.95 8.95 -17.46
C VAL E 174 7.43 8.10 -16.29
N THR E 175 6.98 8.46 -15.06
CA THR E 175 7.36 7.71 -13.89
C THR E 175 6.89 6.21 -14.00
N ARG E 176 7.64 5.35 -13.31
CA ARG E 176 7.49 3.89 -13.42
C ARG E 176 6.05 3.41 -13.32
N ARG E 177 5.32 3.89 -12.33
CA ARG E 177 3.93 3.48 -12.21
C ARG E 177 3.09 3.56 -13.52
N PHE E 178 3.27 4.65 -14.28
CA PHE E 178 2.51 4.91 -15.46
C PHE E 178 3.22 4.49 -16.74
N ALA E 179 4.47 4.05 -16.61
CA ALA E 179 5.16 3.49 -17.82
C ALA E 179 4.50 2.17 -18.28
N GLY E 180 3.97 2.16 -19.51
CA GLY E 180 3.36 0.95 -20.09
C GLY E 180 1.89 0.80 -19.67
N SER E 181 1.40 1.83 -18.95
CA SER E 181 0.03 1.81 -18.39
C SER E 181 -1.08 1.93 -19.42
N MET E 182 -0.91 2.76 -20.45
CA MET E 182 -1.90 2.82 -21.54
C MET E 182 -2.20 1.45 -22.11
N LYS E 183 -1.14 0.64 -22.35
CA LYS E 183 -1.35 -0.68 -22.98
C LYS E 183 -2.14 -1.57 -22.03
N GLU E 184 -1.81 -1.43 -20.76
CA GLU E 184 -2.45 -2.22 -19.72
C GLU E 184 -3.98 -1.95 -19.71
N TRP E 185 -4.40 -0.69 -19.66
CA TRP E 185 -5.85 -0.36 -19.74
C TRP E 185 -6.48 -0.79 -21.06
N GLN E 186 -5.75 -0.63 -22.16
CA GLN E 186 -6.26 -1.03 -23.49
C GLN E 186 -6.63 -2.52 -23.48
N ASP E 187 -5.72 -3.32 -22.95
CA ASP E 187 -5.93 -4.78 -22.85
C ASP E 187 -7.10 -5.18 -21.96
N MET E 188 -7.41 -4.31 -20.98
CA MET E 188 -8.57 -4.51 -20.10
C MET E 188 -9.86 -3.99 -20.66
N GLY E 189 -9.85 -3.49 -21.89
CA GLY E 189 -11.04 -2.94 -22.52
C GLY E 189 -11.39 -1.49 -22.23
N VAL E 190 -10.54 -0.79 -21.46
CA VAL E 190 -10.78 0.60 -21.11
C VAL E 190 -10.93 1.45 -22.39
N LEU E 191 -11.92 2.32 -22.41
CA LEU E 191 -12.27 3.03 -23.67
C LEU E 191 -11.51 4.34 -23.94
N ASN E 192 -11.17 5.09 -22.89
CA ASN E 192 -10.79 6.51 -23.03
C ASN E 192 -10.13 6.95 -21.72
N TYR E 193 -9.45 8.11 -21.82
CA TYR E 193 -8.97 8.89 -20.64
C TYR E 193 -9.75 10.19 -20.46
N GLU E 194 -10.08 10.51 -19.19
CA GLU E 194 -10.54 11.89 -18.88
C GLU E 194 -10.09 12.15 -17.43
N MET E 195 -10.57 13.22 -16.80
CA MET E 195 -9.85 13.64 -15.59
C MET E 195 -10.78 13.98 -14.43
N GLU E 196 -12.06 13.64 -14.53
CA GLU E 196 -13.01 13.97 -13.42
C GLU E 196 -13.91 12.82 -12.95
N SER E 197 -14.24 11.89 -13.85
CA SER E 197 -15.31 10.88 -13.55
C SER E 197 -15.10 10.04 -12.28
N ALA E 198 -13.84 9.65 -11.96
CA ALA E 198 -13.54 8.82 -10.76
C ALA E 198 -13.93 9.60 -9.51
N THR E 199 -13.55 10.89 -9.50
CA THR E 199 -13.91 11.71 -8.31
C THR E 199 -15.43 11.86 -8.26
N LEU E 200 -16.02 12.25 -9.40
CA LEU E 200 -17.47 12.53 -9.45
C LEU E 200 -18.24 11.28 -9.02
N PHE E 201 -17.90 10.15 -9.61
CA PHE E 201 -18.63 8.90 -9.31
C PHE E 201 -18.51 8.43 -7.85
N THR E 202 -17.30 8.52 -7.30
CA THR E 202 -17.03 7.99 -5.96
C THR E 202 -17.68 8.85 -4.89
N MET E 203 -17.50 10.15 -5.03
CA MET E 203 -18.17 11.05 -4.09
C MET E 203 -19.71 10.93 -4.18
N CYS E 204 -20.28 10.84 -5.35
CA CYS E 204 -21.75 10.75 -5.39
C CYS E 204 -22.29 9.44 -4.81
N ALA E 205 -21.67 8.33 -5.20
CA ALA E 205 -22.10 6.98 -4.74
C ALA E 205 -22.01 6.91 -3.20
N THR E 206 -20.93 7.43 -2.63
CA THR E 206 -20.76 7.37 -1.17
C THR E 206 -21.64 8.34 -0.40
N GLN E 207 -22.01 9.48 -1.02
CA GLN E 207 -22.78 10.52 -0.27
C GLN E 207 -24.30 10.43 -0.57
N GLY E 208 -24.72 9.43 -1.37
CA GLY E 208 -26.14 9.29 -1.75
C GLY E 208 -26.72 10.08 -2.93
N TRP E 209 -25.84 10.60 -3.81
CA TRP E 209 -26.26 11.34 -5.01
C TRP E 209 -26.06 10.50 -6.24
N ARG E 210 -26.76 10.89 -7.30
CA ARG E 210 -26.75 10.10 -8.54
C ARG E 210 -25.79 10.79 -9.47
N ALA E 211 -24.98 10.04 -10.19
CA ALA E 211 -24.12 10.69 -11.18
C ALA E 211 -24.08 9.93 -12.47
N ALA E 212 -23.76 10.63 -13.56
CA ALA E 212 -23.44 9.93 -14.81
C ALA E 212 -22.53 10.73 -15.70
N CYS E 213 -21.99 10.12 -16.78
CA CYS E 213 -21.02 10.87 -17.59
C CYS E 213 -21.09 10.49 -19.06
N VAL E 214 -21.22 11.51 -19.94
CA VAL E 214 -21.24 11.29 -21.40
C VAL E 214 -20.21 12.18 -22.05
N ALA E 215 -19.55 11.65 -23.10
CA ALA E 215 -18.55 12.44 -23.81
C ALA E 215 -18.45 12.06 -25.29
N GLY E 216 -18.24 13.07 -26.13
CA GLY E 216 -18.02 12.88 -27.58
C GLY E 216 -16.53 12.71 -27.83
N VAL E 217 -16.21 11.81 -28.75
CA VAL E 217 -14.82 11.46 -29.04
C VAL E 217 -14.25 12.44 -30.06
N ILE E 218 -13.18 13.11 -29.64
CA ILE E 218 -12.53 14.26 -30.28
C ILE E 218 -11.14 13.94 -30.83
N VAL E 219 -10.65 12.74 -30.53
CA VAL E 219 -9.28 12.30 -30.87
C VAL E 219 -9.11 10.88 -30.38
N ASN E 220 -8.35 10.10 -31.13
CA ASN E 220 -8.09 8.72 -30.81
C ASN E 220 -6.59 8.49 -30.81
N ARG E 221 -6.06 8.05 -29.67
CA ARG E 221 -4.60 7.92 -29.50
C ARG E 221 -4.00 6.87 -30.44
N THR E 222 -4.84 6.02 -31.04
CA THR E 222 -4.33 4.90 -31.83
C THR E 222 -4.31 5.18 -33.33
N GLN E 223 -5.01 6.24 -33.76
CA GLN E 223 -5.18 6.52 -35.19
C GLN E 223 -4.22 7.63 -35.66
N LYS E 234 -19.44 19.64 -34.02
CA LYS E 234 -20.56 18.75 -34.38
C LYS E 234 -20.68 17.61 -33.38
N THR E 235 -19.54 17.06 -32.99
CA THR E 235 -19.45 16.03 -31.96
C THR E 235 -19.57 16.62 -30.55
N GLU E 236 -19.06 17.83 -30.33
CA GLU E 236 -19.32 18.61 -29.10
C GLU E 236 -20.82 18.91 -28.92
N VAL E 237 -21.42 19.43 -29.99
CA VAL E 237 -22.84 19.77 -30.02
C VAL E 237 -23.70 18.51 -29.72
N SER E 238 -23.30 17.40 -30.31
CA SER E 238 -23.97 16.13 -30.12
C SER E 238 -23.99 15.81 -28.63
N ALA E 239 -22.82 15.80 -27.99
CA ALA E 239 -22.77 15.42 -26.58
C ALA E 239 -23.56 16.35 -25.66
N VAL E 240 -23.48 17.66 -25.89
CA VAL E 240 -24.32 18.60 -25.09
C VAL E 240 -25.82 18.35 -25.38
N SER E 241 -26.16 18.09 -26.64
CA SER E 241 -27.57 17.75 -26.98
C SER E 241 -28.09 16.52 -26.22
N ILE E 242 -27.24 15.50 -26.11
CA ILE E 242 -27.55 14.23 -25.45
C ILE E 242 -27.72 14.50 -23.96
N VAL E 243 -26.82 15.29 -23.35
CA VAL E 243 -26.95 15.37 -21.88
C VAL E 243 -28.21 16.10 -21.50
N VAL E 244 -28.61 17.09 -22.32
CA VAL E 244 -29.83 17.91 -22.09
C VAL E 244 -31.02 16.97 -22.25
N ALA E 245 -31.03 16.14 -23.30
CA ALA E 245 -32.12 15.19 -23.43
C ALA E 245 -32.21 14.20 -22.28
N ALA E 246 -31.07 13.76 -21.71
CA ALA E 246 -31.08 12.82 -20.55
C ALA E 246 -31.66 13.51 -19.31
N ALA E 247 -31.32 14.79 -19.15
CA ALA E 247 -31.84 15.60 -18.02
C ALA E 247 -33.36 15.61 -18.01
N LYS E 248 -33.94 16.07 -19.11
CA LYS E 248 -35.38 15.92 -19.38
C LYS E 248 -35.95 14.55 -19.01
N LYS E 249 -35.38 13.46 -19.54
CA LYS E 249 -35.80 12.10 -19.13
C LYS E 249 -35.81 11.86 -17.63
N LEU E 250 -34.76 12.28 -16.94
CA LEU E 250 -34.68 12.08 -15.51
C LEU E 250 -35.69 12.91 -14.71
N LEU E 251 -36.03 14.08 -15.21
CA LEU E 251 -36.88 15.03 -14.46
C LEU E 251 -38.36 14.92 -14.81
N ALA E 252 -38.65 14.20 -15.88
CA ALA E 252 -40.01 14.00 -16.41
C ALA E 252 -41.03 13.65 -15.32
N ALA F 2 -1.75 28.75 -30.90
CA ALA F 2 -1.00 28.58 -29.62
C ALA F 2 0.02 27.46 -29.79
N ASP F 3 1.11 27.53 -29.02
CA ASP F 3 2.13 26.49 -29.07
C ASP F 3 1.77 25.32 -28.09
N VAL F 4 0.72 25.48 -27.28
CA VAL F 4 0.36 24.52 -26.21
C VAL F 4 -1.14 24.18 -26.18
N PHE F 5 -1.50 23.09 -25.50
CA PHE F 5 -2.82 22.51 -25.67
C PHE F 5 -3.95 23.24 -24.94
N HIS F 6 -3.64 23.83 -23.78
CA HIS F 6 -4.72 24.46 -22.98
C HIS F 6 -4.58 25.97 -22.78
N LEU F 7 -3.38 26.48 -22.61
CA LEU F 7 -3.18 27.84 -22.14
C LEU F 7 -3.46 28.95 -23.17
N GLY F 8 -3.37 28.61 -24.46
CA GLY F 8 -3.52 29.62 -25.51
C GLY F 8 -2.37 30.60 -25.70
N LEU F 9 -1.14 30.18 -25.40
CA LEU F 9 0.00 31.06 -25.35
C LEU F 9 0.98 30.53 -26.39
N THR F 10 1.83 31.42 -26.87
CA THR F 10 3.01 31.01 -27.64
C THR F 10 4.24 31.50 -26.88
N LYS F 11 5.40 30.96 -27.22
CA LYS F 11 6.66 31.37 -26.64
C LYS F 11 6.91 32.87 -26.88
N ALA F 12 6.56 33.34 -28.08
CA ALA F 12 6.78 34.74 -28.41
C ALA F 12 5.99 35.65 -27.47
N MET F 13 4.80 35.23 -27.04
CA MET F 13 3.98 36.10 -26.14
C MET F 13 4.64 36.35 -24.78
N LEU F 14 5.53 35.47 -24.36
CA LEU F 14 6.23 35.56 -23.06
C LEU F 14 7.46 36.51 -23.03
N ASP F 15 7.84 37.03 -24.20
CA ASP F 15 9.01 37.93 -24.35
C ASP F 15 10.29 37.47 -23.62
N GLY F 16 10.42 36.16 -23.54
CA GLY F 16 11.58 35.53 -22.91
C GLY F 16 11.52 35.27 -21.41
N ALA F 17 10.35 35.47 -20.80
CA ALA F 17 10.19 35.14 -19.38
C ALA F 17 10.57 33.69 -19.06
N THR F 18 11.26 33.53 -17.93
CA THR F 18 11.65 32.22 -17.46
C THR F 18 11.04 31.93 -16.09
N LEU F 19 10.32 32.93 -15.55
CA LEU F 19 9.71 32.85 -14.17
C LEU F 19 8.22 33.18 -14.22
N ALA F 20 7.42 32.32 -13.53
CA ALA F 20 5.95 32.57 -13.45
C ALA F 20 5.56 32.74 -12.00
N ILE F 21 4.64 33.68 -11.78
CA ILE F 21 3.87 33.69 -10.54
C ILE F 21 2.54 32.93 -10.83
N VAL F 22 2.22 31.95 -10.00
CA VAL F 22 1.09 31.08 -10.25
C VAL F 22 0.05 31.05 -9.12
N PRO F 23 -0.89 32.04 -9.14
CA PRO F 23 -1.99 32.09 -8.12
C PRO F 23 -2.98 30.99 -8.44
N GLY F 24 -3.77 30.56 -7.46
CA GLY F 24 -4.90 29.65 -7.71
C GLY F 24 -6.05 30.24 -8.51
N ASP F 25 -6.35 31.52 -8.26
CA ASP F 25 -7.56 32.11 -8.71
C ASP F 25 -7.28 32.96 -9.97
N PRO F 26 -8.03 32.70 -11.07
CA PRO F 26 -7.86 33.47 -12.32
C PRO F 26 -8.17 34.92 -12.12
N GLU F 27 -9.01 35.23 -11.12
CA GLU F 27 -9.42 36.60 -10.87
C GLU F 27 -8.41 37.46 -10.13
N ARG F 28 -7.30 36.85 -9.70
CA ARG F 28 -6.20 37.52 -8.98
C ARG F 28 -5.03 37.81 -9.90
N VAL F 29 -5.05 37.24 -11.11
CA VAL F 29 -3.86 37.37 -11.97
C VAL F 29 -3.60 38.84 -12.33
N LYS F 30 -4.63 39.53 -12.79
CA LYS F 30 -4.53 40.99 -13.12
C LYS F 30 -3.95 41.87 -11.98
N ARG F 31 -4.49 41.72 -10.77
CA ARG F 31 -4.03 42.48 -9.59
C ARG F 31 -2.52 42.30 -9.36
N ILE F 32 -2.08 41.04 -9.46
CA ILE F 32 -0.67 40.66 -9.30
C ILE F 32 0.17 41.34 -10.35
N ALA F 33 -0.26 41.21 -11.61
CA ALA F 33 0.49 41.80 -12.71
C ALA F 33 0.61 43.33 -12.57
N GLU F 34 -0.44 44.01 -12.11
CA GLU F 34 -0.39 45.48 -11.99
C GLU F 34 0.56 46.02 -10.87
N LEU F 35 1.08 45.14 -10.02
CA LEU F 35 2.12 45.50 -9.04
C LEU F 35 3.48 45.60 -9.71
N MET F 36 3.55 45.09 -10.93
CA MET F 36 4.76 45.22 -11.74
C MET F 36 4.57 46.25 -12.90
N ASP F 37 5.56 46.36 -13.79
CA ASP F 37 5.41 47.39 -14.85
C ASP F 37 4.79 46.83 -16.15
N ASN F 38 4.15 47.69 -16.94
CA ASN F 38 3.66 47.32 -18.29
C ASN F 38 2.84 46.03 -18.38
N ALA F 39 1.96 45.86 -17.41
CA ALA F 39 1.06 44.69 -17.33
C ALA F 39 0.20 44.61 -18.59
N THR F 40 0.22 43.43 -19.23
CA THR F 40 -0.43 43.16 -20.52
C THR F 40 -1.23 41.82 -20.45
N PHE F 41 -2.53 41.88 -20.67
CA PHE F 41 -3.36 40.67 -20.83
C PHE F 41 -2.79 39.77 -21.94
N LEU F 42 -2.62 38.48 -21.66
CA LEU F 42 -2.07 37.55 -22.67
C LEU F 42 -3.20 36.70 -23.20
N ALA F 43 -3.81 35.90 -22.31
CA ALA F 43 -4.88 35.01 -22.69
C ALA F 43 -5.81 34.62 -21.52
N SER F 44 -7.00 34.11 -21.86
CA SER F 44 -7.92 33.51 -20.85
C SER F 44 -8.67 32.33 -21.45
N HIS F 45 -8.36 31.14 -20.93
CA HIS F 45 -9.02 29.91 -21.33
C HIS F 45 -9.21 29.01 -20.13
N ARG F 46 -10.45 28.53 -20.01
CA ARG F 46 -10.87 27.68 -18.88
C ARG F 46 -10.41 28.46 -17.63
N GLU F 47 -9.72 27.78 -16.72
CA GLU F 47 -9.28 28.37 -15.44
C GLU F 47 -7.95 29.08 -15.50
N TYR F 48 -7.41 29.24 -16.73
CA TYR F 48 -6.08 29.76 -16.96
C TYR F 48 -6.16 31.14 -17.60
N THR F 49 -6.09 32.16 -16.76
CA THR F 49 -5.86 33.53 -17.17
C THR F 49 -4.37 33.89 -16.99
N SER F 50 -3.75 34.47 -18.05
CA SER F 50 -2.35 34.81 -18.09
C SER F 50 -2.14 36.28 -18.47
N TYR F 51 -1.29 36.92 -17.68
CA TYR F 51 -0.79 38.28 -17.98
C TYR F 51 0.76 38.25 -18.07
N LEU F 52 1.36 39.25 -18.73
CA LEU F 52 2.79 39.43 -18.63
C LEU F 52 3.05 40.78 -17.99
N ALA F 53 4.09 40.89 -17.17
CA ALA F 53 4.46 42.24 -16.67
C ALA F 53 5.96 42.28 -16.51
N TYR F 54 6.49 43.45 -16.15
CA TYR F 54 7.94 43.54 -16.02
C TYR F 54 8.43 43.97 -14.64
N ALA F 55 9.38 43.19 -14.14
CA ALA F 55 10.02 43.38 -12.84
C ALA F 55 11.44 43.91 -13.07
N ASP F 56 11.67 45.19 -12.76
CA ASP F 56 13.02 45.74 -12.93
C ASP F 56 13.58 45.44 -14.35
N GLY F 57 12.71 45.61 -15.36
CA GLY F 57 13.08 45.39 -16.78
C GLY F 57 12.94 43.95 -17.30
N LYS F 58 12.71 43.00 -16.38
CA LYS F 58 12.67 41.57 -16.71
C LYS F 58 11.20 41.03 -16.84
N PRO F 59 10.88 40.32 -17.95
CA PRO F 59 9.51 39.84 -18.09
C PRO F 59 9.20 38.69 -17.13
N VAL F 60 7.99 38.75 -16.58
CA VAL F 60 7.44 37.72 -15.69
C VAL F 60 6.04 37.37 -16.16
N VAL F 61 5.70 36.09 -16.17
CA VAL F 61 4.37 35.72 -16.64
C VAL F 61 3.57 35.40 -15.37
N ILE F 62 2.32 35.83 -15.33
CA ILE F 62 1.49 35.54 -14.17
C ILE F 62 0.39 34.65 -14.72
N CYS F 63 0.18 33.45 -14.16
CA CYS F 63 -0.84 32.55 -14.74
C CYS F 63 -1.51 31.78 -13.64
N SER F 64 -2.83 31.72 -13.66
CA SER F 64 -3.54 30.91 -12.69
C SER F 64 -3.46 29.43 -12.92
N THR F 65 -3.63 28.68 -11.85
CA THR F 65 -3.60 27.21 -11.95
C THR F 65 -5.00 26.57 -11.84
N GLY F 66 -5.96 27.35 -11.34
CA GLY F 66 -7.19 26.77 -10.78
C GLY F 66 -6.90 26.00 -9.47
N ILE F 67 -8.00 25.52 -8.86
CA ILE F 67 -7.92 24.67 -7.66
C ILE F 67 -7.54 23.24 -7.98
N GLY F 68 -6.46 22.78 -7.33
CA GLY F 68 -6.06 21.43 -7.20
C GLY F 68 -4.96 21.02 -8.17
N GLY F 69 -4.36 19.90 -7.85
CA GLY F 69 -3.18 19.42 -8.57
C GLY F 69 -3.37 19.15 -10.07
N PRO F 70 -4.52 18.58 -10.48
CA PRO F 70 -4.74 18.27 -11.91
C PRO F 70 -4.67 19.52 -12.81
N SER F 71 -5.42 20.58 -12.49
CA SER F 71 -5.28 21.83 -13.26
C SER F 71 -3.85 22.45 -13.16
N THR F 72 -3.25 22.39 -11.97
CA THR F 72 -1.89 22.92 -11.70
C THR F 72 -0.87 22.20 -12.63
N SER F 73 -1.02 20.87 -12.77
CA SER F 73 -0.05 20.06 -13.54
C SER F 73 -0.07 20.46 -15.01
N ILE F 74 -1.25 20.84 -15.49
CA ILE F 74 -1.36 21.31 -16.87
C ILE F 74 -0.67 22.66 -17.01
N ALA F 75 -0.98 23.66 -16.17
CA ALA F 75 -0.41 25.03 -16.33
C ALA F 75 1.15 24.96 -16.26
N VAL F 76 1.67 24.15 -15.34
CA VAL F 76 3.11 24.09 -15.05
C VAL F 76 3.77 23.43 -16.25
N GLU F 77 3.27 22.29 -16.68
CA GLU F 77 3.93 21.65 -17.80
C GLU F 77 3.94 22.57 -19.03
N GLU F 78 2.82 23.24 -19.31
CA GLU F 78 2.67 23.98 -20.60
C GLU F 78 3.49 25.24 -20.55
N LEU F 79 3.57 25.88 -19.37
CA LEU F 79 4.46 27.07 -19.24
C LEU F 79 5.89 26.66 -19.40
N ALA F 80 6.22 25.45 -18.91
CA ALA F 80 7.62 24.93 -18.98
C ALA F 80 7.87 24.66 -20.49
N GLN F 81 6.83 24.30 -21.22
CA GLN F 81 6.97 24.11 -22.70
C GLN F 81 7.43 25.40 -23.41
N LEU F 82 7.08 26.52 -22.79
CA LEU F 82 7.34 27.82 -23.37
C LEU F 82 8.58 28.50 -22.75
N GLY F 83 9.29 27.72 -21.93
CA GLY F 83 10.59 28.13 -21.36
C GLY F 83 10.63 28.62 -19.90
N VAL F 84 9.49 28.53 -19.21
CA VAL F 84 9.49 28.83 -17.76
C VAL F 84 10.20 27.71 -16.98
N ASN F 85 11.07 28.09 -16.05
CA ASN F 85 11.68 27.10 -15.25
C ASN F 85 11.53 27.37 -13.78
N THR F 86 10.72 28.38 -13.45
CA THR F 86 10.65 28.72 -12.02
C THR F 86 9.23 29.14 -11.71
N PHE F 87 8.65 28.60 -10.65
CA PHE F 87 7.21 28.68 -10.43
C PHE F 87 6.99 29.10 -8.98
N LEU F 88 6.55 30.36 -8.77
CA LEU F 88 6.31 30.83 -7.37
C LEU F 88 4.81 30.91 -7.15
N ARG F 89 4.25 29.99 -6.37
CA ARG F 89 2.82 29.92 -6.11
C ARG F 89 2.45 30.94 -5.03
N VAL F 90 1.32 31.63 -5.23
CA VAL F 90 0.82 32.53 -4.17
C VAL F 90 -0.66 32.16 -3.90
N GLY F 91 -1.02 31.91 -2.65
CA GLY F 91 -2.33 31.28 -2.40
C GLY F 91 -2.98 31.79 -1.12
N THR F 92 -4.07 31.11 -0.75
CA THR F 92 -4.82 31.32 0.51
C THR F 92 -4.77 29.99 1.25
N THR F 93 -5.06 29.99 2.54
CA THR F 93 -4.78 28.80 3.31
C THR F 93 -5.53 28.85 4.62
N GLY F 94 -5.82 27.66 5.15
CA GLY F 94 -6.44 27.52 6.47
C GLY F 94 -5.38 27.09 7.47
N ALA F 95 -5.10 27.95 8.44
CA ALA F 95 -4.20 27.55 9.58
C ALA F 95 -4.85 26.47 10.54
N ILE F 96 -4.04 25.51 10.99
CA ILE F 96 -4.43 24.44 11.94
C ILE F 96 -3.69 24.51 13.29
N GLN F 97 -2.79 25.49 13.42
CA GLN F 97 -2.04 25.72 14.72
C GLN F 97 -2.56 26.96 15.41
N PRO F 98 -2.85 26.87 16.73
CA PRO F 98 -3.58 28.04 17.28
C PRO F 98 -2.76 29.33 17.32
N HIS F 99 -1.43 29.20 17.25
CA HIS F 99 -0.50 30.33 17.22
C HIS F 99 -0.46 31.18 15.93
N VAL F 100 -1.04 30.66 14.83
CA VAL F 100 -1.08 31.37 13.55
C VAL F 100 -2.38 32.17 13.39
N ASN F 101 -2.29 33.47 13.15
CA ASN F 101 -3.50 34.30 13.08
C ASN F 101 -3.98 34.57 11.66
N VAL F 102 -5.28 34.80 11.47
CA VAL F 102 -5.85 35.23 10.17
C VAL F 102 -5.15 36.52 9.70
N GLY F 103 -4.60 36.53 8.49
CA GLY F 103 -3.82 37.68 8.05
C GLY F 103 -2.32 37.42 8.04
N ASP F 104 -1.86 36.39 8.75
CA ASP F 104 -0.45 35.98 8.79
C ASP F 104 -0.14 35.35 7.44
N VAL F 105 1.14 35.12 7.19
CA VAL F 105 1.58 34.53 5.91
C VAL F 105 2.34 33.24 6.30
N ILE F 106 2.18 32.17 5.51
CA ILE F 106 2.87 30.87 5.69
C ILE F 106 3.71 30.59 4.43
N VAL F 107 4.99 30.36 4.64
CA VAL F 107 5.91 29.90 3.57
C VAL F 107 6.06 28.39 3.74
N THR F 108 5.65 27.65 2.70
CA THR F 108 5.62 26.17 2.71
C THR F 108 6.94 25.59 2.24
N GLN F 109 7.67 24.97 3.14
CA GLN F 109 8.97 24.41 2.79
C GLN F 109 8.79 23.07 2.11
N ALA F 110 7.77 22.34 2.56
CA ALA F 110 7.50 20.97 2.02
C ALA F 110 6.10 20.55 2.39
N SER F 111 5.57 19.52 1.71
CA SER F 111 4.11 19.27 1.88
C SER F 111 3.80 17.80 2.17
N VAL F 112 2.83 17.57 3.04
CA VAL F 112 2.19 16.24 3.15
C VAL F 112 1.39 16.00 1.83
N ARG F 113 1.71 14.91 1.14
CA ARG F 113 1.08 14.57 -0.13
C ARG F 113 -0.29 13.90 0.03
N LEU F 114 -1.31 14.72 0.26
CA LEU F 114 -2.69 14.26 0.30
C LEU F 114 -3.38 14.43 -1.06
N ASP F 115 -2.60 14.29 -2.14
CA ASP F 115 -3.09 14.58 -3.47
C ASP F 115 -2.77 13.32 -4.34
N GLY F 116 -3.32 13.30 -5.54
CA GLY F 116 -2.98 12.21 -6.45
C GLY F 116 -2.05 12.61 -7.57
N ALA F 117 -2.09 13.85 -8.02
CA ALA F 117 -1.21 14.21 -9.18
C ALA F 117 0.26 13.99 -8.82
N SER F 118 0.64 14.21 -7.57
CA SER F 118 2.03 14.01 -7.21
C SER F 118 2.57 12.63 -7.59
N LEU F 119 1.74 11.60 -7.45
CA LEU F 119 2.08 10.23 -7.70
C LEU F 119 2.23 9.98 -9.19
N HIS F 120 1.88 10.96 -10.00
CA HIS F 120 2.01 10.77 -11.47
C HIS F 120 3.41 11.29 -11.84
N PHE F 121 4.20 11.72 -10.83
CA PHE F 121 5.58 12.15 -11.06
C PHE F 121 6.63 11.36 -10.33
N ALA F 122 6.28 10.88 -9.14
CA ALA F 122 7.19 10.14 -8.29
C ALA F 122 6.35 9.35 -7.28
N PRO F 123 6.84 8.19 -6.88
CA PRO F 123 6.12 7.39 -5.87
C PRO F 123 6.07 8.17 -4.55
N MET F 124 5.16 7.78 -3.65
CA MET F 124 4.97 8.51 -2.38
C MET F 124 6.22 8.75 -1.50
N GLU F 125 7.23 7.89 -1.55
CA GLU F 125 8.47 8.06 -0.76
C GLU F 125 9.26 9.38 -1.05
N PHE F 126 9.12 9.89 -2.28
CA PHE F 126 9.73 11.11 -2.72
C PHE F 126 9.16 12.36 -1.99
N PRO F 127 10.05 13.24 -1.47
CA PRO F 127 9.56 14.40 -0.67
C PRO F 127 9.02 15.52 -1.52
N ALA F 128 7.89 16.07 -1.12
CA ALA F 128 7.24 17.14 -1.81
C ALA F 128 7.85 18.44 -1.32
N VAL F 129 9.10 18.68 -1.73
CA VAL F 129 9.96 19.73 -1.13
C VAL F 129 10.18 20.96 -2.04
N ALA F 130 10.20 22.15 -1.47
CA ALA F 130 10.38 23.40 -2.24
C ALA F 130 11.80 23.60 -2.63
N ASN F 131 12.03 24.42 -3.66
CA ASN F 131 13.40 24.79 -3.98
C ASN F 131 14.02 25.70 -2.91
N PHE F 132 15.22 25.32 -2.46
CA PHE F 132 15.93 26.05 -1.43
C PHE F 132 16.17 27.55 -1.76
N GLU F 133 16.75 27.86 -2.92
CA GLU F 133 16.90 29.25 -3.37
C GLU F 133 15.55 30.05 -3.39
N CYS F 134 14.46 29.45 -3.85
CA CYS F 134 13.23 30.16 -4.02
C CYS F 134 12.61 30.38 -2.61
N THR F 135 12.75 29.39 -1.76
CA THR F 135 12.19 29.50 -0.38
C THR F 135 12.92 30.58 0.40
N THR F 136 14.24 30.54 0.25
CA THR F 136 15.12 31.57 0.78
C THR F 136 14.64 32.97 0.40
N ALA F 137 14.32 33.19 -0.89
CA ALA F 137 13.83 34.47 -1.40
C ALA F 137 12.52 34.90 -0.79
N MET F 138 11.60 33.93 -0.63
CA MET F 138 10.31 34.17 0.04
C MET F 138 10.44 34.59 1.50
N VAL F 139 11.32 33.92 2.24
CA VAL F 139 11.61 34.21 3.67
C VAL F 139 12.19 35.64 3.78
N ALA F 140 13.12 35.98 2.87
CA ALA F 140 13.74 37.32 2.84
C ALA F 140 12.71 38.41 2.54
N ALA F 141 11.82 38.14 1.57
CA ALA F 141 10.81 39.09 1.23
C ALA F 141 9.90 39.34 2.47
N CYS F 142 9.53 38.27 3.20
CA CYS F 142 8.85 38.45 4.51
C CYS F 142 9.60 39.34 5.50
N ARG F 143 10.91 39.10 5.66
CA ARG F 143 11.73 39.83 6.65
C ARG F 143 11.78 41.32 6.31
N ASP F 144 12.03 41.61 5.03
CA ASP F 144 11.95 42.99 4.50
C ASP F 144 10.61 43.66 4.84
N ALA F 145 9.54 42.88 4.86
CA ALA F 145 8.21 43.46 5.08
C ALA F 145 7.89 43.48 6.58
N GLY F 146 8.80 42.97 7.40
CA GLY F 146 8.63 43.00 8.84
C GLY F 146 7.53 42.06 9.31
N VAL F 147 7.36 40.93 8.62
CA VAL F 147 6.40 39.88 9.01
C VAL F 147 7.06 38.53 9.22
N GLU F 148 6.44 37.71 10.07
CA GLU F 148 6.92 36.33 10.30
C GLU F 148 6.66 35.48 9.08
N PRO F 149 7.65 34.71 8.62
CA PRO F 149 7.26 33.90 7.45
C PRO F 149 6.56 32.54 7.73
N HIS F 150 6.36 32.19 9.01
CA HIS F 150 5.84 30.87 9.48
C HIS F 150 6.26 29.70 8.61
N ILE F 151 7.55 29.41 8.57
CA ILE F 151 8.05 28.40 7.63
C ILE F 151 7.86 27.00 8.21
N GLY F 152 7.23 26.12 7.43
CA GLY F 152 7.20 24.69 7.80
C GLY F 152 6.44 23.83 6.84
N VAL F 153 5.82 22.78 7.39
CA VAL F 153 5.09 21.78 6.62
C VAL F 153 3.59 22.08 6.47
N THR F 154 3.12 21.88 5.26
CA THR F 154 1.75 22.17 4.87
C THR F 154 1.03 20.88 4.43
N ALA F 155 -0.17 20.60 4.93
CA ALA F 155 -0.95 19.45 4.36
C ALA F 155 -1.66 19.86 3.05
N SER F 156 -1.26 19.27 1.89
CA SER F 156 -1.83 19.68 0.61
C SER F 156 -2.81 18.63 0.07
N SER F 157 -4.11 19.02 0.10
CA SER F 157 -5.21 18.07 -0.01
C SER F 157 -5.94 18.18 -1.35
N ASP F 158 -6.29 17.03 -1.92
CA ASP F 158 -7.10 16.99 -3.17
C ASP F 158 -8.56 17.40 -2.90
N THR F 159 -8.95 17.63 -1.62
CA THR F 159 -10.35 18.10 -1.40
C THR F 159 -10.34 19.27 -0.40
N PHE F 160 -11.38 20.10 -0.46
CA PHE F 160 -11.56 21.23 0.48
C PHE F 160 -12.34 20.72 1.71
N TYR F 161 -13.18 19.71 1.49
CA TYR F 161 -14.05 19.17 2.59
C TYR F 161 -13.52 17.98 3.40
N PRO F 162 -13.72 16.72 2.95
CA PRO F 162 -13.36 15.66 3.88
C PRO F 162 -11.85 15.48 4.07
N GLY F 163 -11.05 15.76 3.03
CA GLY F 163 -9.61 15.63 3.20
C GLY F 163 -8.98 16.68 4.09
N GLN F 164 -9.72 17.74 4.39
CA GLN F 164 -9.33 18.77 5.41
C GLN F 164 -10.22 18.61 6.68
N GLU F 165 -10.84 17.44 6.77
CA GLU F 165 -11.65 17.03 7.95
C GLU F 165 -12.67 18.09 8.34
N ARG F 166 -13.33 18.66 7.33
CA ARG F 166 -14.49 19.54 7.53
C ARG F 166 -15.77 18.69 7.68
N TYR F 167 -16.59 19.00 8.72
CA TYR F 167 -17.78 18.19 9.01
C TYR F 167 -19.13 18.92 8.71
N ASP F 168 -19.09 20.23 8.47
CA ASP F 168 -20.28 21.07 8.16
C ASP F 168 -20.74 20.89 6.70
N THR F 169 -21.05 19.64 6.34
CA THR F 169 -21.25 19.24 4.98
C THR F 169 -22.61 18.55 4.86
N VAL F 170 -23.01 18.15 3.65
CA VAL F 170 -24.28 17.46 3.52
C VAL F 170 -24.38 16.26 4.42
N THR F 171 -23.37 15.37 4.38
CA THR F 171 -23.52 14.07 5.07
C THR F 171 -22.97 14.21 6.48
N GLY F 172 -22.16 15.23 6.70
CA GLY F 172 -21.45 15.37 7.98
C GLY F 172 -20.54 14.21 8.34
N ARG F 173 -20.06 13.44 7.37
CA ARG F 173 -19.12 12.37 7.73
C ARG F 173 -17.85 12.48 6.92
N VAL F 174 -16.82 11.85 7.44
CA VAL F 174 -15.57 11.77 6.74
C VAL F 174 -15.14 10.30 6.73
N THR F 175 -14.62 9.84 5.59
CA THR F 175 -14.12 8.52 5.50
C THR F 175 -12.98 8.23 6.49
N ARG F 176 -12.92 6.98 6.88
CA ARG F 176 -12.04 6.46 7.91
C ARG F 176 -10.62 7.05 7.81
N ARG F 177 -10.00 7.00 6.62
CA ARG F 177 -8.65 7.50 6.41
C ARG F 177 -8.46 8.95 6.93
N PHE F 178 -9.45 9.80 6.76
CA PHE F 178 -9.36 11.20 7.11
C PHE F 178 -10.02 11.52 8.46
N ALA F 179 -10.70 10.52 9.06
CA ALA F 179 -11.29 10.77 10.41
C ALA F 179 -10.13 10.82 11.38
N GLY F 180 -10.01 11.94 12.07
CA GLY F 180 -8.93 12.14 13.06
C GLY F 180 -7.68 12.73 12.45
N SER F 181 -7.73 12.94 11.14
CA SER F 181 -6.50 13.31 10.43
C SER F 181 -5.98 14.71 10.76
N MET F 182 -6.89 15.65 11.00
CA MET F 182 -6.47 17.03 11.34
C MET F 182 -5.67 17.02 12.66
N LYS F 183 -6.16 16.31 13.67
CA LYS F 183 -5.42 16.17 14.95
C LYS F 183 -4.04 15.55 14.74
N GLU F 184 -3.95 14.57 13.83
CA GLU F 184 -2.65 13.93 13.53
C GLU F 184 -1.63 14.93 12.98
N TRP F 185 -2.00 15.70 11.93
CA TRP F 185 -1.11 16.76 11.39
C TRP F 185 -0.77 17.82 12.46
N GLN F 186 -1.79 18.25 13.21
CA GLN F 186 -1.53 19.19 14.30
C GLN F 186 -0.42 18.74 15.24
N ASP F 187 -0.55 17.52 15.74
CA ASP F 187 0.40 16.94 16.66
C ASP F 187 1.78 16.82 15.98
N MET F 188 1.78 16.62 14.67
CA MET F 188 3.07 16.57 13.94
C MET F 188 3.60 17.95 13.56
N GLY F 189 3.01 19.04 14.07
CA GLY F 189 3.51 20.39 13.82
C GLY F 189 3.23 20.96 12.45
N VAL F 190 2.41 20.24 11.66
CA VAL F 190 1.94 20.78 10.38
C VAL F 190 1.16 22.11 10.52
N LEU F 191 1.42 23.06 9.66
CA LEU F 191 0.94 24.45 9.94
C LEU F 191 -0.47 24.74 9.45
N ASN F 192 -0.86 24.08 8.35
CA ASN F 192 -1.95 24.61 7.48
C ASN F 192 -2.30 23.63 6.37
N TYR F 193 -3.47 23.86 5.79
CA TYR F 193 -4.03 23.16 4.61
C TYR F 193 -4.09 24.09 3.43
N GLU F 194 -3.66 23.60 2.25
CA GLU F 194 -4.08 24.21 0.98
C GLU F 194 -4.17 23.09 -0.08
N MET F 195 -4.27 23.44 -1.38
CA MET F 195 -4.71 22.38 -2.36
C MET F 195 -3.84 22.28 -3.61
N GLU F 196 -2.70 22.95 -3.62
CA GLU F 196 -1.81 22.84 -4.83
C GLU F 196 -0.33 22.47 -4.60
N SER F 197 0.21 22.69 -3.40
CA SER F 197 1.67 22.67 -3.27
C SER F 197 2.31 21.26 -3.40
N ALA F 198 1.61 20.17 -3.00
CA ALA F 198 2.20 18.83 -3.10
C ALA F 198 2.43 18.52 -4.59
N THR F 199 1.44 18.78 -5.42
CA THR F 199 1.59 18.50 -6.87
C THR F 199 2.65 19.42 -7.45
N LEU F 200 2.56 20.71 -7.12
CA LEU F 200 3.54 21.68 -7.66
C LEU F 200 4.98 21.27 -7.29
N PHE F 201 5.22 21.02 -6.02
CA PHE F 201 6.57 20.71 -5.57
C PHE F 201 7.12 19.40 -6.13
N THR F 202 6.28 18.37 -6.17
CA THR F 202 6.79 17.06 -6.58
C THR F 202 7.04 17.14 -8.07
N MET F 203 6.14 17.77 -8.78
CA MET F 203 6.40 17.87 -10.22
C MET F 203 7.62 18.74 -10.55
N CYS F 204 7.79 19.91 -9.91
CA CYS F 204 8.96 20.72 -10.22
C CYS F 204 10.27 20.04 -9.82
N ALA F 205 10.29 19.48 -8.62
CA ALA F 205 11.49 18.78 -8.10
C ALA F 205 11.88 17.64 -9.05
N THR F 206 10.90 16.89 -9.55
CA THR F 206 11.29 15.68 -10.33
C THR F 206 11.73 16.06 -11.76
N GLN F 207 11.26 17.22 -12.21
CA GLN F 207 11.43 17.58 -13.63
C GLN F 207 12.50 18.65 -13.83
N GLY F 208 13.13 19.07 -12.75
CA GLY F 208 14.28 19.93 -12.83
C GLY F 208 13.94 21.41 -12.81
N TRP F 209 12.78 21.76 -12.24
CA TRP F 209 12.32 23.16 -12.17
C TRP F 209 12.27 23.64 -10.72
N ARG F 210 12.32 24.97 -10.56
CA ARG F 210 12.24 25.54 -9.21
C ARG F 210 10.85 25.97 -8.80
N ALA F 211 10.48 25.70 -7.55
CA ALA F 211 9.16 26.14 -7.09
C ALA F 211 9.20 26.52 -5.66
N ALA F 212 8.25 27.41 -5.26
CA ALA F 212 8.07 27.71 -3.83
C ALA F 212 6.66 28.17 -3.59
N CYS F 213 6.24 28.42 -2.33
CA CYS F 213 4.78 28.69 -2.16
C CYS F 213 4.66 29.54 -0.93
N VAL F 214 3.98 30.71 -1.07
CA VAL F 214 3.54 31.54 0.07
C VAL F 214 2.03 31.69 0.04
N ALA F 215 1.35 31.67 1.23
CA ALA F 215 -0.07 31.81 1.24
C ALA F 215 -0.54 32.64 2.40
N GLY F 216 -1.62 33.41 2.16
CA GLY F 216 -2.29 34.20 3.21
C GLY F 216 -3.31 33.39 4.00
N VAL F 217 -3.24 33.52 5.32
CA VAL F 217 -4.10 32.72 6.20
C VAL F 217 -5.44 33.41 6.30
N ILE F 218 -6.48 32.75 5.81
CA ILE F 218 -7.86 33.31 5.73
C ILE F 218 -8.84 32.75 6.81
N VAL F 219 -8.44 31.67 7.47
CA VAL F 219 -9.22 30.98 8.52
C VAL F 219 -8.29 30.22 9.45
N ASN F 220 -8.61 30.21 10.76
CA ASN F 220 -7.98 29.27 11.66
C ASN F 220 -8.90 28.12 12.07
N ARG F 221 -8.52 26.89 11.74
CA ARG F 221 -9.37 25.70 11.95
C ARG F 221 -9.56 25.22 13.42
N THR F 222 -8.78 25.79 14.34
CA THR F 222 -8.97 25.56 15.74
C THR F 222 -10.13 26.39 16.23
N GLN F 223 -10.61 27.27 15.37
CA GLN F 223 -11.77 28.12 15.65
C GLN F 223 -13.02 27.81 14.81
N GLN F 224 -12.90 27.61 13.49
CA GLN F 224 -14.06 27.48 12.62
C GLN F 224 -13.63 26.86 11.30
N GLU F 225 -14.59 26.32 10.53
CA GLU F 225 -14.32 25.70 9.22
C GLU F 225 -14.31 26.67 8.05
N ILE F 226 -15.22 27.65 8.05
CA ILE F 226 -15.37 28.55 6.92
C ILE F 226 -14.90 29.97 7.22
N PRO F 227 -14.05 30.55 6.35
CA PRO F 227 -13.44 31.90 6.39
C PRO F 227 -14.47 33.02 6.36
N VAL F 237 -3.26 39.83 -0.53
CA VAL F 237 -2.69 41.17 -0.74
C VAL F 237 -1.32 41.24 -0.05
N SER F 238 -1.28 40.94 1.26
CA SER F 238 -0.01 40.72 1.92
C SER F 238 0.78 39.68 1.13
N ALA F 239 0.18 38.50 0.95
CA ALA F 239 0.82 37.38 0.28
C ALA F 239 1.29 37.81 -1.11
N VAL F 240 0.44 38.54 -1.81
CA VAL F 240 0.75 38.97 -3.18
C VAL F 240 1.90 39.95 -3.21
N SER F 241 1.99 40.86 -2.26
CA SER F 241 3.19 41.75 -2.28
C SER F 241 4.53 41.00 -1.99
N ILE F 242 4.46 39.93 -1.19
CA ILE F 242 5.64 39.13 -0.82
C ILE F 242 6.08 38.32 -2.04
N VAL F 243 5.11 37.74 -2.75
CA VAL F 243 5.57 36.88 -3.88
C VAL F 243 6.16 37.76 -4.96
N VAL F 244 5.63 38.98 -5.14
CA VAL F 244 6.24 39.94 -6.10
C VAL F 244 7.65 40.32 -5.65
N ALA F 245 7.81 40.67 -4.37
CA ALA F 245 9.15 40.95 -3.80
C ALA F 245 10.17 39.80 -4.02
N ALA F 246 9.70 38.57 -3.84
CA ALA F 246 10.54 37.40 -4.03
C ALA F 246 10.98 37.25 -5.49
N ALA F 247 10.02 37.40 -6.42
CA ALA F 247 10.35 37.36 -7.85
C ALA F 247 11.50 38.32 -8.17
N LYS F 248 11.41 39.54 -7.64
CA LYS F 248 12.43 40.54 -7.90
C LYS F 248 13.79 40.10 -7.39
N LYS F 249 13.81 39.54 -6.20
CA LYS F 249 15.06 39.03 -5.61
C LYS F 249 15.65 37.95 -6.52
N LEU F 250 14.83 37.01 -7.01
CA LEU F 250 15.34 35.87 -7.84
C LEU F 250 15.84 36.35 -9.19
N LEU F 251 15.23 37.40 -9.71
CA LEU F 251 15.59 37.95 -11.05
C LEU F 251 16.69 38.97 -11.02
N ALA F 252 16.94 39.58 -9.86
CA ALA F 252 18.01 40.60 -9.75
C ALA F 252 19.37 40.18 -10.30
#